data_6PLU
#
_entry.id   6PLU
#
loop_
_entity.id
_entity.type
_entity.pdbx_description
1 polymer 'Glycine receptor subunit alphaZ1'
2 branched 2-acetamido-2-deoxy-beta-D-glucopyranose-(1-4)-2-acetamido-2-deoxy-beta-D-glucopyranose
3 non-polymer 'GAMMA-AMINO-BUTANOIC ACID'
4 non-polymer 'UNKNOWN LIGAND'
#
_entity_poly.entity_id   1
_entity_poly.type   'polypeptide(L)'
_entity_poly.pdbx_seq_one_letter_code
;MFALGIYLWETIVFFSLAASQQAAARKAASPMPPSEFLDKLMGKVSGYDARIRPNFKGPPVNVTCNIFINSFGSIAETTM
DYRVNIFLRQQWNDPRLAYSEYPDDSLDLDPSMLDSIWKPDLFFANEKGANFHEVTTDNKLLRISKNGNVLYSIRITLVL
ACPMDLKNFPMDVQTCIMQLESFGYTMNDLIFEWDEKGAVQVADGLTLPQFILKEEKDLRYCTKHYNTGKFTCIEARFHL
ERQMGYYLIQMYIPSLLIVILSWVSFWINMDAAPARVGLGITTVLTMTTQSSGSRASLPKVSYVKAIDIWMAVCLLFVFS
ALLEYAAVNFIARQHKELLRFQRRRRHLKEDEAGDGRFSFAAYGMGPACLQAKDGMAIKGNNNNAPTSTNPPEKTVEEMR
KLFISRAKRIDTVSRVAFPLVFLIFNIFYWITYKIIRSEDIHKQLVPRGSHHHHHHHH
;
_entity_poly.pdbx_strand_id   A,B,C,D,E
#
loop_
_chem_comp.id
_chem_comp.type
_chem_comp.name
_chem_comp.formula
ABU non-polymer 'GAMMA-AMINO-BUTANOIC ACID' 'C4 H9 N O2'
NAG D-saccharide, beta linking 2-acetamido-2-deoxy-beta-D-glucopyranose 'C8 H15 N O6'
UNL non-polymer 'UNKNOWN LIGAND' ?
#
# COMPACT_ATOMS: atom_id res chain seq x y z
N PRO A 31 -18.45 51.74 20.99
CA PRO A 31 -17.76 51.76 19.70
C PRO A 31 -18.18 50.62 18.79
N MET A 32 -17.87 50.73 17.51
CA MET A 32 -18.21 49.69 16.56
C MET A 32 -17.34 48.45 16.79
N PRO A 33 -17.87 47.26 16.53
CA PRO A 33 -17.15 46.02 16.85
C PRO A 33 -15.95 45.82 15.94
N PRO A 34 -14.98 44.99 16.33
CA PRO A 34 -13.72 44.91 15.58
C PRO A 34 -13.84 44.34 14.18
N SER A 35 -14.86 43.51 13.92
CA SER A 35 -15.01 43.01 12.57
C SER A 35 -15.49 44.11 11.62
N GLU A 36 -16.21 45.10 12.14
CA GLU A 36 -16.61 46.24 11.33
C GLU A 36 -15.57 47.35 11.30
N PHE A 37 -14.77 47.48 12.36
CA PHE A 37 -13.66 48.43 12.33
C PHE A 37 -12.60 47.97 11.35
N LEU A 38 -12.38 46.67 11.25
CA LEU A 38 -11.35 46.15 10.39
C LEU A 38 -11.81 46.07 8.94
N ASP A 39 -13.12 46.21 8.69
CA ASP A 39 -13.58 46.38 7.32
C ASP A 39 -13.20 47.75 6.78
N LYS A 40 -13.23 48.77 7.63
CA LYS A 40 -12.83 50.10 7.20
C LYS A 40 -11.33 50.23 7.04
N LEU A 41 -10.57 49.32 7.63
CA LEU A 41 -9.13 49.30 7.47
C LEU A 41 -8.68 48.47 6.26
N MET A 42 -9.59 47.71 5.64
CA MET A 42 -9.27 46.94 4.46
C MET A 42 -10.09 47.34 3.23
N GLY A 43 -11.00 48.29 3.35
CA GLY A 43 -11.94 48.58 2.29
C GLY A 43 -11.34 49.39 1.16
N LYS A 44 -12.23 49.84 0.27
CA LYS A 44 -11.81 50.71 -0.83
C LYS A 44 -11.39 52.07 -0.29
N VAL A 45 -12.06 52.56 0.76
CA VAL A 45 -11.56 53.72 1.49
C VAL A 45 -10.26 53.33 2.19
N SER A 46 -9.35 54.30 2.30
CA SER A 46 -7.97 54.25 2.82
C SER A 46 -7.01 53.56 1.88
N GLY A 47 -7.48 52.98 0.78
CA GLY A 47 -6.61 52.52 -0.28
C GLY A 47 -5.76 51.32 0.05
N TYR A 48 -6.27 50.40 0.87
CA TYR A 48 -5.53 49.19 1.16
C TYR A 48 -5.66 48.23 0.01
N ASP A 49 -4.57 47.56 -0.34
CA ASP A 49 -4.58 46.61 -1.45
C ASP A 49 -3.79 45.39 -1.03
N ALA A 50 -4.41 44.23 -1.13
CA ALA A 50 -3.81 42.98 -0.70
C ALA A 50 -2.81 42.42 -1.69
N ARG A 51 -2.55 43.11 -2.79
CA ARG A 51 -1.62 42.64 -3.81
C ARG A 51 -0.31 43.39 -3.78
N ILE A 52 -0.10 44.25 -2.78
CA ILE A 52 1.06 45.10 -2.68
C ILE A 52 1.70 44.87 -1.33
N ARG A 53 3.01 44.61 -1.33
CA ARG A 53 3.72 44.35 -0.10
C ARG A 53 3.82 45.62 0.74
N PRO A 54 4.02 45.49 2.05
CA PRO A 54 4.31 46.67 2.87
C PRO A 54 5.65 47.28 2.51
N ASN A 55 5.77 48.57 2.83
CA ASN A 55 6.96 49.38 2.54
C ASN A 55 7.32 49.33 1.07
N PHE A 56 6.31 49.46 0.22
CA PHE A 56 6.49 49.30 -1.22
C PHE A 56 7.28 50.47 -1.78
N LYS A 57 8.14 50.16 -2.76
CA LYS A 57 9.18 51.05 -3.27
C LYS A 57 10.07 51.56 -2.15
N GLY A 58 10.44 50.67 -1.24
CA GLY A 58 11.27 51.04 -0.12
C GLY A 58 12.16 49.90 0.31
N PRO A 59 12.43 49.80 1.61
CA PRO A 59 13.24 48.70 2.13
C PRO A 59 12.46 47.39 2.05
N PRO A 60 13.13 46.25 2.06
CA PRO A 60 12.41 44.97 1.96
C PRO A 60 11.64 44.65 3.22
N VAL A 61 10.81 43.63 3.11
CA VAL A 61 9.94 43.20 4.20
C VAL A 61 10.67 42.15 5.02
N ASN A 62 10.78 42.39 6.32
CA ASN A 62 11.50 41.50 7.22
C ASN A 62 10.50 40.61 7.94
N VAL A 63 10.29 39.42 7.38
CA VAL A 63 9.44 38.42 7.99
C VAL A 63 10.29 37.58 8.93
N THR A 64 9.82 37.39 10.15
CA THR A 64 10.52 36.57 11.13
C THR A 64 9.67 35.36 11.49
N CYS A 65 10.27 34.17 11.49
CA CYS A 65 9.55 32.92 11.48
C CYS A 65 10.03 32.00 12.59
N ASN A 66 9.12 31.17 13.08
CA ASN A 66 9.46 30.05 13.94
C ASN A 66 8.40 28.98 13.83
N ILE A 67 8.81 27.73 14.02
CA ILE A 67 7.93 26.58 13.86
C ILE A 67 7.76 25.89 15.20
N PHE A 68 6.79 24.99 15.27
CA PHE A 68 6.46 24.25 16.48
C PHE A 68 6.07 22.84 16.07
N ILE A 69 6.96 21.88 16.31
CA ILE A 69 6.76 20.53 15.80
C ILE A 69 5.81 19.78 16.72
N ASN A 70 4.59 19.55 16.23
CA ASN A 70 3.63 18.74 16.99
C ASN A 70 3.97 17.27 16.90
N SER A 71 3.94 16.72 15.69
CA SER A 71 4.26 15.34 15.44
C SER A 71 5.46 15.24 14.54
N PHE A 72 6.13 14.09 14.61
CA PHE A 72 7.35 13.86 13.85
C PHE A 72 7.44 12.36 13.68
N GLY A 73 7.94 11.92 12.55
CA GLY A 73 8.17 10.50 12.42
C GLY A 73 7.67 9.99 11.09
N SER A 74 7.42 8.67 11.08
CA SER A 74 7.24 7.88 9.86
C SER A 74 8.35 8.15 8.85
N ILE A 75 9.58 8.01 9.34
CA ILE A 75 10.76 8.29 8.54
C ILE A 75 11.04 7.08 7.66
N ALA A 76 10.46 7.08 6.46
CA ALA A 76 10.68 5.99 5.51
C ALA A 76 12.05 6.15 4.88
N GLU A 77 12.80 5.06 4.83
CA GLU A 77 14.16 5.11 4.32
C GLU A 77 14.29 4.61 2.89
N THR A 78 13.35 3.79 2.43
CA THR A 78 13.27 3.48 1.00
C THR A 78 12.86 4.72 0.22
N THR A 79 11.82 5.41 0.69
CA THR A 79 11.33 6.61 0.03
C THR A 79 12.23 7.81 0.30
N MET A 80 13.00 7.76 1.39
CA MET A 80 13.85 8.85 1.88
C MET A 80 13.05 10.13 2.09
N ASP A 81 12.07 10.03 2.98
CA ASP A 81 11.28 11.19 3.37
C ASP A 81 10.81 11.00 4.81
N TYR A 82 10.19 12.04 5.35
CA TYR A 82 9.70 11.99 6.72
C TYR A 82 8.53 12.96 6.84
N ARG A 83 7.52 12.55 7.57
CA ARG A 83 6.30 13.35 7.74
C ARG A 83 6.35 14.11 9.06
N VAL A 84 5.99 15.39 9.00
CA VAL A 84 6.05 16.27 10.15
C VAL A 84 4.75 17.06 10.18
N ASN A 85 4.44 17.62 11.35
CA ASN A 85 3.20 18.38 11.55
C ASN A 85 3.56 19.58 12.40
N ILE A 86 3.51 20.77 11.83
CA ILE A 86 4.07 21.96 12.47
C ILE A 86 3.00 23.05 12.60
N PHE A 87 3.33 24.05 13.41
CA PHE A 87 2.66 25.34 13.45
C PHE A 87 3.64 26.36 12.90
N LEU A 88 3.35 26.92 11.73
CA LEU A 88 4.23 27.90 11.11
C LEU A 88 3.78 29.30 11.51
N ARG A 89 4.56 29.97 12.34
CA ARG A 89 4.27 31.33 12.76
C ARG A 89 5.11 32.28 11.94
N GLN A 90 4.49 33.36 11.48
CA GLN A 90 5.17 34.39 10.70
C GLN A 90 4.81 35.74 11.29
N GLN A 91 5.79 36.63 11.38
CA GLN A 91 5.55 37.97 11.89
C GLN A 91 6.20 38.99 10.97
N TRP A 92 5.42 39.97 10.54
CA TRP A 92 5.94 41.09 9.77
C TRP A 92 5.23 42.35 10.25
N ASN A 93 5.57 43.48 9.64
CA ASN A 93 5.05 44.77 10.05
C ASN A 93 4.43 45.43 8.83
N ASP A 94 3.12 45.63 8.87
CA ASP A 94 2.43 46.34 7.80
C ASP A 94 2.04 47.71 8.33
N PRO A 95 2.69 48.79 7.88
CA PRO A 95 2.38 50.13 8.43
C PRO A 95 1.03 50.66 7.99
N ARG A 96 0.40 50.06 7.00
CA ARG A 96 -0.94 50.42 6.59
C ARG A 96 -2.01 49.89 7.52
N LEU A 97 -1.64 49.02 8.46
CA LEU A 97 -2.58 48.46 9.39
C LEU A 97 -2.46 49.07 10.78
N ALA A 98 -1.71 50.15 10.91
CA ALA A 98 -1.60 50.82 12.20
C ALA A 98 -2.88 51.58 12.49
N TYR A 99 -3.45 51.36 13.66
CA TYR A 99 -4.67 52.03 14.08
C TYR A 99 -4.46 52.69 15.43
N SER A 100 -5.26 53.71 15.70
CA SER A 100 -5.24 54.36 17.00
C SER A 100 -6.63 54.71 17.54
N GLU A 101 -7.68 54.64 16.73
CA GLU A 101 -9.00 55.00 17.21
C GLU A 101 -9.57 53.92 18.11
N TYR A 102 -9.47 52.67 17.68
CA TYR A 102 -10.01 51.57 18.46
C TYR A 102 -9.17 51.36 19.71
N PRO A 103 -9.78 51.22 20.88
CA PRO A 103 -9.01 51.33 22.14
C PRO A 103 -8.15 50.13 22.47
N ASP A 104 -8.55 48.92 22.07
CA ASP A 104 -7.84 47.73 22.53
C ASP A 104 -6.62 47.48 21.66
N ASP A 105 -5.88 46.42 21.99
CA ASP A 105 -4.50 46.29 21.54
C ASP A 105 -4.28 45.21 20.50
N SER A 106 -5.28 44.40 20.18
CA SER A 106 -5.13 43.36 19.17
C SER A 106 -6.46 43.10 18.51
N LEU A 107 -6.43 42.83 17.22
CA LEU A 107 -7.62 42.56 16.43
C LEU A 107 -7.43 41.22 15.72
N ASP A 108 -8.14 40.21 16.19
CA ASP A 108 -8.12 38.92 15.51
C ASP A 108 -8.95 38.97 14.24
N LEU A 109 -8.31 38.72 13.11
CA LEU A 109 -9.00 38.62 11.84
C LEU A 109 -9.58 37.22 11.69
N ASP A 110 -10.82 37.13 11.21
CA ASP A 110 -11.45 35.84 11.05
C ASP A 110 -10.85 35.11 9.85
N PRO A 111 -10.68 33.79 9.92
CA PRO A 111 -10.06 33.04 8.82
C PRO A 111 -10.85 33.04 7.52
N SER A 112 -12.13 33.44 7.53
CA SER A 112 -12.82 33.63 6.25
C SER A 112 -12.34 34.88 5.54
N MET A 113 -11.82 35.86 6.27
CA MET A 113 -11.42 37.14 5.71
C MET A 113 -9.90 37.25 5.52
N LEU A 114 -9.20 36.12 5.46
CA LEU A 114 -7.76 36.16 5.28
C LEU A 114 -7.34 36.37 3.84
N ASP A 115 -8.28 36.35 2.90
CA ASP A 115 -7.96 36.56 1.50
C ASP A 115 -7.93 38.04 1.13
N SER A 116 -7.82 38.92 2.11
CA SER A 116 -7.95 40.35 1.88
C SER A 116 -6.80 41.16 2.44
N ILE A 117 -5.79 40.54 3.04
CA ILE A 117 -4.58 41.26 3.43
C ILE A 117 -3.39 40.56 2.82
N TRP A 118 -2.25 41.25 2.87
CA TRP A 118 -1.03 40.74 2.28
C TRP A 118 -0.41 39.69 3.18
N LYS A 119 -0.03 38.57 2.61
CA LYS A 119 0.67 37.52 3.33
C LYS A 119 1.86 37.05 2.51
N PRO A 120 2.96 36.65 3.16
CA PRO A 120 4.14 36.22 2.42
C PRO A 120 3.91 34.88 1.73
N ASP A 121 4.58 34.71 0.60
CA ASP A 121 4.44 33.51 -0.21
C ASP A 121 5.52 32.49 0.13
N LEU A 122 5.52 32.08 1.39
CA LEU A 122 6.48 31.09 1.85
C LEU A 122 6.11 29.72 1.30
N PHE A 123 7.12 28.93 0.99
CA PHE A 123 6.89 27.54 0.64
C PHE A 123 8.11 26.75 1.09
N PHE A 124 8.05 25.45 0.87
CA PHE A 124 9.09 24.54 1.31
C PHE A 124 9.79 23.99 0.08
N ALA A 125 11.12 24.11 0.03
CA ALA A 125 11.84 23.72 -1.16
C ALA A 125 11.95 22.21 -1.34
N ASN A 126 11.51 21.43 -0.37
CA ASN A 126 11.51 19.98 -0.42
C ASN A 126 10.16 19.44 0.06
N GLU A 127 9.09 19.96 -0.54
CA GLU A 127 7.72 19.65 -0.11
C GLU A 127 7.40 18.18 -0.22
N LYS A 128 7.45 17.63 -1.45
CA LYS A 128 6.98 16.29 -1.78
C LYS A 128 5.56 16.06 -1.26
N GLY A 129 4.69 17.01 -1.55
CA GLY A 129 3.33 16.94 -1.06
C GLY A 129 3.15 17.52 0.33
N ALA A 130 2.10 18.31 0.49
CA ALA A 130 1.75 18.95 1.76
C ALA A 130 0.30 19.38 1.67
N ASN A 131 -0.31 19.64 2.82
CA ASN A 131 -1.72 20.03 2.83
C ASN A 131 -2.04 20.84 4.08
N PHE A 132 -3.19 21.49 4.04
CA PHE A 132 -3.70 22.22 5.19
C PHE A 132 -4.62 21.34 6.02
N HIS A 133 -4.92 21.82 7.21
CA HIS A 133 -5.87 21.20 8.12
C HIS A 133 -7.10 22.09 8.21
N GLU A 134 -8.24 21.57 7.78
CA GLU A 134 -9.43 22.39 7.60
C GLU A 134 -10.65 21.83 8.33
N VAL A 135 -10.44 21.07 9.39
CA VAL A 135 -11.54 20.37 10.05
C VAL A 135 -12.10 21.21 11.18
N THR A 136 -13.39 21.51 11.09
CA THR A 136 -14.32 22.27 11.91
C THR A 136 -14.09 23.77 11.76
N THR A 137 -12.98 24.21 11.17
CA THR A 137 -12.57 25.57 10.86
C THR A 137 -11.25 25.42 10.11
N ASP A 138 -10.97 26.31 9.17
CA ASP A 138 -9.62 26.43 8.65
C ASP A 138 -8.68 26.76 9.81
N ASN A 139 -7.71 25.88 10.05
CA ASN A 139 -6.80 26.05 11.19
C ASN A 139 -5.79 27.14 10.87
N LYS A 140 -6.27 28.38 10.97
CA LYS A 140 -5.49 29.56 10.65
C LYS A 140 -5.73 30.57 11.76
N LEU A 141 -4.86 31.56 11.84
CA LEU A 141 -4.88 32.50 12.95
C LEU A 141 -4.15 33.76 12.55
N LEU A 142 -4.76 34.91 12.78
CA LEU A 142 -4.09 36.15 12.47
C LEU A 142 -4.55 37.24 13.43
N ARG A 143 -3.59 38.00 13.93
CA ARG A 143 -3.89 39.10 14.84
C ARG A 143 -2.96 40.26 14.54
N ILE A 144 -3.48 41.47 14.74
CA ILE A 144 -2.82 42.70 14.32
C ILE A 144 -2.68 43.60 15.53
N SER A 145 -1.45 44.03 15.82
CA SER A 145 -1.22 44.94 16.92
C SER A 145 -1.48 46.37 16.50
N LYS A 146 -1.31 47.32 17.43
CA LYS A 146 -1.61 48.71 17.12
C LYS A 146 -0.56 49.33 16.21
N ASN A 147 0.68 48.89 16.31
CA ASN A 147 1.74 49.40 15.45
C ASN A 147 1.87 48.63 14.15
N GLY A 148 0.90 47.80 13.82
CA GLY A 148 0.89 47.11 12.55
C GLY A 148 1.58 45.77 12.54
N ASN A 149 2.00 45.26 13.68
CA ASN A 149 2.64 43.94 13.71
C ASN A 149 1.59 42.87 13.48
N VAL A 150 1.84 41.99 12.52
CA VAL A 150 0.89 40.98 12.11
C VAL A 150 1.47 39.61 12.42
N LEU A 151 0.84 38.89 13.33
CA LEU A 151 1.16 37.49 13.57
C LEU A 151 0.26 36.61 12.72
N TYR A 152 0.83 35.53 12.17
CA TYR A 152 0.06 34.66 11.29
C TYR A 152 0.55 33.23 11.47
N SER A 153 -0.26 32.43 12.17
CA SER A 153 0.06 31.06 12.50
C SER A 153 -0.89 30.12 11.80
N ILE A 154 -0.35 29.08 11.15
CA ILE A 154 -1.13 28.08 10.44
C ILE A 154 -0.57 26.69 10.75
N ARG A 155 -1.42 25.69 10.57
CA ARG A 155 -1.05 24.30 10.82
C ARG A 155 -0.89 23.58 9.48
N ILE A 156 0.28 22.98 9.28
CA ILE A 156 0.66 22.38 8.00
C ILE A 156 1.16 20.97 8.28
N THR A 157 0.80 20.03 7.40
CA THR A 157 1.39 18.70 7.38
C THR A 157 2.28 18.57 6.16
N LEU A 158 3.53 18.18 6.37
CA LEU A 158 4.55 18.14 5.34
C LEU A 158 5.08 16.72 5.21
N VAL A 159 5.48 16.33 4.00
CA VAL A 159 6.20 15.06 3.85
C VAL A 159 7.56 15.38 3.23
N LEU A 160 8.52 15.74 4.05
CA LEU A 160 9.72 16.41 3.59
C LEU A 160 10.77 15.41 3.13
N ALA A 161 11.46 15.73 2.05
CA ALA A 161 12.48 14.85 1.49
C ALA A 161 13.83 15.10 2.14
N CYS A 162 14.55 14.02 2.42
CA CYS A 162 15.91 14.18 2.91
C CYS A 162 16.78 13.01 2.44
N PRO A 163 18.01 13.28 2.02
CA PRO A 163 18.90 12.19 1.59
C PRO A 163 19.48 11.45 2.78
N MET A 164 19.62 10.14 2.62
CA MET A 164 20.04 9.25 3.69
C MET A 164 21.47 8.80 3.42
N ASP A 165 22.40 9.22 4.27
CA ASP A 165 23.77 8.71 4.24
C ASP A 165 23.82 7.48 5.11
N LEU A 166 24.04 6.32 4.50
CA LEU A 166 23.98 5.05 5.20
C LEU A 166 25.29 4.31 5.11
N LYS A 167 26.42 4.99 5.33
CA LYS A 167 27.70 4.31 5.26
C LYS A 167 27.95 3.44 6.47
N ASN A 168 27.35 3.80 7.60
CA ASN A 168 27.42 3.02 8.83
C ASN A 168 26.01 2.95 9.41
N PHE A 169 25.24 1.96 8.94
CA PHE A 169 23.78 2.08 8.96
C PHE A 169 23.15 2.02 10.35
N PRO A 170 23.47 1.07 11.25
CA PRO A 170 22.88 1.17 12.59
C PRO A 170 23.58 2.18 13.48
N MET A 171 24.71 2.73 13.05
CA MET A 171 25.53 3.58 13.89
C MET A 171 25.62 5.00 13.35
N ASP A 172 24.61 5.46 12.62
CA ASP A 172 24.69 6.75 11.96
C ASP A 172 23.89 7.82 12.68
N VAL A 173 24.18 9.07 12.33
CA VAL A 173 23.41 10.22 12.75
C VAL A 173 22.84 10.84 11.49
N GLN A 174 21.55 10.66 11.28
CA GLN A 174 20.89 11.16 10.08
C GLN A 174 20.47 12.62 10.27
N THR A 175 20.88 13.46 9.34
CA THR A 175 20.53 14.87 9.35
C THR A 175 19.52 15.12 8.25
N CYS A 176 18.26 15.33 8.64
CA CYS A 176 17.20 15.66 7.70
C CYS A 176 16.71 17.06 8.00
N ILE A 177 16.60 17.88 6.95
CA ILE A 177 16.40 19.31 7.12
C ILE A 177 15.02 19.72 6.62
N MET A 178 14.71 21.01 6.77
CA MET A 178 13.55 21.62 6.13
C MET A 178 13.87 23.08 5.88
N GLN A 179 13.52 23.56 4.71
CA GLN A 179 13.92 24.89 4.26
C GLN A 179 12.75 25.66 3.69
N LEU A 180 12.72 26.95 3.95
CA LEU A 180 11.55 27.80 3.80
C LEU A 180 11.90 28.94 2.87
N GLU A 181 11.42 28.88 1.63
CA GLU A 181 11.84 29.85 0.63
C GLU A 181 10.72 30.84 0.33
N SER A 182 11.04 31.82 -0.49
CA SER A 182 10.06 32.72 -1.07
C SER A 182 9.92 32.39 -2.55
N PHE A 183 8.69 32.34 -3.04
CA PHE A 183 8.49 31.90 -4.41
C PHE A 183 8.44 33.05 -5.40
N GLY A 184 7.94 34.21 -5.01
CA GLY A 184 7.71 35.25 -5.98
C GLY A 184 8.42 36.56 -5.71
N TYR A 185 8.82 36.78 -4.46
CA TYR A 185 9.52 37.99 -4.09
C TYR A 185 11.01 37.69 -3.92
N THR A 186 11.84 38.57 -4.43
CA THR A 186 13.28 38.34 -4.41
C THR A 186 13.87 38.89 -3.11
N MET A 187 15.20 38.95 -3.05
CA MET A 187 15.87 39.36 -1.82
C MET A 187 15.72 40.85 -1.58
N ASN A 188 15.57 41.64 -2.63
CA ASN A 188 15.36 43.07 -2.46
C ASN A 188 13.91 43.44 -2.17
N ASP A 189 13.05 42.46 -1.92
CA ASP A 189 11.66 42.73 -1.59
C ASP A 189 11.25 42.06 -0.29
N LEU A 190 11.78 40.88 -0.01
CA LEU A 190 11.30 40.09 1.11
C LEU A 190 12.42 39.21 1.64
N ILE A 191 12.67 39.29 2.94
CA ILE A 191 13.77 38.58 3.60
C ILE A 191 13.21 37.77 4.76
N PHE A 192 13.50 36.48 4.78
CA PHE A 192 13.13 35.62 5.89
C PHE A 192 14.24 35.58 6.93
N GLU A 193 13.85 35.54 8.20
CA GLU A 193 14.77 35.38 9.31
C GLU A 193 14.16 34.45 10.34
N TRP A 194 15.01 33.75 11.08
CA TRP A 194 14.53 33.10 12.28
C TRP A 194 14.51 34.11 13.41
N ASP A 195 13.53 33.98 14.30
CA ASP A 195 13.53 34.84 15.47
C ASP A 195 14.55 34.34 16.49
N GLU A 196 15.07 35.27 17.28
CA GLU A 196 16.13 34.95 18.21
C GLU A 196 15.62 34.31 19.49
N LYS A 197 14.30 34.21 19.66
CA LYS A 197 13.70 33.67 20.87
C LYS A 197 13.03 32.34 20.54
N GLY A 198 13.83 31.27 20.52
CA GLY A 198 13.29 29.94 20.31
C GLY A 198 12.75 29.70 18.91
N ALA A 199 13.63 29.60 17.92
CA ALA A 199 13.19 29.52 16.54
C ALA A 199 12.57 28.18 16.20
N VAL A 200 12.88 27.11 16.92
CA VAL A 200 12.22 25.82 16.73
C VAL A 200 11.88 25.29 18.12
N GLN A 201 10.61 25.20 18.43
CA GLN A 201 10.17 24.48 19.61
C GLN A 201 9.66 23.11 19.20
N VAL A 202 9.77 22.17 20.14
CA VAL A 202 9.30 20.80 19.96
C VAL A 202 8.32 20.53 21.09
N ALA A 203 7.24 19.81 20.79
CA ALA A 203 6.27 19.43 21.81
C ALA A 203 6.93 18.56 22.88
N ASP A 204 6.28 18.51 24.04
CA ASP A 204 6.91 17.94 25.23
C ASP A 204 7.05 16.43 25.12
N GLY A 205 5.96 15.74 24.80
CA GLY A 205 6.00 14.29 24.77
C GLY A 205 6.33 13.72 23.40
N LEU A 206 7.16 14.41 22.64
CA LEU A 206 7.46 13.98 21.28
C LEU A 206 8.66 13.06 21.30
N THR A 207 8.40 11.76 21.26
CA THR A 207 9.43 10.75 21.15
C THR A 207 9.25 9.99 19.85
N LEU A 208 10.31 9.30 19.45
CA LEU A 208 10.35 8.56 18.21
C LEU A 208 10.63 7.09 18.48
N PRO A 209 10.08 6.17 17.68
CA PRO A 209 10.33 4.75 17.94
C PRO A 209 11.72 4.30 17.57
N GLN A 210 12.29 4.83 16.50
CA GLN A 210 13.57 4.36 16.00
C GLN A 210 14.70 5.34 16.22
N PHE A 211 14.40 6.58 16.58
CA PHE A 211 15.38 7.65 16.60
C PHE A 211 15.28 8.42 17.90
N ILE A 212 16.25 9.29 18.13
CA ILE A 212 16.14 10.36 19.12
C ILE A 212 16.49 11.65 18.42
N LEU A 213 15.88 12.74 18.88
CA LEU A 213 16.06 14.05 18.28
C LEU A 213 16.94 14.87 19.21
N LYS A 214 18.10 15.28 18.71
CA LYS A 214 19.04 16.02 19.53
C LYS A 214 18.56 17.46 19.72
N GLU A 215 18.92 18.04 20.86
CA GLU A 215 18.34 19.32 21.26
C GLU A 215 18.93 20.49 20.51
N GLU A 216 20.17 20.37 20.04
CA GLU A 216 20.77 21.45 19.26
C GLU A 216 20.29 21.35 17.82
N LYS A 217 19.79 22.46 17.29
CA LYS A 217 19.25 22.50 15.93
C LYS A 217 19.97 23.58 15.16
N ASP A 218 20.60 23.21 14.04
CA ASP A 218 21.42 24.13 13.28
C ASP A 218 20.52 25.03 12.43
N LEU A 219 20.61 26.33 12.66
CA LEU A 219 19.78 27.31 11.97
C LEU A 219 20.71 28.13 11.07
N ARG A 220 20.59 27.96 9.77
CA ARG A 220 21.46 28.67 8.85
C ARG A 220 20.68 29.10 7.62
N TYR A 221 21.36 29.84 6.75
CA TYR A 221 20.79 30.40 5.53
C TYR A 221 21.07 29.50 4.34
N CYS A 222 20.16 29.55 3.37
CA CYS A 222 20.23 28.67 2.20
C CYS A 222 19.85 29.42 0.93
N THR A 223 20.31 30.66 0.81
CA THR A 223 19.84 31.59 -0.23
C THR A 223 20.10 31.08 -1.64
N LYS A 224 19.04 31.00 -2.43
CA LYS A 224 19.07 30.36 -3.74
C LYS A 224 19.30 31.39 -4.83
N HIS A 225 19.93 30.94 -5.91
CA HIS A 225 20.16 31.76 -7.09
C HIS A 225 19.62 31.01 -8.29
N TYR A 226 18.71 31.64 -9.01
CA TYR A 226 18.16 31.09 -10.23
C TYR A 226 18.43 32.05 -11.38
N ASN A 227 17.92 31.72 -12.55
CA ASN A 227 17.96 32.66 -13.66
C ASN A 227 16.91 33.75 -13.53
N THR A 228 15.93 33.56 -12.64
CA THR A 228 14.92 34.58 -12.38
C THR A 228 15.49 35.70 -11.52
N GLY A 229 15.91 35.36 -10.32
CA GLY A 229 16.54 36.33 -9.44
C GLY A 229 17.24 35.55 -8.35
N LYS A 230 17.37 36.17 -7.19
CA LYS A 230 17.83 35.46 -6.00
C LYS A 230 16.75 35.58 -4.94
N PHE A 231 16.49 34.47 -4.26
CA PHE A 231 15.34 34.36 -3.38
C PHE A 231 15.81 34.01 -1.97
N THR A 232 15.07 34.47 -0.99
CA THR A 232 15.47 34.22 0.38
C THR A 232 15.12 32.79 0.77
N CYS A 233 15.80 32.31 1.81
CA CYS A 233 15.71 30.93 2.26
C CYS A 233 16.30 30.85 3.65
N ILE A 234 15.63 30.16 4.55
CA ILE A 234 16.17 29.83 5.85
C ILE A 234 15.89 28.35 6.07
N GLU A 235 16.75 27.69 6.84
CA GLU A 235 16.53 26.27 7.07
C GLU A 235 16.96 25.89 8.46
N ALA A 236 16.58 24.66 8.83
CA ALA A 236 16.81 24.14 10.16
C ALA A 236 17.18 22.67 10.03
N ARG A 237 18.32 22.31 10.60
CA ARG A 237 18.79 20.93 10.57
C ARG A 237 18.30 20.19 11.80
N PHE A 238 17.94 18.93 11.63
CA PHE A 238 17.53 18.07 12.72
C PHE A 238 18.41 16.84 12.73
N HIS A 239 18.99 16.52 13.87
CA HIS A 239 19.89 15.39 13.98
C HIS A 239 19.15 14.24 14.63
N LEU A 240 19.16 13.09 13.96
CA LEU A 240 18.39 11.91 14.36
C LEU A 240 19.35 10.75 14.59
N GLU A 241 19.86 10.64 15.81
CA GLU A 241 20.63 9.46 16.17
C GLU A 241 19.70 8.27 16.35
N ARG A 242 20.11 7.10 15.84
CA ARG A 242 19.26 5.92 15.90
C ARG A 242 19.25 5.31 17.29
N GLN A 243 18.63 4.14 17.37
CA GLN A 243 18.61 3.32 18.57
C GLN A 243 19.28 2.00 18.24
N MET A 244 20.29 1.65 19.02
CA MET A 244 21.04 0.43 18.77
C MET A 244 20.24 -0.82 19.09
N GLY A 245 19.33 -0.72 20.06
CA GLY A 245 18.75 -1.89 20.70
C GLY A 245 17.90 -2.76 19.82
N TYR A 246 17.33 -2.21 18.74
CA TYR A 246 16.53 -3.05 17.86
C TYR A 246 17.40 -3.95 17.01
N TYR A 247 18.45 -3.38 16.41
CA TYR A 247 19.25 -4.13 15.45
C TYR A 247 20.16 -5.15 16.12
N LEU A 248 20.40 -5.01 17.43
CA LEU A 248 21.10 -6.05 18.16
C LEU A 248 20.24 -7.30 18.27
N ILE A 249 18.95 -7.12 18.53
CA ILE A 249 18.07 -8.26 18.79
C ILE A 249 17.81 -9.03 17.50
N GLN A 250 17.56 -8.33 16.39
CA GLN A 250 17.16 -9.05 15.19
C GLN A 250 18.37 -9.57 14.41
N MET A 251 19.45 -8.80 14.33
CA MET A 251 20.51 -9.16 13.39
C MET A 251 21.84 -9.49 14.03
N TYR A 252 22.31 -8.70 15.00
CA TYR A 252 23.67 -8.91 15.50
C TYR A 252 23.75 -10.17 16.36
N ILE A 253 22.83 -10.36 17.29
CA ILE A 253 22.85 -11.51 18.18
C ILE A 253 22.52 -12.83 17.46
N PRO A 254 21.48 -12.96 16.61
CA PRO A 254 21.28 -14.27 15.95
C PRO A 254 22.34 -14.64 14.95
N SER A 255 23.00 -13.66 14.33
CA SER A 255 24.12 -13.99 13.46
C SER A 255 25.34 -14.41 14.28
N LEU A 256 25.45 -13.92 15.51
CA LEU A 256 26.53 -14.31 16.39
C LEU A 256 26.32 -15.70 16.98
N LEU A 257 25.08 -16.18 17.04
CA LEU A 257 24.84 -17.52 17.55
C LEU A 257 25.10 -18.58 16.49
N ILE A 258 24.87 -18.26 15.22
CA ILE A 258 25.11 -19.23 14.15
C ILE A 258 26.60 -19.46 13.97
N VAL A 259 27.41 -18.44 14.24
CA VAL A 259 28.86 -18.59 14.21
C VAL A 259 29.32 -19.50 15.34
N ILE A 260 28.72 -19.35 16.52
CA ILE A 260 29.00 -20.27 17.62
C ILE A 260 28.44 -21.65 17.32
N LEU A 261 27.34 -21.73 16.57
CA LEU A 261 26.75 -23.00 16.17
C LEU A 261 27.64 -23.77 15.20
N SER A 262 28.51 -23.08 14.47
CA SER A 262 29.50 -23.77 13.64
C SER A 262 30.71 -24.19 14.44
N TRP A 263 30.95 -23.57 15.59
CA TRP A 263 32.10 -23.92 16.41
C TRP A 263 31.95 -25.24 17.12
N VAL A 264 30.71 -25.72 17.31
CA VAL A 264 30.52 -27.01 17.97
C VAL A 264 30.74 -28.18 17.03
N SER A 265 31.09 -27.93 15.77
CA SER A 265 31.51 -29.00 14.89
C SER A 265 32.84 -29.59 15.32
N PHE A 266 33.72 -28.78 15.90
CA PHE A 266 35.06 -29.23 16.24
C PHE A 266 35.09 -30.15 17.44
N TRP A 267 34.00 -30.20 18.21
CA TRP A 267 33.89 -31.08 19.36
C TRP A 267 33.13 -32.37 19.01
N ILE A 268 32.86 -32.59 17.74
CA ILE A 268 32.18 -33.78 17.25
C ILE A 268 33.23 -34.67 16.57
N ASN A 269 33.08 -35.99 16.73
CA ASN A 269 34.02 -36.97 16.19
C ASN A 269 34.15 -36.84 14.68
N MET A 270 35.34 -37.14 14.19
CA MET A 270 35.62 -37.01 12.76
C MET A 270 34.96 -38.13 11.96
N ASP A 271 34.78 -39.29 12.57
CA ASP A 271 34.15 -40.41 11.88
C ASP A 271 32.66 -40.20 11.67
N ALA A 272 32.04 -39.32 12.45
CA ALA A 272 30.64 -38.96 12.28
C ALA A 272 30.54 -37.96 11.13
N ALA A 273 30.62 -38.48 9.91
CA ALA A 273 30.66 -37.67 8.70
C ALA A 273 29.38 -36.90 8.40
N PRO A 274 28.15 -37.45 8.53
CA PRO A 274 26.98 -36.56 8.35
C PRO A 274 26.72 -35.63 9.52
N ALA A 275 27.41 -35.81 10.64
CA ALA A 275 27.23 -34.88 11.75
C ALA A 275 28.01 -33.58 11.53
N ARG A 276 29.28 -33.68 11.16
CA ARG A 276 30.07 -32.48 10.96
C ARG A 276 29.76 -31.80 9.64
N VAL A 277 29.41 -32.55 8.60
CA VAL A 277 29.02 -31.92 7.33
C VAL A 277 27.63 -31.33 7.46
N GLY A 278 26.69 -32.09 8.02
CA GLY A 278 25.32 -31.65 8.17
C GLY A 278 25.15 -30.44 9.07
N LEU A 279 26.09 -30.20 9.96
CA LEU A 279 26.12 -28.93 10.69
C LEU A 279 26.66 -27.81 9.81
N GLY A 280 27.72 -28.08 9.06
CA GLY A 280 28.32 -27.07 8.22
C GLY A 280 27.49 -26.68 7.02
N ILE A 281 26.62 -27.58 6.55
CA ILE A 281 25.73 -27.23 5.45
C ILE A 281 24.71 -26.20 5.89
N THR A 282 24.10 -26.42 7.04
CA THR A 282 22.91 -25.67 7.42
C THR A 282 23.26 -24.27 7.91
N THR A 283 24.36 -24.14 8.66
CA THR A 283 24.73 -22.84 9.19
C THR A 283 25.21 -21.89 8.11
N VAL A 284 25.83 -22.41 7.06
CA VAL A 284 26.33 -21.52 6.00
C VAL A 284 25.21 -21.06 5.08
N LEU A 285 24.05 -21.71 5.13
CA LEU A 285 22.93 -21.29 4.31
C LEU A 285 21.83 -20.62 5.09
N THR A 286 21.86 -20.66 6.42
CA THR A 286 21.00 -19.77 7.19
C THR A 286 21.61 -18.38 7.31
N MET A 287 22.93 -18.28 7.24
CA MET A 287 23.55 -16.96 7.23
C MET A 287 23.28 -16.23 5.92
N THR A 288 23.05 -16.97 4.83
CA THR A 288 22.59 -16.34 3.61
C THR A 288 21.15 -15.86 3.76
N THR A 289 20.34 -16.59 4.53
CA THR A 289 18.98 -16.15 4.82
C THR A 289 18.98 -14.94 5.74
N GLN A 290 19.85 -14.95 6.77
CA GLN A 290 19.93 -13.83 7.69
C GLN A 290 20.49 -12.58 7.02
N SER A 291 21.29 -12.74 5.98
CA SER A 291 21.81 -11.59 5.25
C SER A 291 20.83 -11.07 4.20
N SER A 292 20.00 -11.97 3.64
CA SER A 292 18.99 -11.53 2.68
C SER A 292 17.88 -10.77 3.38
N GLY A 293 17.55 -11.14 4.61
CA GLY A 293 16.60 -10.39 5.39
C GLY A 293 17.18 -9.18 6.10
N SER A 294 18.49 -9.00 6.02
CA SER A 294 19.13 -7.85 6.64
C SER A 294 18.89 -6.57 5.87
N ARG A 295 18.54 -6.67 4.59
CA ARG A 295 18.37 -5.52 3.72
C ARG A 295 16.99 -5.55 3.08
N ALA A 296 15.98 -5.94 3.87
CA ALA A 296 14.62 -6.03 3.33
C ALA A 296 13.93 -4.69 3.28
N SER A 297 14.27 -3.78 4.19
CA SER A 297 13.56 -2.51 4.30
C SER A 297 14.51 -1.34 4.09
N LEU A 298 15.34 -1.43 3.07
CA LEU A 298 16.39 -0.44 2.82
C LEU A 298 16.35 0.01 1.38
N PRO A 299 16.87 1.21 1.09
CA PRO A 299 17.14 1.57 -0.30
C PRO A 299 18.27 0.73 -0.86
N LYS A 300 18.29 0.62 -2.18
CA LYS A 300 19.22 -0.27 -2.86
C LYS A 300 20.49 0.51 -3.20
N VAL A 301 21.20 0.90 -2.15
CA VAL A 301 22.42 1.69 -2.29
C VAL A 301 23.55 0.79 -2.78
N SER A 302 24.52 1.41 -3.47
CA SER A 302 25.60 0.64 -4.07
C SER A 302 26.71 0.34 -3.07
N TYR A 303 27.08 1.33 -2.27
CA TYR A 303 28.20 1.21 -1.36
C TYR A 303 27.88 0.23 -0.23
N VAL A 304 28.93 -0.27 0.36
CA VAL A 304 28.81 -1.27 1.43
C VAL A 304 28.67 -0.54 2.76
N LYS A 305 27.77 -1.03 3.59
CA LYS A 305 27.44 -0.41 4.86
C LYS A 305 27.86 -1.32 6.01
N ALA A 306 27.81 -0.78 7.22
CA ALA A 306 28.41 -1.44 8.38
C ALA A 306 27.69 -2.72 8.78
N ILE A 307 26.42 -2.87 8.42
CA ILE A 307 25.76 -4.15 8.64
C ILE A 307 26.13 -5.13 7.54
N ASP A 308 26.56 -4.65 6.38
CA ASP A 308 26.96 -5.57 5.33
C ASP A 308 28.36 -6.10 5.53
N ILE A 309 29.23 -5.34 6.22
CA ILE A 309 30.54 -5.89 6.54
C ILE A 309 30.51 -6.74 7.78
N TRP A 310 29.40 -6.77 8.50
CA TRP A 310 29.22 -7.75 9.57
C TRP A 310 28.72 -9.06 9.01
N MET A 311 27.71 -9.01 8.15
CA MET A 311 27.10 -10.22 7.62
C MET A 311 27.96 -10.89 6.55
N ALA A 312 29.05 -10.26 6.12
CA ALA A 312 29.98 -10.91 5.22
C ALA A 312 31.16 -11.54 5.94
N VAL A 313 31.63 -10.93 7.03
CA VAL A 313 32.68 -11.56 7.81
C VAL A 313 32.12 -12.72 8.62
N CYS A 314 30.91 -12.56 9.16
CA CYS A 314 30.27 -13.67 9.86
C CYS A 314 29.88 -14.78 8.89
N LEU A 315 29.66 -14.46 7.63
CA LEU A 315 29.49 -15.50 6.63
C LEU A 315 30.81 -16.18 6.30
N LEU A 316 31.92 -15.46 6.48
CA LEU A 316 33.23 -16.03 6.19
C LEU A 316 33.65 -17.05 7.24
N PHE A 317 33.23 -16.87 8.49
CA PHE A 317 33.58 -17.85 9.52
C PHE A 317 32.81 -19.15 9.33
N VAL A 318 31.52 -19.09 9.02
CA VAL A 318 30.76 -20.31 8.84
C VAL A 318 31.05 -20.97 7.50
N PHE A 319 31.62 -20.24 6.54
CA PHE A 319 32.05 -20.84 5.29
C PHE A 319 33.41 -21.49 5.44
N SER A 320 34.22 -21.03 6.39
CA SER A 320 35.49 -21.65 6.67
C SER A 320 35.38 -22.80 7.66
N ALA A 321 34.28 -22.88 8.40
CA ALA A 321 34.07 -24.00 9.31
C ALA A 321 33.77 -25.29 8.58
N LEU A 322 33.26 -25.21 7.35
CA LEU A 322 33.08 -26.39 6.53
C LEU A 322 34.30 -26.67 5.67
N LEU A 323 35.07 -25.64 5.34
CA LEU A 323 36.35 -25.84 4.67
C LEU A 323 37.39 -26.45 5.58
N GLU A 324 37.20 -26.36 6.90
CA GLU A 324 38.12 -27.02 7.81
C GLU A 324 37.94 -28.53 7.76
N TYR A 325 36.71 -29.00 7.69
CA TYR A 325 36.47 -30.43 7.61
C TYR A 325 36.83 -30.99 6.24
N ALA A 326 36.81 -30.17 5.19
CA ALA A 326 37.30 -30.61 3.90
C ALA A 326 38.81 -30.84 3.93
N ALA A 327 39.52 -30.18 4.83
CA ALA A 327 40.91 -30.49 5.07
C ALA A 327 41.06 -31.70 5.99
N VAL A 328 40.10 -31.91 6.89
CA VAL A 328 40.14 -33.08 7.75
C VAL A 328 39.85 -34.34 6.95
N ASN A 329 38.77 -34.32 6.16
CA ASN A 329 38.30 -35.50 5.46
C ASN A 329 39.20 -35.88 4.30
N PHE A 330 40.07 -34.98 3.84
CA PHE A 330 41.02 -35.32 2.79
C PHE A 330 42.32 -35.89 3.36
N ILE A 331 42.75 -35.40 4.52
CA ILE A 331 44.00 -35.88 5.10
C ILE A 331 43.78 -37.17 5.87
N ALA A 332 42.64 -37.29 6.56
CA ALA A 332 42.37 -38.51 7.31
C ALA A 332 41.99 -39.69 6.44
N ARG A 333 41.78 -39.49 5.13
CA ARG A 333 41.51 -40.57 4.21
C ARG A 333 42.74 -40.96 3.39
N GLN A 334 43.92 -40.47 3.75
CA GLN A 334 45.13 -40.83 3.04
C GLN A 334 45.61 -42.21 3.44
N HIS A 335 45.99 -43.01 2.44
CA HIS A 335 46.45 -44.37 2.68
C HIS A 335 47.42 -44.82 1.60
N GLU A 398 53.87 -45.63 10.47
CA GLU A 398 52.79 -46.10 9.62
C GLU A 398 52.05 -44.94 8.97
N MET A 399 51.71 -45.10 7.70
CA MET A 399 50.97 -44.08 6.94
C MET A 399 49.56 -43.88 7.47
N ARG A 400 48.99 -44.86 8.18
CA ARG A 400 47.66 -44.72 8.74
C ARG A 400 47.68 -43.87 10.01
N LYS A 401 48.51 -44.25 10.99
CA LYS A 401 48.54 -43.55 12.27
C LYS A 401 49.24 -42.20 12.21
N LEU A 402 49.87 -41.86 11.08
CA LEU A 402 50.50 -40.55 10.93
C LEU A 402 49.47 -39.47 10.63
N PHE A 403 48.73 -39.63 9.52
CA PHE A 403 47.83 -38.59 9.05
C PHE A 403 46.60 -38.44 9.93
N ILE A 404 46.21 -39.47 10.68
CA ILE A 404 45.15 -39.30 11.67
C ILE A 404 45.64 -38.42 12.81
N SER A 405 46.92 -38.57 13.20
CA SER A 405 47.49 -37.69 14.20
C SER A 405 47.71 -36.29 13.65
N ARG A 406 47.89 -36.15 12.34
CA ARG A 406 48.00 -34.83 11.74
C ARG A 406 46.63 -34.16 11.62
N ALA A 407 45.60 -34.92 11.27
CA ALA A 407 44.25 -34.38 11.23
C ALA A 407 43.70 -34.13 12.63
N LYS A 408 44.25 -34.79 13.65
CA LYS A 408 43.94 -34.42 15.01
C LYS A 408 44.58 -33.09 15.38
N ARG A 409 45.74 -32.79 14.78
CA ARG A 409 46.44 -31.56 15.09
C ARG A 409 45.71 -30.33 14.55
N ILE A 410 45.06 -30.47 13.38
CA ILE A 410 44.34 -29.34 12.80
C ILE A 410 43.05 -29.07 13.57
N ASP A 411 42.55 -30.04 14.32
CA ASP A 411 41.35 -29.81 15.13
C ASP A 411 41.69 -29.20 16.49
N THR A 412 42.85 -29.51 17.05
CA THR A 412 43.23 -28.91 18.32
C THR A 412 43.60 -27.45 18.15
N VAL A 413 44.10 -27.06 16.97
CA VAL A 413 44.41 -25.66 16.73
C VAL A 413 43.13 -24.88 16.49
N SER A 414 42.21 -25.43 15.70
CA SER A 414 41.01 -24.71 15.32
C SER A 414 39.99 -24.58 16.44
N ARG A 415 40.10 -25.35 17.52
CA ARG A 415 39.26 -25.10 18.67
C ARG A 415 39.70 -23.87 19.44
N VAL A 416 40.92 -23.40 19.24
CA VAL A 416 41.46 -22.26 19.94
C VAL A 416 41.48 -21.08 18.97
N ALA A 417 41.71 -21.37 17.70
CA ALA A 417 41.97 -20.31 16.73
C ALA A 417 40.70 -19.56 16.37
N PHE A 418 39.64 -20.26 16.00
CA PHE A 418 38.47 -19.60 15.43
C PHE A 418 37.67 -18.73 16.42
N PRO A 419 37.49 -19.08 17.70
CA PRO A 419 36.96 -18.08 18.63
C PRO A 419 37.96 -16.97 18.95
N LEU A 420 39.25 -17.18 18.72
CA LEU A 420 40.21 -16.11 18.97
C LEU A 420 40.22 -15.09 17.83
N VAL A 421 39.98 -15.54 16.60
CA VAL A 421 39.93 -14.61 15.47
C VAL A 421 38.62 -13.85 15.48
N PHE A 422 37.52 -14.50 15.85
CA PHE A 422 36.23 -13.81 15.93
C PHE A 422 36.19 -12.84 17.10
N LEU A 423 36.99 -13.08 18.14
CA LEU A 423 37.02 -12.15 19.26
C LEU A 423 37.79 -10.89 18.89
N ILE A 424 38.91 -11.04 18.17
CA ILE A 424 39.68 -9.86 17.79
C ILE A 424 39.07 -9.14 16.60
N PHE A 425 38.09 -9.75 15.92
CA PHE A 425 37.33 -9.00 14.94
C PHE A 425 36.31 -8.09 15.59
N ASN A 426 35.67 -8.56 16.66
CA ASN A 426 34.70 -7.74 17.38
C ASN A 426 35.37 -6.55 18.06
N ILE A 427 36.64 -6.69 18.42
CA ILE A 427 37.38 -5.54 18.94
C ILE A 427 37.60 -4.52 17.84
N PHE A 428 37.99 -4.97 16.65
CA PHE A 428 38.26 -4.04 15.56
C PHE A 428 36.98 -3.51 14.92
N TYR A 429 35.85 -4.17 15.13
CA TYR A 429 34.60 -3.75 14.52
C TYR A 429 33.87 -2.70 15.36
N TRP A 430 33.68 -2.97 16.65
CA TRP A 430 32.88 -2.07 17.47
C TRP A 430 33.64 -0.82 17.85
N ILE A 431 34.97 -0.87 17.89
CA ILE A 431 35.73 0.34 18.16
C ILE A 431 35.71 1.25 16.94
N THR A 432 35.72 0.68 15.74
CA THR A 432 35.72 1.47 14.51
C THR A 432 34.39 2.22 14.35
N TYR A 433 33.27 1.59 14.72
CA TYR A 433 31.98 2.23 14.64
C TYR A 433 31.53 2.80 15.99
N LYS A 434 32.47 3.09 16.87
CA LYS A 434 32.26 3.95 18.02
C LYS A 434 33.13 5.19 17.96
N ILE A 435 34.32 5.10 17.35
CA ILE A 435 35.16 6.26 17.14
C ILE A 435 34.60 7.16 16.04
N ILE A 436 33.72 6.63 15.18
CA ILE A 436 33.11 7.43 14.13
C ILE A 436 31.68 7.83 14.53
N PRO B 31 -48.06 32.37 9.95
CA PRO B 31 -46.78 33.05 10.14
C PRO B 31 -45.78 32.69 9.06
N MET B 32 -44.72 33.48 8.94
CA MET B 32 -43.69 33.21 7.95
C MET B 32 -42.90 31.97 8.32
N PRO B 33 -42.40 31.22 7.33
CA PRO B 33 -41.74 29.93 7.61
C PRO B 33 -40.40 30.14 8.27
N PRO B 34 -39.86 29.11 8.95
CA PRO B 34 -38.65 29.32 9.77
C PRO B 34 -37.40 29.66 8.98
N SER B 35 -37.30 29.28 7.71
CA SER B 35 -36.14 29.66 6.94
C SER B 35 -36.15 31.14 6.62
N GLU B 36 -37.34 31.75 6.53
CA GLU B 36 -37.44 33.19 6.34
C GLU B 36 -37.42 33.97 7.65
N PHE B 37 -37.89 33.37 8.74
CA PHE B 37 -37.77 34.02 10.04
C PHE B 37 -36.31 34.08 10.47
N LEU B 38 -35.56 33.05 10.15
CA LEU B 38 -34.17 32.98 10.56
C LEU B 38 -33.27 33.81 9.65
N ASP B 39 -33.77 34.22 8.49
CA ASP B 39 -33.03 35.20 7.70
C ASP B 39 -33.06 36.58 8.36
N LYS B 40 -34.18 36.93 8.98
CA LYS B 40 -34.27 38.20 9.68
C LYS B 40 -33.49 38.19 10.99
N LEU B 41 -33.15 37.02 11.50
CA LEU B 41 -32.34 36.91 12.71
C LEU B 41 -30.84 36.87 12.39
N MET B 42 -30.47 36.73 11.11
CA MET B 42 -29.07 36.74 10.70
C MET B 42 -28.72 37.86 9.74
N GLY B 43 -29.68 38.68 9.34
CA GLY B 43 -29.47 39.65 8.28
C GLY B 43 -28.69 40.88 8.72
N LYS B 44 -28.65 41.86 7.82
CA LYS B 44 -28.02 43.14 8.15
C LYS B 44 -28.83 43.88 9.20
N VAL B 45 -30.16 43.76 9.15
CA VAL B 45 -31.00 44.22 10.24
C VAL B 45 -30.73 43.34 11.45
N SER B 46 -30.82 43.95 12.65
CA SER B 46 -30.54 43.43 14.00
C SER B 46 -29.04 43.28 14.26
N GLY B 47 -28.19 43.51 13.27
CA GLY B 47 -26.76 43.62 13.51
C GLY B 47 -26.06 42.35 13.92
N TYR B 48 -26.51 41.21 13.42
CA TYR B 48 -25.82 39.96 13.71
C TYR B 48 -24.58 39.86 12.85
N ASP B 49 -23.50 39.37 13.43
CA ASP B 49 -22.24 39.24 12.72
C ASP B 49 -21.62 37.90 13.09
N ALA B 50 -21.32 37.10 12.09
CA ALA B 50 -20.78 35.76 12.30
C ALA B 50 -19.31 35.75 12.63
N ARG B 51 -18.67 36.91 12.75
CA ARG B 51 -17.25 36.98 13.04
C ARG B 51 -16.98 37.39 14.47
N ILE B 52 -18.02 37.51 15.29
CA ILE B 52 -17.94 38.00 16.66
C ILE B 52 -18.53 36.96 17.58
N ARG B 53 -17.80 36.58 18.61
CA ARG B 53 -18.26 35.57 19.53
C ARG B 53 -19.42 36.10 20.38
N PRO B 54 -20.26 35.23 20.94
CA PRO B 54 -21.26 35.68 21.89
C PRO B 54 -20.63 36.21 23.15
N ASN B 55 -21.39 37.06 23.84
CA ASN B 55 -20.98 37.73 25.08
C ASN B 55 -19.67 38.49 24.89
N PHE B 56 -19.58 39.20 23.79
CA PHE B 56 -18.35 39.87 23.40
C PHE B 56 -18.07 41.04 24.34
N LYS B 57 -16.78 41.23 24.64
CA LYS B 57 -16.30 42.11 25.71
C LYS B 57 -16.96 41.78 27.05
N GLY B 58 -17.06 40.49 27.34
CA GLY B 58 -17.67 40.05 28.56
C GLY B 58 -17.05 38.75 29.05
N PRO B 59 -17.85 37.90 29.68
CA PRO B 59 -17.36 36.61 30.15
C PRO B 59 -17.08 35.69 28.97
N PRO B 60 -16.26 34.67 29.13
CA PRO B 60 -15.93 33.78 28.01
C PRO B 60 -17.11 32.90 27.62
N VAL B 61 -16.96 32.24 26.48
CA VAL B 61 -18.01 31.38 25.94
C VAL B 61 -17.79 29.97 26.46
N ASN B 62 -18.83 29.41 27.06
CA ASN B 62 -18.76 28.08 27.67
C ASN B 62 -19.37 27.08 26.70
N VAL B 63 -18.53 26.46 25.90
CA VAL B 63 -18.93 25.41 24.99
C VAL B 63 -18.85 24.08 25.72
N THR B 64 -19.90 23.29 25.65
CA THR B 64 -19.93 21.98 26.28
C THR B 64 -20.07 20.90 25.21
N CYS B 65 -19.24 19.87 25.31
CA CYS B 65 -19.01 18.94 24.21
C CYS B 65 -19.20 17.50 24.65
N ASN B 66 -19.63 16.67 23.72
CA ASN B 66 -19.60 15.23 23.88
C ASN B 66 -19.54 14.56 22.52
N ILE B 67 -18.92 13.38 22.49
CA ILE B 67 -18.71 12.65 21.24
C ILE B 67 -19.48 11.34 21.29
N PHE B 68 -19.59 10.70 20.14
CA PHE B 68 -20.32 9.45 19.97
C PHE B 68 -19.55 8.60 18.98
N ILE B 69 -18.87 7.57 19.47
CA ILE B 69 -17.98 6.78 18.64
C ILE B 69 -18.78 5.78 17.84
N ASN B 70 -18.89 6.01 16.53
CA ASN B 70 -19.56 5.05 15.65
C ASN B 70 -18.66 3.86 15.37
N SER B 71 -17.52 4.12 14.74
CA SER B 71 -16.55 3.09 14.42
C SER B 71 -15.25 3.38 15.15
N PHE B 72 -14.47 2.33 15.33
CA PHE B 72 -13.21 2.41 16.05
C PHE B 72 -12.35 1.27 15.53
N GLY B 73 -11.07 1.49 15.42
CA GLY B 73 -10.21 0.39 15.05
C GLY B 73 -9.22 0.80 13.99
N SER B 74 -8.73 -0.23 13.29
CA SER B 74 -7.55 -0.16 12.42
C SER B 74 -6.39 0.50 13.16
N ILE B 75 -6.09 -0.04 14.34
CA ILE B 75 -5.05 0.47 15.21
C ILE B 75 -3.71 -0.03 14.71
N ALA B 76 -3.08 0.71 13.82
CA ALA B 76 -1.78 0.34 13.30
C ALA B 76 -0.71 0.66 14.33
N GLU B 77 0.18 -0.29 14.56
CA GLU B 77 1.19 -0.13 15.60
C GLU B 77 2.54 0.26 15.04
N THR B 78 2.82 -0.02 13.77
CA THR B 78 3.99 0.55 13.13
C THR B 78 3.82 2.05 12.97
N THR B 79 2.67 2.48 12.48
CA THR B 79 2.38 3.89 12.28
C THR B 79 2.06 4.59 13.58
N MET B 80 1.64 3.84 14.60
CA MET B 80 1.19 4.33 15.91
C MET B 80 0.06 5.36 15.75
N ASP B 81 -1.04 4.89 15.16
CA ASP B 81 -2.23 5.70 15.02
C ASP B 81 -3.45 4.80 15.02
N TYR B 82 -4.63 5.41 15.05
CA TYR B 82 -5.87 4.66 15.03
C TYR B 82 -6.95 5.52 14.43
N ARG B 83 -7.81 4.91 13.63
CA ARG B 83 -8.87 5.61 12.93
C ARG B 83 -10.18 5.47 13.69
N VAL B 84 -10.90 6.58 13.83
CA VAL B 84 -12.13 6.63 14.59
C VAL B 84 -13.14 7.43 13.76
N ASN B 85 -14.41 7.27 14.07
CA ASN B 85 -15.50 7.92 13.35
C ASN B 85 -16.52 8.35 14.38
N ILE B 86 -16.66 9.67 14.60
CA ILE B 86 -17.40 10.19 15.73
C ILE B 86 -18.51 11.13 15.25
N PHE B 87 -19.42 11.44 16.17
CA PHE B 87 -20.36 12.56 16.07
C PHE B 87 -19.93 13.57 17.12
N LEU B 88 -19.45 14.72 16.69
CA LEU B 88 -19.00 15.76 17.61
C LEU B 88 -20.14 16.73 17.86
N ARG B 89 -20.71 16.69 19.07
CA ARG B 89 -21.77 17.60 19.45
C ARG B 89 -21.19 18.73 20.27
N GLN B 90 -21.62 19.95 19.97
CA GLN B 90 -21.19 21.14 20.69
C GLN B 90 -22.41 21.95 21.07
N GLN B 91 -22.41 22.51 22.27
CA GLN B 91 -23.52 23.32 22.74
C GLN B 91 -22.98 24.59 23.37
N TRP B 92 -23.47 25.73 22.91
CA TRP B 92 -23.15 27.01 23.53
C TRP B 92 -24.41 27.85 23.52
N ASN B 93 -24.31 29.07 24.04
CA ASN B 93 -25.45 29.95 24.20
C ASN B 93 -25.13 31.26 23.50
N ASP B 94 -25.88 31.58 22.46
CA ASP B 94 -25.73 32.84 21.76
C ASP B 94 -26.93 33.71 22.10
N PRO B 95 -26.77 34.76 22.92
CA PRO B 95 -27.93 35.57 23.32
C PRO B 95 -28.49 36.42 22.20
N ARG B 96 -27.78 36.58 21.10
CA ARG B 96 -28.27 37.28 19.93
C ARG B 96 -29.24 36.45 19.12
N LEU B 97 -29.38 35.17 19.43
CA LEU B 97 -30.28 34.30 18.71
C LEU B 97 -31.53 33.99 19.50
N ALA B 98 -31.78 34.69 20.60
CA ALA B 98 -32.99 34.49 21.36
C ALA B 98 -34.16 35.11 20.62
N TYR B 99 -35.22 34.33 20.43
CA TYR B 99 -36.42 34.79 19.75
C TYR B 99 -37.63 34.53 20.62
N SER B 100 -38.68 35.31 20.40
CA SER B 100 -39.95 35.09 21.08
C SER B 100 -41.16 35.24 20.19
N GLU B 101 -41.04 35.79 18.98
CA GLU B 101 -42.19 35.98 18.12
C GLU B 101 -42.66 34.65 17.52
N TYR B 102 -41.72 33.87 17.01
CA TYR B 102 -42.05 32.60 16.39
C TYR B 102 -42.51 31.62 17.47
N PRO B 103 -43.62 30.91 17.27
CA PRO B 103 -44.24 30.18 18.39
C PRO B 103 -43.53 28.90 18.81
N ASP B 104 -42.89 28.21 17.88
CA ASP B 104 -42.34 26.90 18.19
C ASP B 104 -40.99 27.02 18.88
N ASP B 105 -40.41 25.89 19.25
CA ASP B 105 -39.36 25.86 20.24
C ASP B 105 -37.97 25.55 19.70
N SER B 106 -37.84 25.20 18.43
CA SER B 106 -36.54 24.91 17.85
C SER B 106 -36.57 25.24 16.36
N LEU B 107 -35.45 25.77 15.87
CA LEU B 107 -35.30 26.15 14.47
C LEU B 107 -34.08 25.44 13.91
N ASP B 108 -34.31 24.45 13.08
CA ASP B 108 -33.21 23.78 12.40
C ASP B 108 -32.67 24.66 11.28
N LEU B 109 -31.40 25.01 11.37
CA LEU B 109 -30.73 25.75 10.31
C LEU B 109 -30.25 24.76 9.24
N ASP B 110 -30.45 25.12 7.98
CA ASP B 110 -30.04 24.25 6.89
C ASP B 110 -28.52 24.27 6.75
N PRO B 111 -27.90 23.12 6.44
CA PRO B 111 -26.43 23.07 6.34
C PRO B 111 -25.83 23.91 5.21
N SER B 112 -26.63 24.40 4.27
CA SER B 112 -26.09 25.37 3.32
C SER B 112 -25.89 26.73 3.96
N MET B 113 -26.63 27.04 5.01
CA MET B 113 -26.60 28.34 5.64
C MET B 113 -25.79 28.34 6.94
N LEU B 114 -24.89 27.37 7.11
CA LEU B 114 -24.07 27.32 8.32
C LEU B 114 -22.90 28.27 8.28
N ASP B 115 -22.63 28.91 7.15
CA ASP B 115 -21.52 29.83 7.04
C ASP B 115 -21.89 31.24 7.49
N SER B 116 -22.97 31.38 8.24
CA SER B 116 -23.51 32.68 8.57
C SER B 116 -23.75 32.89 10.06
N ILE B 117 -23.44 31.91 10.90
CA ILE B 117 -23.48 32.12 12.35
C ILE B 117 -22.13 31.74 12.93
N TRP B 118 -21.94 32.12 14.18
CA TRP B 118 -20.68 31.90 14.87
C TRP B 118 -20.59 30.45 15.32
N LYS B 119 -19.46 29.81 15.04
CA LYS B 119 -19.20 28.46 15.50
C LYS B 119 -17.81 28.39 16.10
N PRO B 120 -17.60 27.57 17.11
CA PRO B 120 -16.27 27.47 17.73
C PRO B 120 -15.26 26.82 16.82
N ASP B 121 -14.01 27.25 16.96
CA ASP B 121 -12.92 26.74 16.12
C ASP B 121 -12.20 25.58 16.81
N LEU B 122 -12.97 24.53 17.07
CA LEU B 122 -12.40 23.35 17.68
C LEU B 122 -11.54 22.60 16.68
N PHE B 123 -10.47 21.99 17.17
CA PHE B 123 -9.68 21.10 16.33
C PHE B 123 -9.08 20.05 17.25
N PHE B 124 -8.35 19.12 16.65
CA PHE B 124 -7.78 18.00 17.38
C PHE B 124 -6.26 18.16 17.37
N ALA B 125 -5.66 18.12 18.54
CA ALA B 125 -4.22 18.39 18.64
C ALA B 125 -3.36 17.25 18.11
N ASN B 126 -3.96 16.12 17.77
CA ASN B 126 -3.26 14.97 17.21
C ASN B 126 -4.01 14.44 16.00
N GLU B 127 -4.31 15.35 15.06
CA GLU B 127 -5.15 15.03 13.90
C GLU B 127 -4.55 13.93 13.04
N LYS B 128 -3.36 14.17 12.48
CA LYS B 128 -2.71 13.33 11.47
C LYS B 128 -3.70 13.04 10.33
N GLY B 129 -4.31 14.09 9.82
CA GLY B 129 -5.31 13.92 8.78
C GLY B 129 -6.70 13.61 9.29
N ALA B 130 -7.69 14.31 8.73
CA ALA B 130 -9.09 14.14 9.07
C ALA B 130 -9.92 14.74 7.94
N ASN B 131 -11.18 14.37 7.88
CA ASN B 131 -12.05 14.87 6.82
C ASN B 131 -13.49 14.84 7.24
N PHE B 132 -14.33 15.54 6.47
CA PHE B 132 -15.76 15.55 6.67
C PHE B 132 -16.43 14.47 5.82
N HIS B 133 -17.68 14.22 6.14
CA HIS B 133 -18.54 13.32 5.38
C HIS B 133 -19.59 14.15 4.67
N GLU B 134 -19.58 14.11 3.34
CA GLU B 134 -20.39 15.04 2.55
C GLU B 134 -21.26 14.33 1.53
N VAL B 135 -21.63 13.07 1.77
CA VAL B 135 -22.32 12.27 0.78
C VAL B 135 -23.82 12.38 0.99
N THR B 136 -24.50 12.84 -0.06
CA THR B 136 -25.92 13.11 -0.32
C THR B 136 -26.37 14.40 0.39
N THR B 137 -25.60 14.93 1.31
CA THR B 137 -25.78 16.17 2.07
C THR B 137 -24.52 16.29 2.91
N ASP B 138 -24.08 17.53 3.17
CA ASP B 138 -23.10 17.74 4.23
C ASP B 138 -23.67 17.23 5.54
N ASN B 139 -22.99 16.25 6.15
CA ASN B 139 -23.49 15.62 7.37
C ASN B 139 -23.27 16.57 8.54
N LYS B 140 -24.12 17.58 8.62
CA LYS B 140 -24.05 18.61 9.62
C LYS B 140 -25.46 18.83 10.16
N LEU B 141 -25.54 19.48 11.30
CA LEU B 141 -26.82 19.61 12.00
C LEU B 141 -26.74 20.77 12.97
N LEU B 142 -27.73 21.65 12.93
CA LEU B 142 -27.74 22.76 13.87
C LEU B 142 -29.17 23.14 14.20
N ARG B 143 -29.44 23.35 15.48
CA ARG B 143 -30.76 23.77 15.93
C ARG B 143 -30.63 24.75 17.06
N ILE B 144 -31.56 25.69 17.12
CA ILE B 144 -31.48 26.85 18.00
C ILE B 144 -32.74 26.87 18.86
N SER B 145 -32.57 26.89 20.18
CA SER B 145 -33.70 26.97 21.08
C SER B 145 -34.14 28.42 21.23
N LYS B 146 -35.19 28.63 22.04
CA LYS B 146 -35.74 29.98 22.19
C LYS B 146 -34.84 30.86 23.03
N ASN B 147 -34.12 30.29 23.99
CA ASN B 147 -33.19 31.05 24.82
C ASN B 147 -31.81 31.16 24.22
N GLY B 148 -31.64 30.80 22.95
CA GLY B 148 -30.38 30.96 22.27
C GLY B 148 -29.43 29.79 22.37
N ASN B 149 -29.86 28.66 22.92
CA ASN B 149 -28.99 27.50 23.00
C ASN B 149 -28.83 26.90 21.62
N VAL B 150 -27.59 26.71 21.20
CA VAL B 150 -27.27 26.24 19.86
C VAL B 150 -26.60 24.87 19.97
N LEU B 151 -27.26 23.85 19.44
CA LEU B 151 -26.66 22.53 19.29
C LEU B 151 -26.05 22.43 17.91
N TYR B 152 -24.89 21.79 17.82
CA TYR B 152 -24.19 21.69 16.54
C TYR B 152 -23.45 20.35 16.49
N SER B 153 -24.00 19.41 15.73
CA SER B 153 -23.47 18.07 15.62
C SER B 153 -22.97 17.82 14.20
N ILE B 154 -21.75 17.29 14.08
CA ILE B 154 -21.14 16.97 12.80
C ILE B 154 -20.47 15.61 12.87
N ARG B 155 -20.29 14.99 11.71
CA ARG B 155 -19.67 13.68 11.59
C ARG B 155 -18.27 13.84 11.04
N ILE B 156 -17.27 13.32 11.76
CA ILE B 156 -15.87 13.51 11.45
C ILE B 156 -15.19 12.15 11.46
N THR B 157 -14.28 11.93 10.50
CA THR B 157 -13.38 10.78 10.52
C THR B 157 -11.98 11.27 10.85
N LEU B 158 -11.36 10.66 11.85
CA LEU B 158 -10.08 11.08 12.39
C LEU B 158 -9.08 9.94 12.29
N VAL B 159 -7.80 10.26 12.08
CA VAL B 159 -6.77 9.23 12.20
C VAL B 159 -5.81 9.68 13.28
N LEU B 160 -6.13 9.36 14.53
CA LEU B 160 -5.51 10.01 15.68
C LEU B 160 -4.21 9.33 16.05
N ALA B 161 -3.20 10.12 16.42
CA ALA B 161 -1.91 9.60 16.79
C ALA B 161 -1.86 9.25 18.27
N CYS B 162 -1.23 8.13 18.60
CA CYS B 162 -1.02 7.80 20.01
C CYS B 162 0.27 7.02 20.17
N PRO B 163 1.06 7.32 21.20
CA PRO B 163 2.29 6.57 21.42
C PRO B 163 2.01 5.21 22.04
N MET B 164 2.79 4.21 21.63
CA MET B 164 2.59 2.84 22.03
C MET B 164 3.69 2.44 23.00
N ASP B 165 3.30 2.17 24.25
CA ASP B 165 4.20 1.61 25.25
C ASP B 165 4.14 0.10 25.13
N LEU B 166 5.22 -0.51 24.69
CA LEU B 166 5.24 -1.94 24.40
C LEU B 166 6.28 -2.66 25.24
N LYS B 167 6.34 -2.37 26.53
CA LYS B 167 7.32 -3.05 27.37
C LYS B 167 6.91 -4.48 27.67
N ASN B 168 5.61 -4.76 27.65
CA ASN B 168 5.07 -6.10 27.83
C ASN B 168 4.00 -6.31 26.77
N PHE B 169 4.43 -6.75 25.59
CA PHE B 169 3.65 -6.46 24.38
C PHE B 169 2.34 -7.24 24.25
N PRO B 170 2.26 -8.56 24.48
CA PRO B 170 0.92 -9.16 24.44
C PRO B 170 0.13 -8.94 25.72
N MET B 171 0.73 -8.39 26.76
CA MET B 171 0.11 -8.28 28.07
C MET B 171 -0.09 -6.83 28.49
N ASP B 172 -0.22 -5.92 27.55
CA ASP B 172 -0.27 -4.51 27.87
C ASP B 172 -1.68 -3.94 27.80
N VAL B 173 -1.84 -2.78 28.41
CA VAL B 173 -3.05 -1.97 28.30
C VAL B 173 -2.66 -0.69 27.62
N GLN B 174 -3.04 -0.55 26.36
CA GLN B 174 -2.68 0.63 25.57
C GLN B 174 -3.68 1.75 25.81
N THR B 175 -3.17 2.91 26.18
CA THR B 175 -3.99 4.10 26.39
C THR B 175 -3.74 5.06 25.23
N CYS B 176 -4.73 5.18 24.35
CA CYS B 176 -4.69 6.11 23.24
C CYS B 176 -5.78 7.14 23.43
N ILE B 177 -5.42 8.41 23.29
CA ILE B 177 -6.28 9.52 23.70
C ILE B 177 -6.76 10.30 22.49
N MET B 178 -7.59 11.30 22.74
CA MET B 178 -7.95 12.31 21.76
C MET B 178 -8.27 13.59 22.49
N GLN B 179 -7.77 14.71 21.97
CA GLN B 179 -7.85 15.98 22.67
C GLN B 179 -8.33 17.08 21.74
N LEU B 180 -9.13 17.99 22.28
CA LEU B 180 -9.95 18.91 21.52
C LEU B 180 -9.59 20.33 21.94
N GLU B 181 -8.87 21.05 21.10
CA GLU B 181 -8.35 22.35 21.49
C GLU B 181 -9.11 23.46 20.78
N SER B 182 -8.78 24.68 21.15
CA SER B 182 -9.23 25.88 20.44
C SER B 182 -8.03 26.46 19.71
N PHE B 183 -8.23 26.87 18.46
CA PHE B 183 -7.09 27.31 17.66
C PHE B 183 -6.88 28.81 17.73
N GLY B 184 -7.96 29.60 17.84
CA GLY B 184 -7.81 31.03 17.71
C GLY B 184 -8.26 31.84 18.90
N TYR B 185 -9.11 31.27 19.74
CA TYR B 185 -9.61 31.94 20.92
C TYR B 185 -8.89 31.41 22.15
N THR B 186 -8.49 32.31 23.04
CA THR B 186 -7.72 31.92 24.21
C THR B 186 -8.67 31.55 25.35
N MET B 187 -8.11 31.40 26.55
CA MET B 187 -8.90 30.94 27.68
C MET B 187 -9.83 32.04 28.19
N ASN B 188 -9.47 33.29 28.01
CA ASN B 188 -10.33 34.38 28.41
C ASN B 188 -11.42 34.70 27.38
N ASP B 189 -11.57 33.88 26.35
CA ASP B 189 -12.61 34.09 25.35
C ASP B 189 -13.48 32.86 25.18
N LEU B 190 -12.90 31.67 25.30
CA LEU B 190 -13.62 30.45 24.95
C LEU B 190 -13.08 29.30 25.79
N ILE B 191 -13.98 28.58 26.46
CA ILE B 191 -13.63 27.50 27.37
C ILE B 191 -14.41 26.25 26.96
N PHE B 192 -13.69 25.14 26.75
CA PHE B 192 -14.32 23.86 26.47
C PHE B 192 -14.55 23.09 27.77
N GLU B 193 -15.67 22.38 27.83
CA GLU B 193 -15.99 21.51 28.94
C GLU B 193 -16.64 20.24 28.40
N TRP B 194 -16.47 19.14 29.13
CA TRP B 194 -17.31 17.99 28.86
C TRP B 194 -18.63 18.17 29.59
N ASP B 195 -19.71 17.69 29.00
CA ASP B 195 -20.98 17.71 29.69
C ASP B 195 -21.03 16.60 30.73
N GLU B 196 -21.79 16.85 31.79
CA GLU B 196 -21.84 15.90 32.90
C GLU B 196 -22.76 14.73 32.63
N LYS B 197 -23.48 14.72 31.51
CA LYS B 197 -24.43 13.67 31.18
C LYS B 197 -23.90 12.86 30.00
N GLY B 198 -23.02 11.91 30.29
CA GLY B 198 -22.52 11.02 29.27
C GLY B 198 -21.61 11.69 28.25
N ALA B 199 -20.40 12.05 28.66
CA ALA B 199 -19.54 12.83 27.78
C ALA B 199 -18.97 12.02 26.63
N VAL B 200 -18.87 10.70 26.75
CA VAL B 200 -18.47 9.84 25.64
C VAL B 200 -19.43 8.67 25.61
N GLN B 201 -20.24 8.59 24.58
CA GLN B 201 -21.01 7.38 24.31
C GLN B 201 -20.32 6.57 23.23
N VAL B 202 -20.54 5.26 23.29
CA VAL B 202 -20.02 4.31 22.33
C VAL B 202 -21.21 3.57 21.75
N ALA B 203 -21.18 3.29 20.44
CA ALA B 203 -22.24 2.53 19.80
C ALA B 203 -22.34 1.12 20.39
N ASP B 204 -23.50 0.51 20.19
CA ASP B 204 -23.84 -0.72 20.91
C ASP B 204 -23.00 -1.90 20.44
N GLY B 205 -22.96 -2.14 19.14
CA GLY B 205 -22.26 -3.30 18.64
C GLY B 205 -20.82 -3.02 18.26
N LEU B 206 -20.16 -2.13 18.99
CA LEU B 206 -18.80 -1.74 18.63
C LEU B 206 -17.82 -2.65 19.35
N THR B 207 -17.33 -3.65 18.63
CA THR B 207 -16.30 -4.55 19.12
C THR B 207 -15.06 -4.40 18.25
N LEU B 208 -13.94 -4.87 18.78
CA LEU B 208 -12.65 -4.77 18.13
C LEU B 208 -12.05 -6.15 17.93
N PRO B 209 -11.29 -6.36 16.85
CA PRO B 209 -10.74 -7.69 16.62
C PRO B 209 -9.58 -8.04 17.54
N GLN B 210 -8.74 -7.06 17.87
CA GLN B 210 -7.54 -7.33 18.65
C GLN B 210 -7.62 -6.80 20.08
N PHE B 211 -8.59 -5.97 20.39
CA PHE B 211 -8.62 -5.23 21.64
C PHE B 211 -10.00 -5.34 22.27
N ILE B 212 -10.10 -4.89 23.51
CA ILE B 212 -11.38 -4.57 24.13
C ILE B 212 -11.28 -3.17 24.69
N LEU B 213 -12.40 -2.46 24.71
CA LEU B 213 -12.46 -1.08 25.15
C LEU B 213 -13.11 -1.06 26.52
N LYS B 214 -12.37 -0.59 27.52
CA LYS B 214 -12.87 -0.57 28.88
C LYS B 214 -13.89 0.55 29.05
N GLU B 215 -14.85 0.31 29.95
CA GLU B 215 -16.01 1.20 30.05
C GLU B 215 -15.69 2.51 30.75
N GLU B 216 -14.69 2.53 31.63
CA GLU B 216 -14.30 3.76 32.29
C GLU B 216 -13.40 4.57 31.37
N LYS B 217 -13.74 5.83 31.16
CA LYS B 217 -13.00 6.71 30.27
C LYS B 217 -12.56 7.94 31.03
N ASP B 218 -11.26 8.18 31.08
CA ASP B 218 -10.71 9.26 31.88
C ASP B 218 -10.91 10.59 31.14
N LEU B 219 -11.62 11.51 31.78
CA LEU B 219 -11.94 12.80 31.19
C LEU B 219 -11.20 13.86 32.00
N ARG B 220 -10.20 14.48 31.40
CA ARG B 220 -9.41 15.47 32.12
C ARG B 220 -9.05 16.62 31.20
N TYR B 221 -8.40 17.63 31.78
CA TYR B 221 -8.02 18.85 31.09
C TYR B 221 -6.58 18.76 30.60
N CYS B 222 -6.30 19.47 29.51
CA CYS B 222 -4.99 19.41 28.87
C CYS B 222 -4.56 20.79 28.39
N THR B 223 -4.80 21.82 29.21
CA THR B 223 -4.68 23.22 28.80
C THR B 223 -3.26 23.57 28.37
N LYS B 224 -3.13 24.09 27.17
CA LYS B 224 -1.85 24.33 26.52
C LYS B 224 -1.38 25.76 26.73
N HIS B 225 -0.06 25.92 26.76
CA HIS B 225 0.57 27.23 26.88
C HIS B 225 1.55 27.38 25.73
N TYR B 226 1.36 28.41 24.93
CA TYR B 226 2.28 28.74 23.85
C TYR B 226 2.82 30.13 24.07
N ASN B 227 3.61 30.60 23.11
CA ASN B 227 4.05 31.99 23.13
C ASN B 227 2.95 32.93 22.67
N THR B 228 1.90 32.39 22.03
CA THR B 228 0.77 33.20 21.61
C THR B 228 -0.12 33.55 22.81
N GLY B 229 -0.67 32.55 23.45
CA GLY B 229 -1.47 32.73 24.65
C GLY B 229 -1.60 31.40 25.33
N LYS B 230 -2.69 31.22 26.05
CA LYS B 230 -3.05 29.91 26.58
C LYS B 230 -4.42 29.54 26.03
N PHE B 231 -4.55 28.28 25.62
CA PHE B 231 -5.71 27.84 24.88
C PHE B 231 -6.38 26.70 25.62
N THR B 232 -7.69 26.61 25.47
CA THR B 232 -8.41 25.56 26.17
C THR B 232 -8.23 24.23 25.48
N CYS B 233 -8.46 23.17 26.23
CA CYS B 233 -8.23 21.80 25.78
C CYS B 233 -8.94 20.87 26.73
N ILE B 234 -9.64 19.87 26.19
CA ILE B 234 -10.22 18.79 26.96
C ILE B 234 -9.85 17.51 26.24
N GLU B 235 -9.71 16.43 27.00
CA GLU B 235 -9.34 15.18 26.37
C GLU B 235 -10.01 14.01 27.06
N ALA B 236 -9.92 12.86 26.40
CA ALA B 236 -10.57 11.63 26.84
C ALA B 236 -9.63 10.47 26.59
N ARG B 237 -9.34 9.71 27.63
CA ARG B 237 -8.47 8.55 27.52
C ARG B 237 -9.30 7.30 27.23
N PHE B 238 -8.77 6.43 26.40
CA PHE B 238 -9.40 5.17 26.08
C PHE B 238 -8.42 4.05 26.38
N HIS B 239 -8.86 3.07 27.15
CA HIS B 239 -8.01 1.96 27.56
C HIS B 239 -8.32 0.75 26.69
N LEU B 240 -7.29 0.20 26.06
CA LEU B 240 -7.43 -0.88 25.09
C LEU B 240 -6.62 -2.08 25.58
N GLU B 241 -7.24 -2.93 26.38
CA GLU B 241 -6.60 -4.19 26.73
C GLU B 241 -6.64 -5.13 25.54
N ARG B 242 -5.55 -5.85 25.30
CA ARG B 242 -5.46 -6.73 24.15
C ARG B 242 -6.23 -8.02 24.37
N GLN B 243 -6.06 -8.94 23.42
CA GLN B 243 -6.60 -10.28 23.50
C GLN B 243 -5.44 -11.25 23.49
N MET B 244 -5.39 -12.12 24.50
CA MET B 244 -4.27 -13.05 24.62
C MET B 244 -4.33 -14.13 23.56
N GLY B 245 -5.54 -14.50 23.12
CA GLY B 245 -5.78 -15.74 22.41
C GLY B 245 -5.12 -15.83 21.05
N TYR B 246 -4.83 -14.70 20.41
CA TYR B 246 -4.17 -14.78 19.11
C TYR B 246 -2.70 -15.13 19.26
N TYR B 247 -2.02 -14.47 20.18
CA TYR B 247 -0.58 -14.64 20.29
C TYR B 247 -0.18 -15.96 20.92
N LEU B 248 -1.11 -16.61 21.61
CA LEU B 248 -0.86 -17.97 22.07
C LEU B 248 -0.79 -18.94 20.90
N ILE B 249 -1.68 -18.77 19.92
CA ILE B 249 -1.78 -19.72 18.83
C ILE B 249 -0.58 -19.60 17.89
N GLN B 250 -0.18 -18.36 17.57
CA GLN B 250 0.86 -18.21 16.57
C GLN B 250 2.25 -18.34 17.16
N MET B 251 2.49 -17.81 18.37
CA MET B 251 3.86 -17.69 18.84
C MET B 251 4.17 -18.51 20.09
N TYR B 252 3.30 -18.48 21.11
CA TYR B 252 3.67 -19.11 22.37
C TYR B 252 3.63 -20.63 22.27
N ILE B 253 2.57 -21.19 21.70
CA ILE B 253 2.44 -22.64 21.58
C ILE B 253 3.42 -23.25 20.57
N PRO B 254 3.64 -22.74 19.34
CA PRO B 254 4.61 -23.41 18.47
C PRO B 254 6.05 -23.27 18.92
N SER B 255 6.38 -22.20 19.65
CA SER B 255 7.72 -22.12 20.22
C SER B 255 7.87 -23.08 21.39
N LEU B 256 6.78 -23.40 22.07
CA LEU B 256 6.82 -24.36 23.16
C LEU B 256 6.90 -25.79 22.66
N LEU B 257 6.48 -26.06 21.43
CA LEU B 257 6.59 -27.40 20.89
C LEU B 257 7.99 -27.71 20.37
N ILE B 258 8.70 -26.69 19.88
CA ILE B 258 10.05 -26.90 19.37
C ILE B 258 11.00 -27.16 20.53
N VAL B 259 10.72 -26.58 21.70
CA VAL B 259 11.50 -26.89 22.90
C VAL B 259 11.29 -28.34 23.32
N ILE B 260 10.05 -28.81 23.25
CA ILE B 260 9.77 -30.22 23.52
C ILE B 260 10.36 -31.10 22.41
N LEU B 261 10.42 -30.58 21.19
CA LEU B 261 11.03 -31.32 20.08
C LEU B 261 12.52 -31.50 20.25
N SER B 262 13.19 -30.63 21.01
CA SER B 262 14.58 -30.85 21.34
C SER B 262 14.76 -31.80 22.51
N TRP B 263 13.72 -31.99 23.33
CA TRP B 263 13.82 -32.88 24.48
C TRP B 263 13.80 -34.34 24.08
N VAL B 264 13.30 -34.68 22.89
CA VAL B 264 13.29 -36.09 22.47
C VAL B 264 14.63 -36.52 21.91
N SER B 265 15.63 -35.65 21.90
CA SER B 265 16.98 -36.06 21.58
C SER B 265 17.56 -36.96 22.65
N PHE B 266 17.17 -36.74 23.90
CA PHE B 266 17.76 -37.47 25.02
C PHE B 266 17.29 -38.91 25.09
N TRP B 267 16.22 -39.25 24.40
CA TRP B 267 15.70 -40.61 24.35
C TRP B 267 16.18 -41.36 23.10
N ILE B 268 17.10 -40.77 22.36
CA ILE B 268 17.70 -41.38 21.17
C ILE B 268 19.10 -41.84 21.54
N ASN B 269 19.50 -42.98 20.97
CA ASN B 269 20.80 -43.59 21.25
C ASN B 269 21.95 -42.65 20.90
N MET B 270 23.03 -42.76 21.67
CA MET B 270 24.18 -41.88 21.49
C MET B 270 24.97 -42.24 20.24
N ASP B 271 24.96 -43.51 19.85
CA ASP B 271 25.68 -43.94 18.67
C ASP B 271 25.03 -43.47 17.39
N ALA B 272 23.74 -43.11 17.43
CA ALA B 272 23.05 -42.54 16.27
C ALA B 272 23.40 -41.07 16.19
N ALA B 273 24.60 -40.81 15.67
CA ALA B 273 25.16 -39.47 15.60
C ALA B 273 24.42 -38.50 14.66
N PRO B 274 23.99 -38.86 13.44
CA PRO B 274 23.17 -37.89 12.70
C PRO B 274 21.74 -37.76 13.20
N ALA B 275 21.30 -38.64 14.10
CA ALA B 275 19.96 -38.50 14.66
C ALA B 275 19.91 -37.41 15.73
N ARG B 276 20.84 -37.46 16.68
CA ARG B 276 20.83 -36.46 17.75
C ARG B 276 21.36 -35.11 17.30
N VAL B 277 22.32 -35.10 16.36
CA VAL B 277 22.81 -33.82 15.84
C VAL B 277 21.77 -33.22 14.90
N GLY B 278 21.25 -34.04 13.99
CA GLY B 278 20.28 -33.59 13.00
C GLY B 278 18.97 -33.10 13.59
N LEU B 279 18.64 -33.53 14.80
CA LEU B 279 17.54 -32.93 15.53
C LEU B 279 17.94 -31.58 16.13
N GLY B 280 19.14 -31.51 16.70
CA GLY B 280 19.60 -30.28 17.31
C GLY B 280 19.94 -29.17 16.34
N ILE B 281 20.28 -29.52 15.10
CA ILE B 281 20.52 -28.50 14.09
C ILE B 281 19.23 -27.78 13.73
N THR B 282 18.18 -28.55 13.50
CA THR B 282 16.98 -28.00 12.87
C THR B 282 16.15 -27.19 13.85
N THR B 283 16.05 -27.65 15.10
CA THR B 283 15.23 -26.94 16.08
C THR B 283 15.84 -25.62 16.49
N VAL B 284 17.18 -25.51 16.49
CA VAL B 284 17.80 -24.27 16.91
C VAL B 284 17.76 -23.23 15.80
N LEU B 285 17.46 -23.62 14.56
CA LEU B 285 17.35 -22.67 13.48
C LEU B 285 15.93 -22.43 13.02
N THR B 286 14.96 -23.23 13.47
CA THR B 286 13.57 -22.84 13.31
C THR B 286 13.14 -21.86 14.39
N MET B 287 13.77 -21.90 15.56
CA MET B 287 13.49 -20.90 16.58
C MET B 287 14.01 -19.53 16.18
N THR B 288 15.05 -19.48 15.35
CA THR B 288 15.47 -18.22 14.78
C THR B 288 14.46 -17.73 13.75
N THR B 289 13.82 -18.65 13.03
CA THR B 289 12.75 -18.28 12.11
C THR B 289 11.50 -17.84 12.86
N GLN B 290 11.15 -18.53 13.94
CA GLN B 290 9.98 -18.16 14.73
C GLN B 290 10.19 -16.85 15.47
N SER B 291 11.44 -16.48 15.76
CA SER B 291 11.70 -15.19 16.38
C SER B 291 11.79 -14.05 15.37
N SER B 292 12.23 -14.35 14.15
CA SER B 292 12.26 -13.32 13.12
C SER B 292 10.86 -12.95 12.66
N GLY B 293 9.95 -13.92 12.65
CA GLY B 293 8.57 -13.64 12.36
C GLY B 293 7.77 -13.14 13.53
N SER B 294 8.38 -13.11 14.72
CA SER B 294 7.69 -12.62 15.90
C SER B 294 7.58 -11.10 15.91
N ARG B 295 8.41 -10.41 15.15
CA ARG B 295 8.47 -8.96 15.13
C ARG B 295 8.29 -8.44 13.72
N ALA B 296 7.41 -9.07 12.94
CA ALA B 296 7.21 -8.67 11.56
C ALA B 296 6.29 -7.46 11.44
N SER B 297 5.37 -7.29 12.37
CA SER B 297 4.37 -6.24 12.26
C SER B 297 4.45 -5.29 13.45
N LEU B 298 5.65 -4.87 13.80
CA LEU B 298 5.89 -4.07 14.98
C LEU B 298 6.76 -2.86 14.65
N PRO B 299 6.68 -1.81 15.45
CA PRO B 299 7.70 -0.76 15.36
C PRO B 299 9.04 -1.27 15.85
N LYS B 300 10.09 -0.60 15.38
CA LYS B 300 11.45 -1.05 15.64
C LYS B 300 11.95 -0.40 16.93
N VAL B 301 11.32 -0.77 18.03
CA VAL B 301 11.66 -0.20 19.33
C VAL B 301 12.97 -0.79 19.83
N SER B 302 13.67 -0.02 20.66
CA SER B 302 14.99 -0.44 21.11
C SER B 302 14.90 -1.39 22.30
N TYR B 303 14.03 -1.09 23.26
CA TYR B 303 13.93 -1.85 24.49
C TYR B 303 13.39 -3.25 24.22
N VAL B 304 13.67 -4.14 25.14
CA VAL B 304 13.25 -5.53 25.02
C VAL B 304 11.86 -5.68 25.60
N LYS B 305 11.02 -6.45 24.91
CA LYS B 305 9.62 -6.62 25.27
C LYS B 305 9.38 -8.06 25.69
N ALA B 306 8.19 -8.32 26.24
CA ALA B 306 7.92 -9.59 26.90
C ALA B 306 7.84 -10.77 25.94
N ILE B 307 7.57 -10.52 24.66
CA ILE B 307 7.67 -11.60 23.69
C ILE B 307 9.12 -11.81 23.28
N ASP B 308 9.98 -10.82 23.45
CA ASP B 308 11.39 -11.00 23.11
C ASP B 308 12.14 -11.74 24.20
N ILE B 309 11.70 -11.63 25.45
CA ILE B 309 12.32 -12.42 26.51
C ILE B 309 11.76 -13.82 26.58
N TRP B 310 10.70 -14.11 25.83
CA TRP B 310 10.25 -15.49 25.67
C TRP B 310 11.03 -16.18 24.57
N MET B 311 11.17 -15.51 23.42
CA MET B 311 11.84 -16.11 22.27
C MET B 311 13.34 -16.15 22.42
N ALA B 312 13.91 -15.54 23.45
CA ALA B 312 15.33 -15.67 23.73
C ALA B 312 15.63 -16.74 24.76
N VAL B 313 14.77 -16.93 25.75
CA VAL B 313 14.96 -18.02 26.70
C VAL B 313 14.61 -19.35 26.05
N CYS B 314 13.55 -19.38 25.23
CA CYS B 314 13.22 -20.59 24.49
C CYS B 314 14.27 -20.91 23.42
N LEU B 315 14.97 -19.88 22.93
CA LEU B 315 16.11 -20.14 22.07
C LEU B 315 17.29 -20.68 22.87
N LEU B 316 17.37 -20.34 24.16
CA LEU B 316 18.47 -20.80 24.99
C LEU B 316 18.35 -22.28 25.32
N PHE B 317 17.12 -22.79 25.43
CA PHE B 317 16.95 -24.22 25.71
C PHE B 317 17.33 -25.07 24.50
N VAL B 318 16.91 -24.67 23.30
CA VAL B 318 17.24 -25.47 22.14
C VAL B 318 18.68 -25.27 21.71
N PHE B 319 19.34 -24.21 22.15
CA PHE B 319 20.76 -24.05 21.89
C PHE B 319 21.60 -24.83 22.88
N SER B 320 21.06 -25.09 24.06
CA SER B 320 21.74 -25.92 25.04
C SER B 320 21.46 -27.41 24.84
N ALA B 321 20.42 -27.75 24.10
CA ALA B 321 20.13 -29.16 23.82
C ALA B 321 21.13 -29.74 22.83
N LEU B 322 21.77 -28.92 22.00
CA LEU B 322 22.84 -29.38 21.14
C LEU B 322 24.20 -29.27 21.82
N LEU B 323 24.35 -28.34 22.76
CA LEU B 323 25.55 -28.29 23.57
C LEU B 323 25.64 -29.44 24.55
N GLU B 324 24.52 -30.09 24.86
CA GLU B 324 24.58 -31.27 25.72
C GLU B 324 25.21 -32.44 24.99
N TYR B 325 24.88 -32.62 23.71
CA TYR B 325 25.48 -33.71 22.95
C TYR B 325 26.94 -33.43 22.62
N ALA B 326 27.33 -32.16 22.55
CA ALA B 326 28.75 -31.85 22.39
C ALA B 326 29.56 -32.25 23.62
N ALA B 327 28.91 -32.30 24.78
CA ALA B 327 29.55 -32.88 25.96
C ALA B 327 29.47 -34.40 25.95
N VAL B 328 28.43 -34.96 25.33
CA VAL B 328 28.32 -36.42 25.21
C VAL B 328 29.36 -36.94 24.23
N ASN B 329 29.43 -36.33 23.05
CA ASN B 329 30.27 -36.83 21.97
C ASN B 329 31.75 -36.59 22.22
N PHE B 330 32.10 -35.72 23.16
CA PHE B 330 33.49 -35.51 23.53
C PHE B 330 33.94 -36.46 24.62
N ILE B 331 33.06 -36.79 25.57
CA ILE B 331 33.43 -37.67 26.67
C ILE B 331 33.34 -39.12 26.25
N ALA B 332 32.34 -39.48 25.45
CA ALA B 332 32.17 -40.86 25.00
C ALA B 332 33.20 -41.27 23.95
N ARG B 333 33.99 -40.33 23.42
CA ARG B 333 35.04 -40.64 22.48
C ARG B 333 36.42 -40.65 23.12
N GLN B 334 36.48 -40.62 24.46
CA GLN B 334 37.76 -40.65 25.14
C GLN B 334 38.33 -42.07 25.18
N HIS B 335 39.61 -42.19 24.89
CA HIS B 335 40.27 -43.49 24.87
C HIS B 335 41.76 -43.36 25.19
N GLU B 398 38.53 -49.91 33.41
CA GLU B 398 38.87 -49.67 32.02
C GLU B 398 38.48 -48.26 31.60
N MET B 399 39.34 -47.62 30.81
CA MET B 399 39.09 -46.27 30.31
C MET B 399 37.92 -46.22 29.33
N ARG B 400 37.58 -47.35 28.71
CA ARG B 400 36.44 -47.38 27.78
C ARG B 400 35.12 -47.42 28.53
N LYS B 401 34.95 -48.38 29.44
CA LYS B 401 33.68 -48.56 30.14
C LYS B 401 33.46 -47.51 31.23
N LEU B 402 34.45 -46.67 31.53
CA LEU B 402 34.27 -45.61 32.51
C LEU B 402 33.51 -44.43 31.91
N PHE B 403 34.06 -43.83 30.85
CA PHE B 403 33.52 -42.60 30.29
C PHE B 403 32.19 -42.83 29.58
N ILE B 404 31.91 -44.04 29.11
CA ILE B 404 30.59 -44.34 28.58
C ILE B 404 29.57 -44.34 29.69
N SER B 405 29.96 -44.83 30.87
CA SER B 405 29.08 -44.77 32.03
C SER B 405 28.95 -43.34 32.56
N ARG B 406 29.97 -42.50 32.33
CA ARG B 406 29.87 -41.10 32.72
C ARG B 406 29.00 -40.32 31.74
N ALA B 407 29.13 -40.61 30.44
CA ALA B 407 28.27 -39.98 29.46
C ALA B 407 26.84 -40.50 29.54
N LYS B 408 26.63 -41.70 30.09
CA LYS B 408 25.28 -42.13 30.42
C LYS B 408 24.72 -41.34 31.59
N ARG B 409 25.58 -40.89 32.51
CA ARG B 409 25.13 -40.17 33.68
C ARG B 409 24.63 -38.77 33.31
N ILE B 410 25.27 -38.13 32.31
CA ILE B 410 24.84 -36.80 31.92
C ILE B 410 23.52 -36.84 31.14
N ASP B 411 23.15 -37.99 30.59
CA ASP B 411 21.88 -38.12 29.91
C ASP B 411 20.73 -38.43 30.87
N THR B 412 21.01 -39.17 31.96
CA THR B 412 19.96 -39.45 32.93
C THR B 412 19.61 -38.21 33.73
N VAL B 413 20.55 -37.30 33.93
CA VAL B 413 20.25 -36.06 34.63
C VAL B 413 19.46 -35.12 33.72
N SER B 414 19.86 -35.01 32.45
CA SER B 414 19.25 -34.04 31.55
C SER B 414 17.87 -34.44 31.09
N ARG B 415 17.46 -35.70 31.26
CA ARG B 415 16.07 -36.04 31.00
C ARG B 415 15.14 -35.55 32.09
N VAL B 416 15.68 -35.21 33.25
CA VAL B 416 14.88 -34.74 34.38
C VAL B 416 15.08 -33.25 34.51
N ALA B 417 16.29 -32.78 34.18
CA ALA B 417 16.66 -31.40 34.47
C ALA B 417 15.98 -30.41 33.54
N PHE B 418 16.07 -30.65 32.23
CA PHE B 418 15.64 -29.63 31.27
C PHE B 418 14.13 -29.39 31.22
N PRO B 419 13.23 -30.39 31.36
CA PRO B 419 11.82 -30.03 31.58
C PRO B 419 11.55 -29.44 32.96
N LEU B 420 12.43 -29.64 33.93
CA LEU B 420 12.23 -29.04 35.24
C LEU B 420 12.62 -27.57 35.25
N VAL B 421 13.65 -27.20 34.47
CA VAL B 421 14.05 -25.80 34.39
C VAL B 421 13.07 -25.01 33.53
N PHE B 422 12.56 -25.62 32.46
CA PHE B 422 11.57 -24.94 31.63
C PHE B 422 10.23 -24.81 32.34
N LEU B 423 9.94 -25.71 33.28
CA LEU B 423 8.69 -25.58 34.02
C LEU B 423 8.77 -24.46 35.04
N ILE B 424 9.91 -24.31 35.72
CA ILE B 424 10.03 -23.22 36.69
C ILE B 424 10.30 -21.89 36.03
N PHE B 425 10.63 -21.87 34.74
CA PHE B 425 10.67 -20.61 34.03
C PHE B 425 9.27 -20.11 33.69
N ASN B 426 8.37 -21.02 33.32
CA ASN B 426 7.00 -20.63 33.01
C ASN B 426 6.26 -20.14 34.26
N ILE B 427 6.67 -20.62 35.43
CA ILE B 427 6.11 -20.09 36.66
C ILE B 427 6.58 -18.66 36.87
N PHE B 428 7.86 -18.40 36.66
CA PHE B 428 8.38 -17.06 36.86
C PHE B 428 8.02 -16.10 35.74
N TYR B 429 7.61 -16.61 34.58
CA TYR B 429 7.29 -15.75 33.45
C TYR B 429 5.84 -15.29 33.49
N TRP B 430 4.90 -16.22 33.64
CA TRP B 430 3.50 -15.86 33.54
C TRP B 430 3.00 -15.16 34.79
N ILE B 431 3.63 -15.39 35.95
CA ILE B 431 3.25 -14.66 37.14
C ILE B 431 3.74 -13.22 37.06
N THR B 432 4.91 -13.00 36.46
CA THR B 432 5.46 -11.66 36.35
C THR B 432 4.62 -10.79 35.41
N TYR B 433 4.09 -11.37 34.34
CA TYR B 433 3.24 -10.64 33.42
C TYR B 433 1.75 -10.88 33.68
N LYS B 434 1.41 -11.27 34.90
CA LYS B 434 0.06 -11.20 35.42
C LYS B 434 -0.05 -10.27 36.61
N ILE B 435 1.02 -10.15 37.40
CA ILE B 435 1.05 -9.20 38.50
C ILE B 435 1.21 -7.77 37.97
N ILE B 436 1.67 -7.60 36.74
CA ILE B 436 1.81 -6.28 36.14
C ILE B 436 0.64 -5.99 35.21
N PRO C 31 -45.12 26.76 -26.57
CA PRO C 31 -44.95 27.04 -25.14
C PRO C 31 -43.50 27.24 -24.76
N MET C 32 -43.27 27.80 -23.58
CA MET C 32 -41.90 28.02 -23.12
C MET C 32 -41.24 26.69 -22.77
N PRO C 33 -39.93 26.59 -22.94
CA PRO C 33 -39.24 25.30 -22.74
C PRO C 33 -39.18 24.92 -21.28
N PRO C 34 -38.97 23.64 -20.96
CA PRO C 34 -39.10 23.18 -19.57
C PRO C 34 -38.07 23.75 -18.62
N SER C 35 -36.89 24.14 -19.09
CA SER C 35 -35.92 24.74 -18.19
C SER C 35 -36.37 26.13 -17.76
N GLU C 36 -37.14 26.83 -18.59
CA GLU C 36 -37.69 28.12 -18.22
C GLU C 36 -39.02 28.01 -17.49
N PHE C 37 -39.80 26.96 -17.76
CA PHE C 37 -41.02 26.73 -16.98
C PHE C 37 -40.67 26.35 -15.56
N LEU C 38 -39.60 25.59 -15.39
CA LEU C 38 -39.22 25.13 -14.06
C LEU C 38 -38.48 26.20 -13.28
N ASP C 39 -38.04 27.26 -13.93
CA ASP C 39 -37.53 28.42 -13.20
C ASP C 39 -38.65 29.16 -12.50
N LYS C 40 -39.82 29.23 -13.14
CA LYS C 40 -40.97 29.88 -12.52
C LYS C 40 -41.57 29.02 -11.41
N LEU C 41 -41.28 27.73 -11.38
CA LEU C 41 -41.74 26.86 -10.31
C LEU C 41 -40.77 26.82 -9.14
N MET C 42 -39.56 27.39 -9.29
CA MET C 42 -38.59 27.44 -8.20
C MET C 42 -38.22 28.85 -7.81
N GLY C 43 -38.74 29.88 -8.46
CA GLY C 43 -38.28 31.23 -8.28
C GLY C 43 -38.80 31.88 -7.00
N LYS C 44 -38.54 33.18 -6.90
CA LYS C 44 -39.07 33.96 -5.77
C LYS C 44 -40.58 34.06 -5.86
N VAL C 45 -41.12 34.16 -7.08
CA VAL C 45 -42.56 34.02 -7.28
C VAL C 45 -42.95 32.58 -6.96
N SER C 46 -44.16 32.40 -6.43
CA SER C 46 -44.81 31.18 -5.92
C SER C 46 -44.23 30.71 -4.60
N GLY C 47 -43.18 31.36 -4.09
CA GLY C 47 -42.73 31.13 -2.73
C GLY C 47 -42.11 29.78 -2.46
N TYR C 48 -41.43 29.19 -3.44
CA TYR C 48 -40.77 27.92 -3.20
C TYR C 48 -39.48 28.17 -2.44
N ASP C 49 -39.18 27.31 -1.49
CA ASP C 49 -37.99 27.45 -0.68
C ASP C 49 -37.36 26.07 -0.51
N ALA C 50 -36.09 25.95 -0.88
CA ALA C 50 -35.40 24.67 -0.83
C ALA C 50 -34.94 24.29 0.56
N ARG C 51 -35.25 25.07 1.58
CA ARG C 51 -34.81 24.79 2.93
C ARG C 51 -35.96 24.27 3.79
N ILE C 52 -37.12 24.03 3.19
CA ILE C 52 -38.33 23.64 3.90
C ILE C 52 -38.83 22.35 3.30
N ARG C 53 -39.09 21.36 4.15
CA ARG C 53 -39.56 20.07 3.67
C ARG C 53 -40.99 20.18 3.14
N PRO C 54 -41.40 19.26 2.28
CA PRO C 54 -42.80 19.21 1.88
C PRO C 54 -43.69 18.83 3.04
N ASN C 55 -44.97 19.22 2.92
CA ASN C 55 -46.00 19.02 3.93
C ASN C 55 -45.58 19.57 5.28
N PHE C 56 -45.02 20.78 5.26
CA PHE C 56 -44.45 21.37 6.46
C PHE C 56 -45.55 21.75 7.45
N LYS C 57 -45.26 21.56 8.74
CA LYS C 57 -46.23 21.61 9.82
C LYS C 57 -47.40 20.66 9.57
N GLY C 58 -47.08 19.46 9.10
CA GLY C 58 -48.09 18.48 8.81
C GLY C 58 -47.59 17.07 9.04
N PRO C 59 -48.04 16.13 8.23
CA PRO C 59 -47.58 14.75 8.34
C PRO C 59 -46.14 14.64 7.85
N PRO C 60 -45.41 13.61 8.24
CA PRO C 60 -44.01 13.50 7.83
C PRO C 60 -43.88 13.14 6.36
N VAL C 61 -42.66 13.24 5.86
CA VAL C 61 -42.35 12.99 4.46
C VAL C 61 -42.00 11.53 4.29
N ASN C 62 -42.70 10.85 3.39
CA ASN C 62 -42.51 9.42 3.16
C ASN C 62 -41.63 9.23 1.94
N VAL C 63 -40.34 9.08 2.18
CA VAL C 63 -39.36 8.80 1.14
C VAL C 63 -39.28 7.30 0.97
N THR C 64 -39.38 6.82 -0.27
CA THR C 64 -39.27 5.41 -0.57
C THR C 64 -38.04 5.16 -1.44
N CYS C 65 -37.25 4.16 -1.06
CA CYS C 65 -35.89 4.01 -1.56
C CYS C 65 -35.67 2.62 -2.11
N ASN C 66 -34.79 2.52 -3.11
CA ASN C 66 -34.25 1.25 -3.57
C ASN C 66 -32.88 1.48 -4.20
N ILE C 67 -32.03 0.47 -4.11
CA ILE C 67 -30.66 0.55 -4.59
C ILE C 67 -30.47 -0.44 -5.73
N PHE C 68 -29.37 -0.28 -6.44
CA PHE C 68 -29.03 -1.11 -7.60
C PHE C 68 -27.54 -1.34 -7.58
N ILE C 69 -27.10 -2.54 -7.20
CA ILE C 69 -25.70 -2.82 -6.98
C ILE C 69 -25.02 -3.08 -8.33
N ASN C 70 -24.20 -2.12 -8.77
CA ASN C 70 -23.42 -2.31 -9.98
C ASN C 70 -22.24 -3.23 -9.73
N SER C 71 -21.33 -2.82 -8.85
CA SER C 71 -20.17 -3.60 -8.50
C SER C 71 -20.22 -3.94 -7.02
N PHE C 72 -19.51 -4.99 -6.66
CA PHE C 72 -19.48 -5.50 -5.31
C PHE C 72 -18.17 -6.24 -5.16
N GLY C 73 -17.57 -6.16 -3.98
CA GLY C 73 -16.39 -6.95 -3.77
C GLY C 73 -15.30 -6.15 -3.11
N SER C 74 -14.07 -6.65 -3.30
CA SER C 74 -12.89 -6.25 -2.53
C SER C 74 -13.19 -6.28 -1.03
N ILE C 75 -13.69 -7.43 -0.59
CA ILE C 75 -14.08 -7.64 0.79
C ILE C 75 -12.83 -7.94 1.60
N ALA C 76 -12.20 -6.90 2.14
CA ALA C 76 -11.02 -7.07 2.96
C ALA C 76 -11.43 -7.54 4.35
N GLU C 77 -10.76 -8.56 4.85
CA GLU C 77 -11.12 -9.15 6.13
C GLU C 77 -10.24 -8.69 7.27
N THR C 78 -9.02 -8.23 6.98
CA THR C 78 -8.23 -7.55 7.99
C THR C 78 -8.88 -6.22 8.35
N THR C 79 -9.25 -5.45 7.34
CA THR C 79 -9.87 -4.14 7.55
C THR C 79 -11.33 -4.28 7.97
N MET C 80 -11.96 -5.42 7.64
CA MET C 80 -13.38 -5.70 7.87
C MET C 80 -14.26 -4.64 7.22
N ASP C 81 -14.13 -4.53 5.90
CA ASP C 81 -14.97 -3.65 5.11
C ASP C 81 -15.13 -4.23 3.72
N TYR C 82 -15.99 -3.59 2.93
CA TYR C 82 -16.24 -4.04 1.57
C TYR C 82 -16.69 -2.85 0.74
N ARG C 83 -16.22 -2.79 -0.49
CA ARG C 83 -16.52 -1.69 -1.39
C ARG C 83 -17.66 -2.07 -2.32
N VAL C 84 -18.60 -1.14 -2.49
CA VAL C 84 -19.79 -1.38 -3.29
C VAL C 84 -20.00 -0.13 -4.15
N ASN C 85 -20.77 -0.28 -5.22
CA ASN C 85 -21.04 0.80 -6.16
C ASN C 85 -22.51 0.70 -6.54
N ILE C 86 -23.33 1.66 -6.10
CA ILE C 86 -24.78 1.54 -6.19
C ILE C 86 -25.36 2.71 -6.96
N PHE C 87 -26.63 2.56 -7.33
CA PHE C 87 -27.51 3.64 -7.77
C PHE C 87 -28.57 3.81 -6.68
N LEU C 88 -28.53 4.92 -5.97
CA LEU C 88 -29.48 5.19 -4.90
C LEU C 88 -30.66 5.98 -5.46
N ARG C 89 -31.81 5.34 -5.56
CA ARG C 89 -33.02 5.98 -6.04
C ARG C 89 -33.87 6.37 -4.83
N GLN C 90 -34.41 7.58 -4.86
CA GLN C 90 -35.27 8.08 -3.81
C GLN C 90 -36.51 8.68 -4.45
N GLN C 91 -37.67 8.44 -3.86
CA GLN C 91 -38.92 8.98 -4.36
C GLN C 91 -39.70 9.59 -3.22
N TRP C 92 -40.12 10.84 -3.37
CA TRP C 92 -41.01 11.47 -2.42
C TRP C 92 -41.99 12.32 -3.20
N ASN C 93 -42.88 13.00 -2.50
CA ASN C 93 -43.95 13.78 -3.11
C ASN C 93 -43.87 15.19 -2.58
N ASP C 94 -43.57 16.15 -3.45
CA ASP C 94 -43.56 17.56 -3.09
C ASP C 94 -44.78 18.22 -3.70
N PRO C 95 -45.79 18.58 -2.92
CA PRO C 95 -47.02 19.16 -3.49
C PRO C 95 -46.84 20.56 -4.03
N ARG C 96 -45.73 21.22 -3.71
CA ARG C 96 -45.41 22.53 -4.27
C ARG C 96 -44.88 22.43 -5.68
N LEU C 97 -44.60 21.23 -6.17
CA LEU C 97 -44.09 21.05 -7.52
C LEU C 97 -45.15 20.51 -8.46
N ALA C 98 -46.40 20.49 -8.04
CA ALA C 98 -47.47 20.05 -8.93
C ALA C 98 -47.75 21.12 -9.96
N TYR C 99 -47.77 20.73 -11.23
CA TYR C 99 -48.04 21.64 -12.33
C TYR C 99 -49.15 21.09 -13.20
N SER C 100 -49.84 21.98 -13.89
CA SER C 100 -50.86 21.58 -14.85
C SER C 100 -50.83 22.37 -16.14
N GLU C 101 -50.11 23.48 -16.22
CA GLU C 101 -50.10 24.28 -17.45
C GLU C 101 -49.27 23.60 -18.54
N TYR C 102 -48.09 23.14 -18.17
CA TYR C 102 -47.20 22.51 -19.14
C TYR C 102 -47.78 21.15 -19.54
N PRO C 103 -47.84 20.83 -20.84
CA PRO C 103 -48.65 19.68 -21.27
C PRO C 103 -48.04 18.32 -20.99
N ASP C 104 -46.73 18.20 -20.99
CA ASP C 104 -46.11 16.89 -20.90
C ASP C 104 -46.04 16.42 -19.44
N ASP C 105 -45.52 15.22 -19.24
CA ASP C 105 -45.75 14.49 -18.00
C ASP C 105 -44.55 14.37 -17.09
N SER C 106 -43.37 14.80 -17.53
CA SER C 106 -42.18 14.73 -16.70
C SER C 106 -41.23 15.84 -17.09
N LEU C 107 -40.56 16.41 -16.09
CA LEU C 107 -39.61 17.49 -16.28
C LEU C 107 -38.28 17.09 -15.66
N ASP C 108 -37.31 16.79 -16.50
CA ASP C 108 -35.97 16.48 -16.02
C ASP C 108 -35.27 17.77 -15.59
N LEU C 109 -34.89 17.84 -14.33
CA LEU C 109 -34.10 18.96 -13.82
C LEU C 109 -32.63 18.70 -14.12
N ASP C 110 -31.94 19.74 -14.58
CA ASP C 110 -30.53 19.60 -14.91
C ASP C 110 -29.71 19.50 -13.63
N PRO C 111 -28.65 18.67 -13.61
CA PRO C 111 -27.85 18.50 -12.38
C PRO C 111 -27.10 19.74 -11.92
N SER C 112 -26.98 20.78 -12.74
CA SER C 112 -26.46 22.03 -12.24
C SER C 112 -27.46 22.76 -11.35
N MET C 113 -28.75 22.50 -11.54
CA MET C 113 -29.80 23.19 -10.80
C MET C 113 -30.38 22.35 -9.69
N LEU C 114 -29.65 21.35 -9.20
CA LEU C 114 -30.14 20.51 -8.12
C LEU C 114 -29.98 21.15 -6.75
N ASP C 115 -29.29 22.28 -6.66
CA ASP C 115 -29.10 22.96 -5.39
C ASP C 115 -30.25 23.88 -5.05
N SER C 116 -31.40 23.72 -5.69
CA SER C 116 -32.49 24.65 -5.56
C SER C 116 -33.82 24.00 -5.21
N ILE C 117 -33.87 22.68 -5.03
CA ILE C 117 -35.07 22.03 -4.51
C ILE C 117 -34.69 21.23 -3.27
N TRP C 118 -35.72 20.80 -2.56
CA TRP C 118 -35.53 20.06 -1.32
C TRP C 118 -35.17 18.62 -1.62
N LYS C 119 -34.14 18.11 -0.97
CA LYS C 119 -33.73 16.73 -1.09
C LYS C 119 -33.49 16.15 0.30
N PRO C 120 -33.78 14.87 0.50
CA PRO C 120 -33.57 14.27 1.83
C PRO C 120 -32.10 14.14 2.17
N ASP C 121 -31.81 14.24 3.46
CA ASP C 121 -30.43 14.16 3.94
C ASP C 121 -30.08 12.74 4.37
N LEU C 122 -30.16 11.83 3.40
CA LEU C 122 -29.82 10.46 3.66
C LEU C 122 -28.31 10.31 3.79
N PHE C 123 -27.89 9.40 4.67
CA PHE C 123 -26.49 9.05 4.74
C PHE C 123 -26.42 7.60 5.18
N PHE C 124 -25.20 7.10 5.28
CA PHE C 124 -24.95 5.71 5.60
C PHE C 124 -24.29 5.64 6.97
N ALA C 125 -24.88 4.86 7.87
CA ALA C 125 -24.39 4.85 9.24
C ALA C 125 -23.06 4.11 9.40
N ASN C 126 -22.57 3.47 8.36
CA ASN C 126 -21.31 2.76 8.36
C ASN C 126 -20.51 3.11 7.11
N GLU C 127 -20.35 4.42 6.87
CA GLU C 127 -19.74 4.93 5.64
C GLU C 127 -18.31 4.45 5.48
N LYS C 128 -17.43 4.81 6.42
CA LYS C 128 -15.98 4.64 6.33
C LYS C 128 -15.45 5.17 5.00
N GLY C 129 -15.84 6.39 4.67
CA GLY C 129 -15.45 6.97 3.41
C GLY C 129 -16.37 6.61 2.26
N ALA C 130 -16.73 7.62 1.46
CA ALA C 130 -17.58 7.47 0.31
C ALA C 130 -17.39 8.71 -0.57
N ASN C 131 -17.79 8.60 -1.83
CA ASN C 131 -17.62 9.72 -2.75
C ASN C 131 -18.63 9.65 -3.88
N PHE C 132 -18.76 10.76 -4.59
CA PHE C 132 -19.60 10.83 -5.77
C PHE C 132 -18.79 10.54 -7.02
N HIS C 133 -19.51 10.30 -8.11
CA HIS C 133 -18.95 10.11 -9.44
C HIS C 133 -19.29 11.33 -10.28
N GLU C 134 -18.27 12.06 -10.71
CA GLU C 134 -18.48 13.36 -11.33
C GLU C 134 -17.81 13.47 -12.70
N VAL C 135 -17.59 12.37 -13.39
CA VAL C 135 -16.81 12.38 -14.62
C VAL C 135 -17.74 12.54 -15.82
N THR C 136 -17.48 13.60 -16.59
CA THR C 136 -18.08 14.14 -17.80
C THR C 136 -19.41 14.85 -17.49
N THR C 137 -19.98 14.64 -16.31
CA THR C 137 -21.20 15.24 -15.77
C THR C 137 -21.29 14.70 -14.35
N ASP C 138 -21.84 15.50 -13.43
CA ASP C 138 -22.26 14.95 -12.15
C ASP C 138 -23.29 13.86 -12.39
N ASN C 139 -22.98 12.63 -11.97
CA ASN C 139 -23.85 11.49 -12.23
C ASN C 139 -25.05 11.56 -11.30
N LYS C 140 -25.98 12.45 -11.65
CA LYS C 140 -27.18 12.70 -10.87
C LYS C 140 -28.34 12.76 -11.83
N LEU C 141 -29.55 12.65 -11.30
CA LEU C 141 -30.74 12.51 -12.13
C LEU C 141 -31.95 12.89 -11.32
N LEU C 142 -32.80 13.75 -11.86
CA LEU C 142 -34.01 14.12 -11.15
C LEU C 142 -35.11 14.43 -12.14
N ARG C 143 -36.29 13.90 -11.88
CA ARG C 143 -37.45 14.15 -12.74
C ARG C 143 -38.69 14.29 -11.88
N ILE C 144 -39.61 15.13 -12.32
CA ILE C 144 -40.75 15.56 -11.54
C ILE C 144 -42.01 15.25 -12.34
N SER C 145 -42.93 14.50 -11.75
CA SER C 145 -44.19 14.19 -12.40
C SER C 145 -45.17 15.34 -12.21
N LYS C 146 -46.38 15.18 -12.78
CA LYS C 146 -47.36 16.26 -12.71
C LYS C 146 -47.97 16.38 -11.32
N ASN C 147 -48.08 15.28 -10.59
CA ASN C 147 -48.61 15.30 -9.24
C ASN C 147 -47.54 15.56 -8.19
N GLY C 148 -46.35 15.97 -8.59
CA GLY C 148 -45.31 16.32 -7.66
C GLY C 148 -44.40 15.20 -7.24
N ASN C 149 -44.51 14.03 -7.84
CA ASN C 149 -43.62 12.92 -7.48
C ASN C 149 -42.23 13.20 -8.02
N VAL C 150 -41.24 13.13 -7.15
CA VAL C 150 -39.86 13.47 -7.49
C VAL C 150 -39.01 12.21 -7.38
N LEU C 151 -38.47 11.76 -8.50
CA LEU C 151 -37.47 10.71 -8.51
C LEU C 151 -36.09 11.33 -8.48
N TYR C 152 -35.18 10.71 -7.73
CA TYR C 152 -33.84 11.27 -7.58
C TYR C 152 -32.84 10.12 -7.45
N SER C 153 -32.10 9.86 -8.52
CA SER C 153 -31.15 8.77 -8.59
C SER C 153 -29.74 9.31 -8.72
N ILE C 154 -28.82 8.79 -7.89
CA ILE C 154 -27.42 9.19 -7.90
C ILE C 154 -26.55 7.96 -7.80
N ARG C 155 -25.30 8.09 -8.25
CA ARG C 155 -24.32 7.01 -8.24
C ARG C 155 -23.31 7.28 -7.14
N ILE C 156 -23.15 6.32 -6.23
CA ILE C 156 -22.33 6.47 -5.04
C ILE C 156 -21.38 5.28 -4.96
N THR C 157 -20.14 5.52 -4.56
CA THR C 157 -19.20 4.47 -4.19
C THR C 157 -19.01 4.49 -2.68
N LEU C 158 -19.18 3.35 -2.04
CA LEU C 158 -19.16 3.22 -0.59
C LEU C 158 -18.10 2.22 -0.19
N VAL C 159 -17.47 2.44 0.98
CA VAL C 159 -16.61 1.41 1.53
C VAL C 159 -17.16 1.02 2.90
N LEU C 160 -18.11 0.10 2.91
CA LEU C 160 -18.97 -0.09 4.07
C LEU C 160 -18.33 -1.04 5.07
N ALA C 161 -18.48 -0.74 6.35
CA ALA C 161 -17.91 -1.54 7.41
C ALA C 161 -18.84 -2.67 7.81
N CYS C 162 -18.28 -3.85 8.05
CA CYS C 162 -19.08 -4.94 8.57
C CYS C 162 -18.24 -5.84 9.47
N PRO C 163 -18.77 -6.28 10.60
CA PRO C 163 -18.02 -7.18 11.47
C PRO C 163 -17.99 -8.60 10.93
N MET C 164 -16.87 -9.26 11.11
CA MET C 164 -16.64 -10.59 10.55
C MET C 164 -16.66 -11.61 11.68
N ASP C 165 -17.67 -12.49 11.66
CA ASP C 165 -17.73 -13.62 12.56
C ASP C 165 -16.99 -14.77 11.90
N LEU C 166 -15.86 -15.16 12.48
CA LEU C 166 -14.99 -16.16 11.87
C LEU C 166 -14.80 -17.36 12.79
N LYS C 167 -15.88 -17.86 13.38
CA LYS C 167 -15.74 -19.02 14.26
C LYS C 167 -15.51 -20.29 13.48
N ASN C 168 -15.98 -20.34 12.23
CA ASN C 168 -15.77 -21.47 11.32
C ASN C 168 -15.38 -20.90 9.97
N PHE C 169 -14.09 -20.63 9.79
CA PHE C 169 -13.67 -19.61 8.82
C PHE C 169 -13.86 -20.00 7.36
N PRO C 170 -13.48 -21.19 6.87
CA PRO C 170 -13.81 -21.49 5.47
C PRO C 170 -15.25 -21.93 5.28
N MET C 171 -16.00 -22.16 6.36
CA MET C 171 -17.33 -22.74 6.29
C MET C 171 -18.40 -21.78 6.80
N ASP C 172 -18.16 -20.48 6.69
CA ASP C 172 -19.07 -19.51 7.29
C ASP C 172 -19.95 -18.84 6.24
N VAL C 173 -21.01 -18.21 6.73
CA VAL C 173 -21.87 -17.34 5.94
C VAL C 173 -21.76 -15.96 6.54
N GLN C 174 -21.04 -15.08 5.85
CA GLN C 174 -20.82 -13.72 6.34
C GLN C 174 -21.98 -12.82 5.95
N THR C 175 -22.55 -12.15 6.95
CA THR C 175 -23.64 -11.21 6.74
C THR C 175 -23.08 -9.80 6.92
N CYS C 176 -22.94 -9.08 5.81
CA CYS C 176 -22.50 -7.69 5.84
C CYS C 176 -23.64 -6.82 5.33
N ILE C 177 -23.94 -5.75 6.07
CA ILE C 177 -25.16 -4.98 5.86
C ILE C 177 -24.83 -3.59 5.34
N MET C 178 -25.88 -2.82 5.05
CA MET C 178 -25.75 -1.40 4.80
C MET C 178 -27.04 -0.73 5.23
N GLN C 179 -26.92 0.41 5.90
CA GLN C 179 -28.06 1.05 6.53
C GLN C 179 -28.09 2.53 6.22
N LEU C 180 -29.30 3.06 6.04
CA LEU C 180 -29.52 4.35 5.41
C LEU C 180 -30.32 5.21 6.38
N GLU C 181 -29.66 6.19 7.00
CA GLU C 181 -30.30 6.96 8.05
C GLU C 181 -30.63 8.36 7.57
N SER C 182 -31.32 9.10 8.43
CA SER C 182 -31.52 10.53 8.25
C SER C 182 -30.68 11.27 9.26
N PHE C 183 -30.00 12.34 8.82
CA PHE C 183 -29.07 13.00 9.73
C PHE C 183 -29.69 14.16 10.47
N GLY C 184 -30.65 14.87 9.88
CA GLY C 184 -31.13 16.09 10.49
C GLY C 184 -32.61 16.13 10.78
N TYR C 185 -33.38 15.29 10.11
CA TYR C 185 -34.82 15.23 10.32
C TYR C 185 -35.16 14.00 11.15
N THR C 186 -36.04 14.18 12.11
CA THR C 186 -36.39 13.10 13.03
C THR C 186 -37.52 12.26 12.45
N MET C 187 -38.09 11.39 13.27
CA MET C 187 -39.12 10.47 12.79
C MET C 187 -40.44 11.19 12.55
N ASN C 188 -40.70 12.27 13.27
CA ASN C 188 -41.91 13.03 13.05
C ASN C 188 -41.79 14.02 11.89
N ASP C 189 -40.72 13.96 11.11
CA ASP C 189 -40.55 14.83 9.96
C ASP C 189 -40.28 14.04 8.69
N LEU C 190 -39.56 12.93 8.79
CA LEU C 190 -39.10 12.23 7.60
C LEU C 190 -38.94 10.76 7.91
N ILE C 191 -39.55 9.91 7.10
CA ILE C 191 -39.57 8.46 7.31
C ILE C 191 -39.08 7.78 6.03
N PHE C 192 -38.07 6.91 6.18
CA PHE C 192 -37.58 6.11 5.08
C PHE C 192 -38.32 4.79 5.01
N GLU C 193 -38.58 4.31 3.79
CA GLU C 193 -39.17 3.01 3.55
C GLU C 193 -38.50 2.37 2.36
N TRP C 194 -38.47 1.05 2.33
CA TRP C 194 -38.15 0.37 1.09
C TRP C 194 -39.41 0.27 0.25
N ASP C 195 -39.26 0.35 -1.06
CA ASP C 195 -40.41 0.14 -1.92
C ASP C 195 -40.70 -1.35 -2.04
N GLU C 196 -41.98 -1.66 -2.27
CA GLU C 196 -42.41 -3.04 -2.29
C GLU C 196 -42.11 -3.73 -3.61
N LYS C 197 -41.62 -3.01 -4.60
CA LYS C 197 -41.34 -3.55 -5.93
C LYS C 197 -39.82 -3.60 -6.15
N GLY C 198 -39.19 -4.65 -5.65
CA GLY C 198 -37.78 -4.86 -5.88
C GLY C 198 -36.89 -3.85 -5.18
N ALA C 199 -36.78 -3.94 -3.85
CA ALA C 199 -36.06 -2.92 -3.10
C ALA C 199 -34.56 -3.00 -3.28
N VAL C 200 -34.00 -4.15 -3.65
CA VAL C 200 -32.59 -4.26 -3.98
C VAL C 200 -32.49 -5.07 -5.25
N GLN C 201 -32.06 -4.45 -6.34
CA GLN C 201 -31.68 -5.18 -7.53
C GLN C 201 -30.17 -5.31 -7.59
N VAL C 202 -29.73 -6.37 -8.25
CA VAL C 202 -28.32 -6.67 -8.46
C VAL C 202 -28.13 -6.78 -9.96
N ALA C 203 -27.00 -6.27 -10.46
CA ALA C 203 -26.67 -6.38 -11.87
C ALA C 203 -26.52 -7.85 -12.28
N ASP C 204 -26.65 -8.09 -13.59
CA ASP C 204 -26.81 -9.45 -14.09
C ASP C 204 -25.52 -10.25 -13.95
N GLY C 205 -24.41 -9.70 -14.44
CA GLY C 205 -23.18 -10.45 -14.42
C GLY C 205 -22.32 -10.19 -13.19
N LEU C 206 -22.96 -9.97 -12.05
CA LEU C 206 -22.22 -9.62 -10.84
C LEU C 206 -21.88 -10.90 -10.10
N THR C 207 -20.65 -11.36 -10.28
CA THR C 207 -20.12 -12.50 -9.55
C THR C 207 -18.94 -12.04 -8.69
N LEU C 208 -18.59 -12.87 -7.72
CA LEU C 208 -17.53 -12.59 -6.78
C LEU C 208 -16.47 -13.67 -6.84
N PRO C 209 -15.21 -13.32 -6.61
CA PRO C 209 -14.15 -14.34 -6.70
C PRO C 209 -14.15 -15.30 -5.51
N GLN C 210 -14.44 -14.81 -4.31
CA GLN C 210 -14.33 -15.62 -3.12
C GLN C 210 -15.68 -15.99 -2.51
N PHE C 211 -16.76 -15.36 -2.95
CA PHE C 211 -18.04 -15.47 -2.29
C PHE C 211 -19.12 -15.75 -3.32
N ILE C 212 -20.32 -16.07 -2.83
CA ILE C 212 -21.53 -16.00 -3.63
C ILE C 212 -22.54 -15.20 -2.83
N LEU C 213 -23.41 -14.49 -3.55
CA LEU C 213 -24.40 -13.62 -2.95
C LEU C 213 -25.75 -14.29 -3.05
N LYS C 214 -26.35 -14.58 -1.90
CA LYS C 214 -27.63 -15.28 -1.89
C LYS C 214 -28.75 -14.34 -2.31
N GLU C 215 -29.78 -14.92 -2.93
CA GLU C 215 -30.82 -14.11 -3.57
C GLU C 215 -31.78 -13.48 -2.58
N GLU C 216 -31.97 -14.10 -1.41
CA GLU C 216 -32.85 -13.52 -0.40
C GLU C 216 -32.08 -12.46 0.37
N LYS C 217 -32.66 -11.27 0.48
CA LYS C 217 -32.03 -10.14 1.14
C LYS C 217 -32.97 -9.63 2.22
N ASP C 218 -32.48 -9.63 3.47
CA ASP C 218 -33.32 -9.28 4.61
C ASP C 218 -33.46 -7.77 4.68
N LEU C 219 -34.69 -7.29 4.61
CA LEU C 219 -34.99 -5.86 4.62
C LEU C 219 -35.72 -5.56 5.91
N ARG C 220 -35.07 -4.84 6.82
CA ARG C 220 -35.69 -4.55 8.10
C ARG C 220 -35.35 -3.14 8.54
N TYR C 221 -35.92 -2.73 9.66
CA TYR C 221 -35.78 -1.39 10.21
C TYR C 221 -34.70 -1.37 11.28
N CYS C 222 -34.05 -0.22 11.43
CA CYS C 222 -32.91 -0.06 12.33
C CYS C 222 -32.97 1.27 13.05
N THR C 223 -34.17 1.67 13.49
CA THR C 223 -34.44 3.03 13.99
C THR C 223 -33.61 3.38 15.21
N LYS C 224 -32.87 4.48 15.10
CA LYS C 224 -31.88 4.86 16.10
C LYS C 224 -32.47 5.84 17.11
N HIS C 225 -31.94 5.79 18.32
CA HIS C 225 -32.31 6.70 19.39
C HIS C 225 -31.05 7.35 19.91
N TYR C 226 -31.00 8.67 19.88
CA TYR C 226 -29.90 9.43 20.43
C TYR C 226 -30.43 10.37 21.49
N ASN C 227 -29.55 11.19 22.03
CA ASN C 227 -29.98 12.25 22.93
C ASN C 227 -30.58 13.43 22.17
N THR C 228 -30.36 13.48 20.86
CA THR C 228 -30.96 14.53 20.03
C THR C 228 -32.43 14.25 19.77
N GLY C 229 -32.73 13.13 19.13
CA GLY C 229 -34.10 12.71 18.91
C GLY C 229 -34.07 11.26 18.53
N LYS C 230 -35.05 10.84 17.75
CA LYS C 230 -35.02 9.52 17.13
C LYS C 230 -35.09 9.70 15.62
N PHE C 231 -34.29 8.93 14.91
CA PHE C 231 -34.07 9.15 13.49
C PHE C 231 -34.43 7.88 12.73
N THR C 232 -34.90 8.07 11.50
CA THR C 232 -35.31 6.91 10.73
C THR C 232 -34.09 6.19 10.17
N CYS C 233 -34.29 4.93 9.82
CA CYS C 233 -33.22 4.05 9.38
C CYS C 233 -33.86 2.84 8.72
N ILE C 234 -33.33 2.44 7.58
CA ILE C 234 -33.69 1.19 6.93
C ILE C 234 -32.40 0.51 6.54
N GLU C 235 -32.41 -0.81 6.51
CA GLU C 235 -31.19 -1.52 6.16
C GLU C 235 -31.50 -2.78 5.38
N ALA C 236 -30.45 -3.35 4.82
CA ALA C 236 -30.53 -4.51 3.95
C ALA C 236 -29.37 -5.43 4.25
N ARG C 237 -29.67 -6.68 4.56
CA ARG C 237 -28.64 -7.66 4.85
C ARG C 237 -28.25 -8.40 3.58
N PHE C 238 -26.97 -8.70 3.45
CA PHE C 238 -26.46 -9.47 2.32
C PHE C 238 -25.72 -10.68 2.86
N HIS C 239 -26.07 -11.85 2.38
CA HIS C 239 -25.47 -13.09 2.84
C HIS C 239 -24.41 -13.54 1.84
N LEU C 240 -23.20 -13.76 2.32
CA LEU C 240 -22.04 -14.07 1.49
C LEU C 240 -21.48 -15.42 1.90
N GLU C 241 -21.99 -16.48 1.32
CA GLU C 241 -21.38 -17.79 1.52
C GLU C 241 -20.08 -17.88 0.75
N ARG C 242 -19.05 -18.46 1.36
CA ARG C 242 -17.74 -18.52 0.72
C ARG C 242 -17.69 -19.60 -0.34
N GLN C 243 -16.48 -19.83 -0.84
CA GLN C 243 -16.19 -20.89 -1.79
C GLN C 243 -15.18 -21.82 -1.13
N MET C 244 -15.52 -23.11 -1.08
CA MET C 244 -14.66 -24.07 -0.41
C MET C 244 -13.41 -24.35 -1.22
N GLY C 245 -13.49 -24.24 -2.54
CA GLY C 245 -12.50 -24.81 -3.44
C GLY C 245 -11.12 -24.19 -3.35
N TYR C 246 -11.01 -22.95 -2.90
CA TYR C 246 -9.69 -22.36 -2.78
C TYR C 246 -8.94 -22.92 -1.58
N TYR C 247 -9.60 -22.99 -0.44
CA TYR C 247 -8.92 -23.37 0.79
C TYR C 247 -8.61 -24.84 0.85
N LEU C 248 -9.28 -25.66 0.03
CA LEU C 248 -8.89 -27.06 -0.10
C LEU C 248 -7.53 -27.19 -0.79
N ILE C 249 -7.30 -26.38 -1.81
CA ILE C 249 -6.08 -26.51 -2.61
C ILE C 249 -4.87 -26.03 -1.83
N GLN C 250 -5.00 -24.90 -1.14
CA GLN C 250 -3.81 -24.33 -0.50
C GLN C 250 -3.54 -24.96 0.86
N MET C 251 -4.57 -25.24 1.65
CA MET C 251 -4.33 -25.60 3.04
C MET C 251 -4.75 -27.00 3.41
N TYR C 252 -5.94 -27.45 3.02
CA TYR C 252 -6.43 -28.74 3.51
C TYR C 252 -5.69 -29.91 2.88
N ILE C 253 -5.51 -29.89 1.57
CA ILE C 253 -4.82 -30.99 0.89
C ILE C 253 -3.32 -31.04 1.19
N PRO C 254 -2.52 -29.95 1.14
CA PRO C 254 -1.09 -30.11 1.47
C PRO C 254 -0.82 -30.45 2.92
N SER C 255 -1.69 -30.04 3.84
CA SER C 255 -1.52 -30.47 5.22
C SER C 255 -1.89 -31.94 5.39
N LEU C 256 -2.78 -32.45 4.53
CA LEU C 256 -3.14 -33.85 4.58
C LEU C 256 -2.08 -34.74 3.96
N LEU C 257 -1.24 -34.20 3.08
CA LEU C 257 -0.16 -35.00 2.51
C LEU C 257 1.03 -35.12 3.44
N ILE C 258 1.28 -34.10 4.27
CA ILE C 258 2.41 -34.17 5.19
C ILE C 258 2.11 -35.16 6.32
N VAL C 259 0.83 -35.32 6.67
CA VAL C 259 0.45 -36.35 7.63
C VAL C 259 0.67 -37.74 7.05
N ILE C 260 0.35 -37.93 5.77
CA ILE C 260 0.65 -39.19 5.10
C ILE C 260 2.16 -39.34 4.93
N LEU C 261 2.88 -38.24 4.77
CA LEU C 261 4.33 -38.27 4.65
C LEU C 261 5.01 -38.71 5.95
N SER C 262 4.36 -38.53 7.09
CA SER C 262 4.87 -39.07 8.33
C SER C 262 4.51 -40.54 8.52
N TRP C 263 3.49 -41.02 7.82
CA TRP C 263 3.07 -42.40 7.95
C TRP C 263 4.02 -43.37 7.27
N VAL C 264 4.83 -42.91 6.32
CA VAL C 264 5.78 -43.80 5.65
C VAL C 264 7.04 -44.01 6.47
N SER C 265 7.12 -43.42 7.67
CA SER C 265 8.21 -43.75 8.58
C SER C 265 8.08 -45.16 9.11
N PHE C 266 6.85 -45.65 9.26
CA PHE C 266 6.63 -46.94 9.88
C PHE C 266 6.99 -48.10 8.96
N TRP C 267 7.16 -47.84 7.66
CA TRP C 267 7.57 -48.85 6.70
C TRP C 267 9.06 -48.80 6.43
N ILE C 268 9.81 -48.03 7.21
CA ILE C 268 11.26 -47.92 7.10
C ILE C 268 11.87 -48.68 8.27
N ASN C 269 13.00 -49.34 8.02
CA ASN C 269 13.69 -50.16 9.01
C ASN C 269 14.07 -49.34 10.25
N MET C 270 14.06 -50.01 11.40
CA MET C 270 14.34 -49.34 12.66
C MET C 270 15.82 -49.02 12.80
N ASP C 271 16.69 -49.83 12.19
CA ASP C 271 18.11 -49.60 12.28
C ASP C 271 18.55 -48.39 11.46
N ALA C 272 17.75 -47.97 10.48
CA ALA C 272 18.02 -46.76 9.70
C ALA C 272 17.60 -45.56 10.55
N ALA C 273 18.45 -45.20 11.50
CA ALA C 273 18.15 -44.16 12.46
C ALA C 273 18.07 -42.74 11.87
N PRO C 274 18.94 -42.28 10.95
CA PRO C 274 18.67 -40.96 10.36
C PRO C 274 17.56 -40.96 9.33
N ALA C 275 17.06 -42.13 8.93
CA ALA C 275 15.94 -42.17 7.99
C ALA C 275 14.62 -41.89 8.69
N ARG C 276 14.37 -42.58 9.81
CA ARG C 276 13.11 -42.38 10.51
C ARG C 276 13.10 -41.09 11.32
N VAL C 277 14.24 -40.68 11.86
CA VAL C 277 14.28 -39.40 12.57
C VAL C 277 14.24 -38.25 11.59
N GLY C 278 15.04 -38.32 10.53
CA GLY C 278 15.11 -37.27 9.53
C GLY C 278 13.82 -37.04 8.77
N LEU C 279 12.95 -38.04 8.73
CA LEU C 279 11.59 -37.82 8.23
C LEU C 279 10.74 -37.12 9.26
N GLY C 280 10.84 -37.54 10.53
CA GLY C 280 10.04 -36.96 11.58
C GLY C 280 10.43 -35.55 11.96
N ILE C 281 11.68 -35.17 11.72
CA ILE C 281 12.10 -33.80 11.97
C ILE C 281 11.43 -32.85 11.00
N THR C 282 11.45 -33.19 9.72
CA THR C 282 11.11 -32.24 8.68
C THR C 282 9.60 -32.03 8.58
N THR C 283 8.82 -33.11 8.73
CA THR C 283 7.37 -32.99 8.60
C THR C 283 6.75 -32.23 9.76
N VAL C 284 7.34 -32.31 10.95
CA VAL C 284 6.76 -31.61 12.10
C VAL C 284 7.10 -30.13 12.08
N LEU C 285 8.07 -29.72 11.27
CA LEU C 285 8.41 -28.31 11.16
C LEU C 285 7.97 -27.67 9.87
N THR C 286 7.53 -28.45 8.88
CA THR C 286 6.80 -27.86 7.76
C THR C 286 5.34 -27.63 8.10
N MET C 287 4.79 -28.41 9.02
CA MET C 287 3.43 -28.14 9.49
C MET C 287 3.36 -26.87 10.30
N THR C 288 4.46 -26.49 10.95
CA THR C 288 4.52 -25.19 11.60
C THR C 288 4.58 -24.07 10.55
N THR C 289 5.24 -24.34 9.43
CA THR C 289 5.25 -23.38 8.33
C THR C 289 3.89 -23.28 7.65
N GLN C 290 3.22 -24.42 7.46
CA GLN C 290 1.90 -24.42 6.84
C GLN C 290 0.85 -23.79 7.75
N SER C 291 1.07 -23.81 9.05
CA SER C 291 0.14 -23.17 9.97
C SER C 291 0.42 -21.69 10.13
N SER C 292 1.68 -21.28 10.00
CA SER C 292 2.01 -19.86 10.07
C SER C 292 1.53 -19.12 8.84
N GLY C 293 1.53 -19.78 7.69
CA GLY C 293 0.95 -19.21 6.49
C GLY C 293 -0.53 -19.38 6.38
N SER C 294 -1.15 -20.10 7.29
CA SER C 294 -2.59 -20.28 7.27
C SER C 294 -3.33 -19.05 7.73
N ARG C 295 -2.67 -18.17 8.47
CA ARG C 295 -3.29 -16.98 9.04
C ARG C 295 -2.55 -15.73 8.62
N ALA C 296 -2.11 -15.69 7.36
CA ALA C 296 -1.33 -14.56 6.88
C ALA C 296 -2.23 -13.38 6.49
N SER C 297 -3.45 -13.66 6.06
CA SER C 297 -4.33 -12.61 5.54
C SER C 297 -5.60 -12.53 6.35
N LEU C 298 -5.49 -12.55 7.66
CA LEU C 298 -6.63 -12.59 8.56
C LEU C 298 -6.50 -11.54 9.64
N PRO C 299 -7.63 -11.13 10.23
CA PRO C 299 -7.55 -10.35 11.46
C PRO C 299 -7.05 -11.22 12.61
N LYS C 300 -6.49 -10.55 13.61
CA LYS C 300 -5.84 -11.24 14.72
C LYS C 300 -6.86 -11.50 15.82
N VAL C 301 -7.82 -12.35 15.50
CA VAL C 301 -8.90 -12.68 16.43
C VAL C 301 -8.38 -13.61 17.52
N SER C 302 -9.02 -13.55 18.68
CA SER C 302 -8.55 -14.32 19.82
C SER C 302 -9.04 -15.75 19.78
N TYR C 303 -10.31 -15.94 19.46
CA TYR C 303 -10.94 -17.25 19.49
C TYR C 303 -10.38 -18.16 18.41
N VAL C 304 -10.53 -19.45 18.63
CA VAL C 304 -10.00 -20.45 17.72
C VAL C 304 -11.04 -20.73 16.65
N LYS C 305 -10.57 -20.85 15.41
CA LYS C 305 -11.44 -21.02 14.25
C LYS C 305 -11.21 -22.39 13.64
N ALA C 306 -12.08 -22.75 12.69
CA ALA C 306 -12.14 -24.13 12.20
C ALA C 306 -10.91 -24.53 11.39
N ILE C 307 -10.18 -23.57 10.83
CA ILE C 307 -8.92 -23.90 10.20
C ILE C 307 -7.82 -24.03 11.24
N ASP C 308 -7.99 -23.43 12.42
CA ASP C 308 -6.97 -23.56 13.45
C ASP C 308 -7.11 -24.88 14.20
N ILE C 309 -8.31 -25.45 14.27
CA ILE C 309 -8.44 -26.77 14.87
C ILE C 309 -8.13 -27.88 13.89
N TRP C 310 -7.95 -27.54 12.61
CA TRP C 310 -7.41 -28.52 11.66
C TRP C 310 -5.90 -28.54 11.72
N MET C 311 -5.27 -27.37 11.71
CA MET C 311 -3.82 -27.28 11.70
C MET C 311 -3.19 -27.60 13.04
N ALA C 312 -3.98 -27.77 14.09
CA ALA C 312 -3.45 -28.21 15.37
C ALA C 312 -3.59 -29.71 15.58
N VAL C 313 -4.67 -30.31 15.08
CA VAL C 313 -4.79 -31.76 15.15
C VAL C 313 -3.86 -32.42 14.15
N CYS C 314 -3.75 -31.85 12.94
CA CYS C 314 -2.79 -32.37 11.97
C CYS C 314 -1.35 -32.15 12.41
N LEU C 315 -1.10 -31.13 13.23
CA LEU C 315 0.20 -31.00 13.85
C LEU C 315 0.41 -32.03 14.95
N LEU C 316 -0.68 -32.51 15.56
CA LEU C 316 -0.57 -33.49 16.62
C LEU C 316 -0.20 -34.87 16.08
N PHE C 317 -0.64 -35.19 14.86
CA PHE C 317 -0.29 -36.49 14.28
C PHE C 317 1.18 -36.54 13.89
N VAL C 318 1.70 -35.47 13.28
CA VAL C 318 3.11 -35.50 12.89
C VAL C 318 4.03 -35.28 14.08
N PHE C 319 3.52 -34.76 15.19
CA PHE C 319 4.32 -34.65 16.39
C PHE C 319 4.34 -35.96 17.16
N SER C 320 3.31 -36.78 16.99
CA SER C 320 3.27 -38.10 17.59
C SER C 320 3.95 -39.16 16.74
N ALA C 321 4.18 -38.88 15.46
CA ALA C 321 4.90 -39.82 14.60
C ALA C 321 6.38 -39.86 14.92
N LEU C 322 6.93 -38.81 15.51
CA LEU C 322 8.30 -38.83 15.99
C LEU C 322 8.39 -39.30 17.43
N LEU C 323 7.32 -39.10 18.21
CA LEU C 323 7.27 -39.67 19.55
C LEU C 323 7.10 -41.18 19.52
N GLU C 324 6.63 -41.74 18.42
CA GLU C 324 6.53 -43.19 18.31
C GLU C 324 7.92 -43.81 18.19
N TYR C 325 8.81 -43.18 17.42
CA TYR C 325 10.16 -43.71 17.28
C TYR C 325 10.98 -43.48 18.55
N ALA C 326 10.65 -42.46 19.34
CA ALA C 326 11.30 -42.30 20.63
C ALA C 326 10.93 -43.42 21.59
N ALA C 327 9.78 -44.05 21.39
CA ALA C 327 9.46 -45.28 22.11
C ALA C 327 10.12 -46.49 21.48
N VAL C 328 10.35 -46.46 20.17
CA VAL C 328 11.04 -47.56 19.51
C VAL C 328 12.51 -47.56 19.89
N ASN C 329 13.16 -46.40 19.78
CA ASN C 329 14.60 -46.30 19.97
C ASN C 329 15.01 -46.44 21.43
N PHE C 330 14.07 -46.30 22.37
CA PHE C 330 14.37 -46.53 23.77
C PHE C 330 14.19 -47.98 24.18
N ILE C 331 13.21 -48.67 23.60
CA ILE C 331 12.96 -50.06 23.97
C ILE C 331 13.88 -50.99 23.21
N ALA C 332 14.16 -50.69 21.93
CA ALA C 332 15.05 -51.53 21.15
C ALA C 332 16.53 -51.40 21.54
N ARG C 333 16.87 -50.43 22.39
CA ARG C 333 18.22 -50.29 22.89
C ARG C 333 18.40 -50.85 24.29
N GLN C 334 17.42 -51.58 24.79
CA GLN C 334 17.53 -52.17 26.13
C GLN C 334 18.41 -53.40 26.10
N HIS C 335 19.30 -53.51 27.09
CA HIS C 335 20.22 -54.64 27.16
C HIS C 335 20.62 -54.91 28.60
N GLU C 398 15.86 -64.49 26.10
CA GLU C 398 16.97 -63.55 26.03
C GLU C 398 16.45 -62.12 26.07
N MET C 399 17.16 -61.25 26.80
CA MET C 399 16.81 -59.84 26.91
C MET C 399 16.98 -59.09 25.59
N ARG C 400 17.79 -59.61 24.66
CA ARG C 400 17.96 -58.97 23.36
C ARG C 400 16.77 -59.25 22.44
N LYS C 401 16.45 -60.53 22.24
CA LYS C 401 15.39 -60.91 21.32
C LYS C 401 13.99 -60.65 21.86
N LEU C 402 13.87 -60.27 23.13
CA LEU C 402 12.55 -59.94 23.68
C LEU C 402 12.11 -58.55 23.27
N PHE C 403 12.90 -57.53 23.62
CA PHE C 403 12.51 -56.14 23.41
C PHE C 403 12.52 -55.74 21.94
N ILE C 404 13.28 -56.43 21.10
CA ILE C 404 13.18 -56.19 19.67
C ILE C 404 11.84 -56.70 19.14
N SER C 405 11.38 -57.82 19.68
CA SER C 405 10.06 -58.32 19.33
C SER C 405 8.95 -57.45 19.92
N ARG C 406 9.23 -56.77 21.04
CA ARG C 406 8.26 -55.84 21.59
C ARG C 406 8.23 -54.53 20.81
N ALA C 407 9.39 -54.04 20.38
CA ALA C 407 9.44 -52.86 19.53
C ALA C 407 8.93 -53.14 18.13
N LYS C 408 8.95 -54.41 17.70
CA LYS C 408 8.26 -54.78 16.47
C LYS C 408 6.75 -54.72 16.65
N ARG C 409 6.28 -54.99 17.87
CA ARG C 409 4.85 -55.01 18.13
C ARG C 409 4.25 -53.61 18.10
N ILE C 410 5.01 -52.61 18.55
CA ILE C 410 4.51 -51.24 18.55
C ILE C 410 4.49 -50.67 17.13
N ASP C 411 5.24 -51.24 16.20
CA ASP C 411 5.19 -50.78 14.82
C ASP C 411 4.07 -51.45 14.03
N THR C 412 3.72 -52.70 14.35
CA THR C 412 2.62 -53.35 13.66
C THR C 412 1.28 -52.74 14.06
N VAL C 413 1.18 -52.24 15.29
CA VAL C 413 -0.06 -51.59 15.72
C VAL C 413 -0.18 -50.22 15.07
N SER C 414 0.91 -49.46 15.05
CA SER C 414 0.87 -48.08 14.59
C SER C 414 0.73 -47.96 13.07
N ARG C 415 0.98 -49.03 12.32
CA ARG C 415 0.67 -48.98 10.89
C ARG C 415 -0.82 -49.09 10.63
N VAL C 416 -1.59 -49.54 11.60
CA VAL C 416 -3.03 -49.70 11.45
C VAL C 416 -3.71 -48.59 12.23
N ALA C 417 -3.10 -48.18 13.33
CA ALA C 417 -3.77 -47.27 14.27
C ALA C 417 -3.84 -45.85 13.73
N PHE C 418 -2.70 -45.31 13.28
CA PHE C 418 -2.64 -43.88 12.97
C PHE C 418 -3.45 -43.46 11.73
N PRO C 419 -3.52 -44.23 10.63
CA PRO C 419 -4.53 -43.89 9.61
C PRO C 419 -5.96 -44.17 10.05
N LEU C 420 -6.17 -44.99 11.06
CA LEU C 420 -7.53 -45.22 11.53
C LEU C 420 -8.02 -44.08 12.43
N VAL C 421 -7.12 -43.47 13.20
CA VAL C 421 -7.50 -42.34 14.03
C VAL C 421 -7.68 -41.08 13.19
N PHE C 422 -6.83 -40.91 12.17
CA PHE C 422 -6.99 -39.75 11.29
C PHE C 422 -8.21 -39.88 10.40
N LEU C 423 -8.66 -41.11 10.13
CA LEU C 423 -9.87 -41.28 9.33
C LEU C 423 -11.11 -40.95 10.15
N ILE C 424 -11.15 -41.35 11.41
CA ILE C 424 -12.31 -41.05 12.24
C ILE C 424 -12.29 -39.63 12.76
N PHE C 425 -11.18 -38.92 12.62
CA PHE C 425 -11.20 -37.49 12.89
C PHE C 425 -11.82 -36.71 11.75
N ASN C 426 -11.56 -37.13 10.50
CA ASN C 426 -12.17 -36.47 9.36
C ASN C 426 -13.67 -36.68 9.31
N ILE C 427 -14.14 -37.79 9.87
CA ILE C 427 -15.58 -37.99 9.98
C ILE C 427 -16.17 -37.00 10.99
N PHE C 428 -15.51 -36.83 12.13
CA PHE C 428 -16.02 -35.93 13.14
C PHE C 428 -15.79 -34.47 12.81
N TYR C 429 -14.88 -34.17 11.89
CA TYR C 429 -14.57 -32.79 11.55
C TYR C 429 -15.49 -32.25 10.47
N TRP C 430 -15.63 -32.97 9.37
CA TRP C 430 -16.40 -32.44 8.25
C TRP C 430 -17.90 -32.52 8.49
N ILE C 431 -18.36 -33.45 9.32
CA ILE C 431 -19.78 -33.48 9.66
C ILE C 431 -20.13 -32.34 10.59
N THR C 432 -19.21 -31.97 11.48
CA THR C 432 -19.48 -30.88 12.43
C THR C 432 -19.57 -29.54 11.71
N TYR C 433 -18.75 -29.33 10.68
CA TYR C 433 -18.80 -28.10 9.90
C TYR C 433 -19.59 -28.26 8.61
N LYS C 434 -20.49 -29.23 8.56
CA LYS C 434 -21.57 -29.29 7.59
C LYS C 434 -22.93 -29.20 8.24
N ILE C 435 -23.08 -29.70 9.47
CA ILE C 435 -24.31 -29.55 10.21
C ILE C 435 -24.49 -28.11 10.70
N ILE C 436 -23.42 -27.33 10.75
CA ILE C 436 -23.51 -25.93 11.17
C ILE C 436 -23.48 -25.01 9.94
N PRO D 31 -13.67 42.65 -38.10
CA PRO D 31 -14.79 42.04 -37.39
C PRO D 31 -14.47 41.80 -35.91
N MET D 32 -15.50 41.56 -35.12
CA MET D 32 -15.31 41.30 -33.70
C MET D 32 -14.65 39.93 -33.50
N PRO D 33 -13.84 39.78 -32.45
CA PRO D 33 -13.07 38.54 -32.26
C PRO D 33 -13.98 37.38 -31.88
N PRO D 34 -13.53 36.13 -32.06
CA PRO D 34 -14.44 34.99 -31.88
C PRO D 34 -14.92 34.77 -30.46
N SER D 35 -14.18 35.21 -29.46
CA SER D 35 -14.68 35.06 -28.09
C SER D 35 -15.84 36.00 -27.82
N GLU D 36 -15.89 37.14 -28.52
CA GLU D 36 -17.03 38.04 -28.39
C GLU D 36 -18.16 37.70 -29.35
N PHE D 37 -17.85 37.11 -30.51
CA PHE D 37 -18.91 36.63 -31.39
C PHE D 37 -19.64 35.46 -30.76
N LEU D 38 -18.92 34.61 -30.04
CA LEU D 38 -19.52 33.43 -29.46
C LEU D 38 -20.25 33.77 -28.16
N ASP D 39 -20.02 34.95 -27.60
CA ASP D 39 -20.86 35.40 -26.49
C ASP D 39 -22.26 35.75 -26.97
N LYS D 40 -22.36 36.32 -28.16
CA LYS D 40 -23.67 36.63 -28.72
C LYS D 40 -24.41 35.39 -29.19
N LEU D 41 -23.71 34.29 -29.39
CA LEU D 41 -24.33 33.04 -29.77
C LEU D 41 -24.73 32.20 -28.56
N MET D 42 -24.31 32.60 -27.36
CA MET D 42 -24.69 31.89 -26.13
C MET D 42 -25.45 32.77 -25.15
N GLY D 43 -25.67 34.03 -25.45
CA GLY D 43 -26.20 34.97 -24.47
C GLY D 43 -27.70 34.83 -24.28
N LYS D 44 -28.25 35.80 -23.54
CA LYS D 44 -29.70 35.86 -23.34
C LYS D 44 -30.41 36.19 -24.65
N VAL D 45 -29.79 37.03 -25.48
CA VAL D 45 -30.26 37.22 -26.84
C VAL D 45 -30.03 35.92 -27.61
N SER D 46 -30.93 35.63 -28.55
CA SER D 46 -31.07 34.43 -29.40
C SER D 46 -31.58 33.22 -28.63
N GLY D 47 -31.75 33.31 -27.32
CA GLY D 47 -32.46 32.30 -26.56
C GLY D 47 -31.75 30.97 -26.44
N TYR D 48 -30.43 30.96 -26.38
CA TYR D 48 -29.71 29.71 -26.20
C TYR D 48 -29.78 29.32 -24.73
N ASP D 49 -29.97 28.03 -24.48
CA ASP D 49 -30.06 27.53 -23.12
C ASP D 49 -29.27 26.24 -23.03
N ALA D 50 -28.33 26.18 -22.10
CA ALA D 50 -27.45 25.04 -21.94
C ALA D 50 -28.10 23.87 -21.23
N ARG D 51 -29.37 23.97 -20.87
CA ARG D 51 -30.06 22.91 -20.16
C ARG D 51 -31.02 22.15 -21.05
N ILE D 52 -31.01 22.44 -22.35
CA ILE D 52 -31.95 21.87 -23.31
C ILE D 52 -31.14 21.23 -24.43
N ARG D 53 -31.46 19.98 -24.74
CA ARG D 53 -30.73 19.26 -25.77
C ARG D 53 -31.07 19.84 -27.15
N PRO D 54 -30.20 19.64 -28.13
CA PRO D 54 -30.55 20.01 -29.50
C PRO D 54 -31.68 19.15 -30.04
N ASN D 55 -32.38 19.71 -31.03
CA ASN D 55 -33.54 19.08 -31.68
C ASN D 55 -34.60 18.71 -30.66
N PHE D 56 -34.87 19.63 -29.75
CA PHE D 56 -35.77 19.35 -28.63
C PHE D 56 -37.20 19.25 -29.12
N LYS D 57 -37.95 18.33 -28.52
CA LYS D 57 -39.26 17.86 -28.98
C LYS D 57 -39.19 17.39 -30.43
N GLY D 58 -38.14 16.64 -30.75
CA GLY D 58 -37.96 16.14 -32.08
C GLY D 58 -37.26 14.81 -32.09
N PRO D 59 -36.44 14.56 -33.11
CA PRO D 59 -35.67 13.32 -33.17
C PRO D 59 -34.57 13.33 -32.13
N PRO D 60 -34.04 12.16 -31.74
CA PRO D 60 -33.01 12.14 -30.70
C PRO D 60 -31.69 12.67 -31.20
N VAL D 61 -30.77 12.87 -30.26
CA VAL D 61 -29.46 13.44 -30.55
C VAL D 61 -28.50 12.29 -30.85
N ASN D 62 -27.85 12.34 -32.00
CA ASN D 62 -26.94 11.29 -32.44
C ASN D 62 -25.51 11.73 -32.14
N VAL D 63 -25.02 11.30 -31.00
CA VAL D 63 -23.64 11.54 -30.59
C VAL D 63 -22.79 10.40 -31.13
N THR D 64 -21.69 10.74 -31.80
CA THR D 64 -20.77 9.75 -32.33
C THR D 64 -19.41 9.89 -31.64
N CYS D 65 -18.86 8.76 -31.19
CA CYS D 65 -17.77 8.75 -30.24
C CYS D 65 -16.61 7.90 -30.74
N ASN D 66 -15.41 8.28 -30.32
CA ASN D 66 -14.23 7.44 -30.48
C ASN D 66 -13.21 7.81 -29.42
N ILE D 67 -12.40 6.82 -29.02
CA ILE D 67 -11.42 6.99 -27.96
C ILE D 67 -10.02 6.83 -28.54
N PHE D 68 -9.03 7.21 -27.74
CA PHE D 68 -7.63 7.16 -28.14
C PHE D 68 -6.83 6.76 -26.92
N ILE D 69 -6.37 5.52 -26.87
CA ILE D 69 -5.73 4.99 -25.67
C ILE D 69 -4.28 5.46 -25.62
N ASN D 70 -3.98 6.38 -24.70
CA ASN D 70 -2.60 6.82 -24.50
C ASN D 70 -1.82 5.78 -23.72
N SER D 71 -2.24 5.50 -22.50
CA SER D 71 -1.60 4.52 -21.65
C SER D 71 -2.57 3.40 -21.35
N PHE D 72 -2.02 2.25 -20.99
CA PHE D 72 -2.81 1.06 -20.71
C PHE D 72 -1.96 0.21 -19.78
N GLY D 73 -2.59 -0.47 -18.85
CA GLY D 73 -1.82 -1.39 -18.05
C GLY D 73 -2.16 -1.25 -16.59
N SER D 74 -1.21 -1.71 -15.77
CA SER D 74 -1.42 -1.97 -14.34
C SER D 74 -2.66 -2.81 -14.12
N ILE D 75 -2.72 -3.94 -14.84
CA ILE D 75 -3.85 -4.84 -14.80
C ILE D 75 -3.73 -5.71 -13.55
N ALA D 76 -4.30 -5.25 -12.45
CA ALA D 76 -4.28 -6.01 -11.21
C ALA D 76 -5.31 -7.13 -11.28
N GLU D 77 -4.89 -8.34 -10.90
CA GLU D 77 -5.76 -9.49 -11.02
C GLU D 77 -6.42 -9.88 -9.71
N THR D 78 -5.82 -9.51 -8.58
CA THR D 78 -6.52 -9.63 -7.30
C THR D 78 -7.69 -8.67 -7.25
N THR D 79 -7.46 -7.41 -7.63
CA THR D 79 -8.51 -6.39 -7.62
C THR D 79 -9.46 -6.56 -8.80
N MET D 80 -9.00 -7.22 -9.87
CA MET D 80 -9.72 -7.40 -11.14
C MET D 80 -10.13 -6.04 -11.73
N ASP D 81 -9.12 -5.24 -12.01
CA ASP D 81 -9.33 -3.95 -12.67
C ASP D 81 -8.10 -3.60 -13.49
N TYR D 82 -8.20 -2.53 -14.26
CA TYR D 82 -7.09 -2.09 -15.08
C TYR D 82 -7.22 -0.60 -15.32
N ARG D 83 -6.10 0.10 -15.29
CA ARG D 83 -6.07 1.54 -15.44
C ARG D 83 -5.74 1.91 -16.88
N VAL D 84 -6.48 2.88 -17.41
CA VAL D 84 -6.33 3.30 -18.79
C VAL D 84 -6.36 4.83 -18.80
N ASN D 85 -5.86 5.42 -19.88
CA ASN D 85 -5.77 6.86 -20.02
C ASN D 85 -6.13 7.18 -21.46
N ILE D 86 -7.29 7.82 -21.67
CA ILE D 86 -7.86 7.95 -23.00
C ILE D 86 -8.10 9.42 -23.34
N PHE D 87 -8.35 9.68 -24.62
CA PHE D 87 -8.93 10.91 -25.14
C PHE D 87 -10.33 10.56 -25.62
N LEU D 88 -11.35 11.06 -24.95
CA LEU D 88 -12.73 10.79 -25.32
C LEU D 88 -13.23 11.90 -26.24
N ARG D 89 -13.42 11.58 -27.51
CA ARG D 89 -13.93 12.53 -28.48
C ARG D 89 -15.41 12.27 -28.69
N GLN D 90 -16.20 13.33 -28.71
CA GLN D 90 -17.64 13.25 -28.94
C GLN D 90 -18.01 14.26 -30.00
N GLN D 91 -18.91 13.87 -30.90
CA GLN D 91 -19.36 14.77 -31.95
C GLN D 91 -20.88 14.70 -32.04
N TRP D 92 -21.53 15.85 -31.98
CA TRP D 92 -22.96 15.95 -32.21
C TRP D 92 -23.21 17.21 -33.02
N ASN D 93 -24.48 17.48 -33.30
CA ASN D 93 -24.88 18.59 -34.14
C ASN D 93 -25.88 19.43 -33.38
N ASP D 94 -25.51 20.66 -33.06
CA ASP D 94 -26.42 21.59 -32.40
C ASP D 94 -26.84 22.63 -33.43
N PRO D 95 -28.09 22.61 -33.91
CA PRO D 95 -28.49 23.56 -34.96
C PRO D 95 -28.65 24.98 -34.45
N ARG D 96 -28.66 25.20 -33.14
CA ARG D 96 -28.67 26.53 -32.57
C ARG D 96 -27.31 27.20 -32.61
N LEU D 97 -26.27 26.47 -32.97
CA LEU D 97 -24.93 27.03 -33.04
C LEU D 97 -24.47 27.25 -34.47
N ALA D 98 -25.38 27.17 -35.43
CA ALA D 98 -25.02 27.45 -36.81
C ALA D 98 -24.87 28.94 -37.00
N TYR D 99 -23.74 29.35 -37.57
CA TYR D 99 -23.46 30.75 -37.83
C TYR D 99 -23.10 30.94 -39.30
N SER D 100 -23.30 32.16 -39.78
CA SER D 100 -22.88 32.50 -41.13
C SER D 100 -22.25 33.88 -41.25
N GLU D 101 -22.35 34.73 -40.24
CA GLU D 101 -21.78 36.08 -40.34
C GLU D 101 -20.27 36.04 -40.22
N TYR D 102 -19.76 35.31 -39.25
CA TYR D 102 -18.33 35.23 -39.03
C TYR D 102 -17.68 34.44 -40.17
N PRO D 103 -16.60 34.92 -40.76
CA PRO D 103 -16.13 34.34 -42.03
C PRO D 103 -15.44 32.99 -41.92
N ASP D 104 -14.75 32.73 -40.81
CA ASP D 104 -13.93 31.53 -40.74
C ASP D 104 -14.78 30.32 -40.36
N ASP D 105 -14.14 29.15 -40.30
CA ASP D 105 -14.86 27.89 -40.36
C ASP D 105 -14.91 27.12 -39.05
N SER D 106 -14.21 27.57 -38.01
CA SER D 106 -14.24 26.88 -36.73
C SER D 106 -14.00 27.89 -35.62
N LEU D 107 -14.68 27.70 -34.50
CA LEU D 107 -14.58 28.56 -33.34
C LEU D 107 -14.23 27.71 -32.13
N ASP D 108 -12.99 27.81 -31.68
CA ASP D 108 -12.58 27.13 -30.46
C ASP D 108 -13.14 27.83 -29.24
N LEU D 109 -13.95 27.12 -28.46
CA LEU D 109 -14.47 27.64 -27.20
C LEU D 109 -13.43 27.42 -26.12
N ASP D 110 -13.22 28.43 -25.28
CA ASP D 110 -12.23 28.32 -24.22
C ASP D 110 -12.76 27.41 -23.11
N PRO D 111 -11.89 26.59 -22.50
CA PRO D 111 -12.36 25.65 -21.47
C PRO D 111 -12.91 26.30 -20.21
N SER D 112 -12.71 27.59 -19.99
CA SER D 112 -13.40 28.26 -18.90
C SER D 112 -14.88 28.46 -19.21
N MET D 113 -15.24 28.53 -20.49
CA MET D 113 -16.60 28.80 -20.91
C MET D 113 -17.34 27.56 -21.36
N LEU D 114 -16.90 26.38 -20.92
CA LEU D 114 -17.57 25.15 -21.31
C LEU D 114 -18.81 24.86 -20.48
N ASP D 115 -19.06 25.63 -19.44
CA ASP D 115 -20.24 25.44 -18.60
C ASP D 115 -21.47 26.14 -19.15
N SER D 116 -21.45 26.52 -20.42
CA SER D 116 -22.50 27.34 -20.98
C SER D 116 -23.10 26.79 -22.26
N ILE D 117 -22.66 25.61 -22.73
CA ILE D 117 -23.33 24.96 -23.84
C ILE D 117 -23.71 23.54 -23.41
N TRP D 118 -24.55 22.92 -24.22
CA TRP D 118 -25.06 21.59 -23.91
C TRP D 118 -24.00 20.55 -24.24
N LYS D 119 -23.77 19.63 -23.32
CA LYS D 119 -22.86 18.52 -23.52
C LYS D 119 -23.52 17.23 -23.07
N PRO D 120 -23.25 16.12 -23.71
CA PRO D 120 -23.87 14.85 -23.32
C PRO D 120 -23.36 14.36 -21.98
N ASP D 121 -24.24 13.67 -21.26
CA ASP D 121 -23.91 13.15 -19.93
C ASP D 121 -23.41 11.71 -20.01
N LEU D 122 -22.32 11.54 -20.73
CA LEU D 122 -21.72 10.23 -20.86
C LEU D 122 -21.04 9.84 -19.56
N PHE D 123 -21.09 8.55 -19.24
CA PHE D 123 -20.31 8.04 -18.12
C PHE D 123 -19.95 6.60 -18.45
N PHE D 124 -19.20 5.98 -17.55
CA PHE D 124 -18.71 4.64 -17.74
C PHE D 124 -19.40 3.72 -16.74
N ALA D 125 -19.99 2.64 -17.24
CA ALA D 125 -20.79 1.78 -16.37
C ALA D 125 -19.95 0.93 -15.43
N ASN D 126 -18.64 0.94 -15.59
CA ASN D 126 -17.71 0.21 -14.75
C ASN D 126 -16.55 1.10 -14.34
N GLU D 127 -16.89 2.28 -13.80
CA GLU D 127 -15.90 3.32 -13.48
C GLU D 127 -14.88 2.83 -12.47
N LYS D 128 -15.33 2.48 -11.26
CA LYS D 128 -14.48 2.20 -10.09
C LYS D 128 -13.48 3.33 -9.88
N GLY D 129 -13.98 4.55 -9.88
CA GLY D 129 -13.10 5.70 -9.74
C GLY D 129 -12.50 6.18 -11.04
N ALA D 130 -12.55 7.50 -11.24
CA ALA D 130 -12.01 8.15 -12.42
C ALA D 130 -11.82 9.61 -12.09
N ASN D 131 -11.01 10.31 -12.89
CA ASN D 131 -10.75 11.71 -12.64
C ASN D 131 -10.34 12.42 -13.91
N PHE D 132 -10.38 13.76 -13.85
CA PHE D 132 -9.92 14.59 -14.93
C PHE D 132 -8.45 14.97 -14.76
N HIS D 133 -7.87 15.49 -15.83
CA HIS D 133 -6.52 16.02 -15.85
C HIS D 133 -6.61 17.53 -15.98
N GLU D 134 -6.12 18.24 -14.96
CA GLU D 134 -6.34 19.68 -14.86
C GLU D 134 -5.05 20.46 -14.68
N VAL D 135 -3.92 19.93 -15.14
CA VAL D 135 -2.63 20.54 -14.86
C VAL D 135 -2.24 21.47 -16.00
N THR D 136 -2.02 22.74 -15.63
CA THR D 136 -1.64 23.95 -16.36
C THR D 136 -2.83 24.51 -17.16
N THR D 137 -3.90 23.75 -17.34
CA THR D 137 -5.16 24.09 -18.00
C THR D 137 -6.03 22.85 -17.80
N ASP D 138 -7.34 23.03 -17.69
CA ASP D 138 -8.25 21.91 -17.84
C ASP D 138 -8.07 21.30 -19.21
N ASN D 139 -7.68 20.03 -19.25
CA ASN D 139 -7.38 19.36 -20.52
C ASN D 139 -8.68 19.04 -21.24
N LYS D 140 -9.26 20.07 -21.83
CA LYS D 140 -10.54 19.99 -22.51
C LYS D 140 -10.40 20.74 -23.83
N LEU D 141 -11.32 20.49 -24.74
CA LEU D 141 -11.21 21.01 -26.09
C LEU D 141 -12.57 21.01 -26.74
N LEU D 142 -12.95 22.13 -27.34
CA LEU D 142 -14.23 22.17 -28.03
C LEU D 142 -14.16 23.14 -29.20
N ARG D 143 -14.68 22.71 -30.34
CA ARG D 143 -14.70 23.55 -31.52
C ARG D 143 -16.01 23.33 -32.27
N ILE D 144 -16.49 24.39 -32.91
CA ILE D 144 -17.82 24.44 -33.49
C ILE D 144 -17.67 24.81 -34.96
N SER D 145 -18.22 23.97 -35.83
CA SER D 145 -18.19 24.26 -37.26
C SER D 145 -19.33 25.20 -37.63
N LYS D 146 -19.41 25.55 -38.92
CA LYS D 146 -20.41 26.50 -39.36
C LYS D 146 -21.80 25.90 -39.39
N ASN D 147 -21.91 24.60 -39.65
CA ASN D 147 -23.19 23.92 -39.64
C ASN D 147 -23.58 23.38 -38.28
N GLY D 148 -22.89 23.79 -37.23
CA GLY D 148 -23.26 23.43 -35.89
C GLY D 148 -22.64 22.15 -35.38
N ASN D 149 -21.70 21.55 -36.11
CA ASN D 149 -21.04 20.35 -35.63
C ASN D 149 -20.10 20.70 -34.48
N VAL D 150 -20.25 20.01 -33.36
CA VAL D 150 -19.50 20.31 -32.15
C VAL D 150 -18.60 19.12 -31.84
N LEU D 151 -17.29 19.33 -31.90
CA LEU D 151 -16.33 18.35 -31.42
C LEU D 151 -15.98 18.66 -29.98
N TYR D 152 -15.82 17.61 -29.17
CA TYR D 152 -15.55 17.80 -27.75
C TYR D 152 -14.65 16.67 -27.27
N SER D 153 -13.38 16.98 -27.07
CA SER D 153 -12.37 16.01 -26.68
C SER D 153 -11.86 16.34 -25.28
N ILE D 154 -11.80 15.33 -24.42
CA ILE D 154 -11.30 15.48 -23.05
C ILE D 154 -10.40 14.30 -22.70
N ARG D 155 -9.53 14.52 -21.72
CA ARG D 155 -8.58 13.51 -21.27
C ARG D 155 -9.05 12.97 -19.92
N ILE D 156 -9.22 11.64 -19.84
CA ILE D 156 -9.79 10.98 -18.68
C ILE D 156 -8.87 9.85 -18.27
N THR D 157 -8.68 9.67 -16.97
CA THR D 157 -8.03 8.48 -16.42
C THR D 157 -9.08 7.62 -15.75
N LEU D 158 -9.13 6.35 -16.11
CA LEU D 158 -10.16 5.41 -15.67
C LEU D 158 -9.50 4.24 -14.96
N VAL D 159 -10.19 3.66 -13.97
CA VAL D 159 -9.71 2.40 -13.40
C VAL D 159 -10.84 1.38 -13.58
N LEU D 160 -10.88 0.75 -14.75
CA LEU D 160 -12.07 0.03 -15.19
C LEU D 160 -12.09 -1.38 -14.64
N ALA D 161 -13.27 -1.84 -14.24
CA ALA D 161 -13.43 -3.18 -13.69
C ALA D 161 -13.66 -4.20 -14.79
N CYS D 162 -13.04 -5.37 -14.65
CA CYS D 162 -13.32 -6.45 -15.59
C CYS D 162 -13.18 -7.79 -14.89
N PRO D 163 -14.09 -8.73 -15.14
CA PRO D 163 -13.98 -10.05 -14.53
C PRO D 163 -12.92 -10.90 -15.21
N MET D 164 -12.21 -11.69 -14.41
CA MET D 164 -11.08 -12.48 -14.89
C MET D 164 -11.47 -13.95 -14.92
N ASP D 165 -11.54 -14.51 -16.13
CA ASP D 165 -11.75 -15.94 -16.30
C ASP D 165 -10.36 -16.59 -16.29
N LEU D 166 -10.09 -17.37 -15.26
CA LEU D 166 -8.76 -17.96 -15.08
C LEU D 166 -8.82 -19.47 -15.05
N LYS D 167 -9.54 -20.09 -15.99
CA LYS D 167 -9.62 -21.55 -16.00
C LYS D 167 -8.33 -22.16 -16.53
N ASN D 168 -7.61 -21.43 -17.37
CA ASN D 168 -6.31 -21.85 -17.89
C ASN D 168 -5.37 -20.66 -17.80
N PHE D 169 -4.73 -20.51 -16.63
CA PHE D 169 -4.27 -19.19 -16.21
C PHE D 169 -3.08 -18.64 -17.01
N PRO D 170 -1.99 -19.38 -17.27
CA PRO D 170 -0.97 -18.78 -18.13
C PRO D 170 -1.31 -18.85 -19.61
N MET D 171 -2.37 -19.56 -19.98
CA MET D 171 -2.69 -19.82 -21.37
C MET D 171 -4.01 -19.19 -21.78
N ASP D 172 -4.42 -18.11 -21.14
CA ASP D 172 -5.73 -17.53 -21.37
C ASP D 172 -5.67 -16.29 -22.23
N VAL D 173 -6.84 -15.92 -22.76
CA VAL D 173 -7.04 -14.66 -23.45
C VAL D 173 -8.06 -13.88 -22.64
N GLN D 174 -7.61 -12.86 -21.92
CA GLN D 174 -8.48 -12.07 -21.08
C GLN D 174 -9.15 -10.97 -21.87
N THR D 175 -10.48 -10.92 -21.79
CA THR D 175 -11.27 -9.91 -22.45
C THR D 175 -11.78 -8.93 -21.40
N CYS D 176 -11.22 -7.74 -21.38
CA CYS D 176 -11.64 -6.68 -20.48
C CYS D 176 -12.19 -5.53 -21.30
N ILE D 177 -13.38 -5.05 -20.93
CA ILE D 177 -14.14 -4.15 -21.78
C ILE D 177 -14.24 -2.77 -21.15
N MET D 178 -14.88 -1.85 -21.87
CA MET D 178 -15.27 -0.56 -21.32
C MET D 178 -16.52 -0.11 -22.05
N GLN D 179 -17.47 0.42 -21.31
CA GLN D 179 -18.79 0.73 -21.84
C GLN D 179 -19.23 2.12 -21.43
N LEU D 180 -19.91 2.80 -22.34
CA LEU D 180 -20.13 4.24 -22.28
C LEU D 180 -21.63 4.49 -22.33
N GLU D 181 -22.23 4.83 -21.20
CA GLU D 181 -23.67 4.95 -21.12
C GLU D 181 -24.10 6.40 -21.05
N SER D 182 -25.41 6.59 -21.09
CA SER D 182 -26.02 7.88 -20.80
C SER D 182 -26.72 7.79 -19.45
N PHE D 183 -26.56 8.83 -18.63
CA PHE D 183 -27.08 8.74 -17.27
C PHE D 183 -28.47 9.33 -17.14
N GLY D 184 -28.80 10.36 -17.90
CA GLY D 184 -30.05 11.07 -17.67
C GLY D 184 -30.99 11.12 -18.85
N TYR D 185 -30.47 10.92 -20.05
CA TYR D 185 -31.28 10.94 -21.26
C TYR D 185 -31.52 9.51 -21.72
N THR D 186 -32.75 9.22 -22.12
CA THR D 186 -33.11 7.87 -22.51
C THR D 186 -32.84 7.67 -24.00
N MET D 187 -33.32 6.55 -24.54
CA MET D 187 -33.04 6.23 -25.93
C MET D 187 -33.82 7.11 -26.89
N ASN D 188 -34.97 7.62 -26.48
CA ASN D 188 -35.73 8.52 -27.33
C ASN D 188 -35.25 9.96 -27.25
N ASP D 189 -34.12 10.22 -26.60
CA ASP D 189 -33.58 11.56 -26.50
C ASP D 189 -32.13 11.61 -26.97
N LEU D 190 -31.36 10.56 -26.72
CA LEU D 190 -29.93 10.60 -26.97
C LEU D 190 -29.42 9.21 -27.27
N ILE D 191 -28.71 9.06 -28.39
CA ILE D 191 -28.22 7.77 -28.87
C ILE D 191 -26.72 7.88 -29.11
N PHE D 192 -25.95 6.98 -28.51
CA PHE D 192 -24.53 6.88 -28.75
C PHE D 192 -24.23 5.94 -29.89
N GLU D 193 -23.22 6.29 -30.69
CA GLU D 193 -22.74 5.44 -31.77
C GLU D 193 -21.23 5.52 -31.81
N TRP D 194 -20.59 4.46 -32.29
CA TRP D 194 -19.19 4.57 -32.67
C TRP D 194 -19.12 5.13 -34.07
N ASP D 195 -18.10 5.93 -34.34
CA ASP D 195 -17.91 6.39 -35.70
C ASP D 195 -17.28 5.29 -36.55
N GLU D 196 -17.58 5.33 -37.84
CA GLU D 196 -17.13 4.27 -38.74
C GLU D 196 -15.69 4.43 -39.17
N LYS D 197 -15.03 5.53 -38.80
CA LYS D 197 -13.66 5.80 -39.19
C LYS D 197 -12.75 5.70 -37.97
N GLY D 198 -12.35 4.47 -37.64
CA GLY D 198 -11.41 4.26 -36.57
C GLY D 198 -11.96 4.56 -35.18
N ALA D 199 -12.86 3.72 -34.68
CA ALA D 199 -13.54 4.02 -33.44
C ALA D 199 -12.66 3.87 -32.22
N VAL D 200 -11.60 3.07 -32.29
CA VAL D 200 -10.63 2.99 -31.21
C VAL D 200 -9.25 3.04 -31.84
N GLN D 201 -8.51 4.12 -31.58
CA GLN D 201 -7.10 4.16 -31.94
C GLN D 201 -6.28 3.89 -30.69
N VAL D 202 -5.09 3.35 -30.90
CA VAL D 202 -4.12 3.05 -29.86
C VAL D 202 -2.85 3.79 -30.22
N ALA D 203 -2.17 4.35 -29.22
CA ALA D 203 -0.89 5.00 -29.44
C ALA D 203 0.14 4.04 -29.99
N ASP D 204 1.18 4.60 -30.62
CA ASP D 204 2.10 3.80 -31.43
C ASP D 204 2.97 2.91 -30.55
N GLY D 205 3.62 3.49 -29.55
CA GLY D 205 4.53 2.72 -28.74
C GLY D 205 3.90 2.12 -27.51
N LEU D 206 2.64 1.73 -27.60
CA LEU D 206 1.92 1.22 -26.43
C LEU D 206 2.10 -0.28 -26.36
N THR D 207 3.04 -0.71 -25.51
CA THR D 207 3.25 -2.12 -25.24
C THR D 207 2.97 -2.39 -23.76
N LEU D 208 2.78 -3.65 -23.45
CA LEU D 208 2.44 -4.10 -22.11
C LEU D 208 3.49 -5.08 -21.61
N PRO D 209 3.77 -5.09 -20.30
CA PRO D 209 4.80 -6.01 -19.80
C PRO D 209 4.33 -7.45 -19.74
N GLN D 210 3.07 -7.70 -19.43
CA GLN D 210 2.59 -9.05 -19.24
C GLN D 210 1.67 -9.53 -20.35
N PHE D 211 1.19 -8.64 -21.20
CA PHE D 211 0.13 -8.94 -22.14
C PHE D 211 0.52 -8.42 -23.53
N ILE D 212 -0.27 -8.82 -24.51
CA ILE D 212 -0.28 -8.15 -25.81
C ILE D 212 -1.73 -7.82 -26.13
N LEU D 213 -1.92 -6.73 -26.86
CA LEU D 213 -3.25 -6.24 -27.19
C LEU D 213 -3.51 -6.56 -28.66
N LYS D 214 -4.53 -7.36 -28.91
CA LYS D 214 -4.83 -7.77 -30.27
C LYS D 214 -5.49 -6.63 -31.04
N GLU D 215 -5.25 -6.61 -32.35
CA GLU D 215 -5.62 -5.45 -33.16
C GLU D 215 -7.11 -5.39 -33.45
N GLU D 216 -7.80 -6.53 -33.45
CA GLU D 216 -9.24 -6.52 -33.67
C GLU D 216 -9.94 -6.20 -32.36
N LYS D 217 -10.84 -5.23 -32.39
CA LYS D 217 -11.55 -4.77 -31.21
C LYS D 217 -13.04 -4.86 -31.47
N ASP D 218 -13.74 -5.62 -30.65
CA ASP D 218 -15.15 -5.88 -30.87
C ASP D 218 -15.96 -4.68 -30.40
N LEU D 219 -16.72 -4.09 -31.31
CA LEU D 219 -17.52 -2.90 -31.06
C LEU D 219 -18.97 -3.29 -31.15
N ARG D 220 -19.68 -3.31 -30.02
CA ARG D 220 -21.07 -3.73 -30.04
C ARG D 220 -21.88 -2.88 -29.07
N TYR D 221 -23.18 -3.12 -29.06
CA TYR D 221 -24.13 -2.37 -28.25
C TYR D 221 -24.42 -3.09 -26.94
N CYS D 222 -24.75 -2.32 -25.92
CA CYS D 222 -24.96 -2.85 -24.57
C CYS D 222 -26.14 -2.18 -23.90
N THR D 223 -27.23 -1.95 -24.64
CA THR D 223 -28.34 -1.10 -24.21
C THR D 223 -29.01 -1.62 -22.95
N LYS D 224 -29.08 -0.77 -21.94
CA LYS D 224 -29.53 -1.15 -20.61
C LYS D 224 -31.01 -0.85 -20.43
N HIS D 225 -31.65 -1.65 -19.59
CA HIS D 225 -33.05 -1.46 -19.23
C HIS D 225 -33.13 -1.40 -17.72
N TYR D 226 -33.68 -0.31 -17.21
CA TYR D 226 -33.92 -0.16 -15.78
C TYR D 226 -35.41 0.07 -15.55
N ASN D 227 -35.75 0.31 -14.29
CA ASN D 227 -37.12 0.72 -13.99
C ASN D 227 -37.37 2.18 -14.34
N THR D 228 -36.30 2.95 -14.55
CA THR D 228 -36.43 4.34 -14.96
C THR D 228 -36.82 4.44 -16.43
N GLY D 229 -35.98 3.94 -17.31
CA GLY D 229 -36.26 3.91 -18.72
C GLY D 229 -35.30 2.94 -19.36
N LYS D 230 -34.99 3.17 -20.63
CA LYS D 230 -33.92 2.45 -21.29
C LYS D 230 -32.91 3.47 -21.78
N PHE D 231 -31.63 3.15 -21.60
CA PHE D 231 -30.56 4.10 -21.80
C PHE D 231 -29.59 3.56 -22.83
N THR D 232 -28.98 4.45 -23.58
CA THR D 232 -28.06 4.02 -24.61
C THR D 232 -26.73 3.60 -24.00
N CYS D 233 -26.00 2.80 -24.75
CA CYS D 233 -24.75 2.20 -24.30
C CYS D 233 -24.01 1.67 -25.51
N ILE D 234 -22.71 1.93 -25.58
CA ILE D 234 -21.84 1.34 -26.56
C ILE D 234 -20.61 0.84 -25.82
N GLU D 235 -19.99 -0.22 -26.32
CA GLU D 235 -18.83 -0.75 -25.65
C GLU D 235 -17.82 -1.28 -26.64
N ALA D 236 -16.63 -1.56 -26.11
CA ALA D 236 -15.50 -1.99 -26.90
C ALA D 236 -14.75 -3.06 -26.12
N ARG D 237 -14.56 -4.21 -26.74
CA ARG D 237 -13.84 -5.31 -26.13
C ARG D 237 -12.37 -5.23 -26.47
N PHE D 238 -11.52 -5.56 -25.52
CA PHE D 238 -10.08 -5.61 -25.73
C PHE D 238 -9.59 -6.99 -25.34
N HIS D 239 -8.84 -7.62 -26.25
CA HIS D 239 -8.35 -8.97 -26.02
C HIS D 239 -6.90 -8.90 -25.60
N LEU D 240 -6.58 -9.51 -24.47
CA LEU D 240 -5.26 -9.43 -23.86
C LEU D 240 -4.69 -10.84 -23.72
N GLU D 241 -4.01 -11.31 -24.75
CA GLU D 241 -3.29 -12.56 -24.65
C GLU D 241 -2.04 -12.35 -23.80
N ARG D 242 -1.75 -13.31 -22.92
CA ARG D 242 -0.61 -13.17 -22.01
C ARG D 242 0.72 -13.44 -22.72
N GLN D 243 1.76 -13.49 -21.92
CA GLN D 243 3.09 -13.86 -22.36
C GLN D 243 3.50 -15.11 -21.61
N MET D 244 3.88 -16.14 -22.37
CA MET D 244 4.23 -17.42 -21.76
C MET D 244 5.57 -17.35 -21.02
N GLY D 245 6.47 -16.49 -21.50
CA GLY D 245 7.88 -16.56 -21.14
C GLY D 245 8.19 -16.29 -19.69
N TYR D 246 7.34 -15.55 -18.99
CA TYR D 246 7.61 -15.31 -17.57
C TYR D 246 7.32 -16.54 -16.74
N TYR D 247 6.18 -17.17 -16.96
CA TYR D 247 5.75 -18.26 -16.10
C TYR D 247 6.52 -19.54 -16.36
N LEU D 248 7.19 -19.65 -17.51
CA LEU D 248 8.10 -20.76 -17.73
C LEU D 248 9.32 -20.64 -16.82
N ILE D 249 9.84 -19.43 -16.66
CA ILE D 249 11.09 -19.24 -15.93
C ILE D 249 10.86 -19.45 -14.43
N GLN D 250 9.77 -18.91 -13.89
CA GLN D 250 9.60 -18.97 -12.46
C GLN D 250 8.99 -20.28 -11.99
N MET D 251 8.03 -20.83 -12.73
CA MET D 251 7.26 -21.94 -12.20
C MET D 251 7.41 -23.25 -12.96
N TYR D 252 7.34 -23.23 -14.29
CA TYR D 252 7.32 -24.49 -15.02
C TYR D 252 8.68 -25.18 -15.01
N ILE D 253 9.75 -24.45 -15.29
CA ILE D 253 11.09 -25.03 -15.32
C ILE D 253 11.61 -25.44 -13.93
N PRO D 254 11.52 -24.63 -12.86
CA PRO D 254 12.03 -25.13 -11.57
C PRO D 254 11.23 -26.26 -10.97
N SER D 255 9.94 -26.35 -11.27
CA SER D 255 9.17 -27.51 -10.84
C SER D 255 9.53 -28.74 -11.64
N LEU D 256 9.98 -28.56 -12.88
CA LEU D 256 10.41 -29.67 -13.71
C LEU D 256 11.79 -30.18 -13.31
N LEU D 257 12.60 -29.35 -12.66
CA LEU D 257 13.91 -29.81 -12.21
C LEU D 257 13.83 -30.60 -10.92
N ILE D 258 12.87 -30.28 -10.05
CA ILE D 258 12.73 -30.99 -8.79
C ILE D 258 12.19 -32.40 -9.05
N VAL D 259 11.40 -32.57 -10.11
CA VAL D 259 10.95 -33.90 -10.50
C VAL D 259 12.13 -34.73 -11.01
N ILE D 260 13.03 -34.11 -11.78
CA ILE D 260 14.25 -34.78 -12.19
C ILE D 260 15.17 -35.01 -11.00
N LEU D 261 15.13 -34.12 -10.02
CA LEU D 261 15.93 -34.27 -8.81
C LEU D 261 15.48 -35.44 -7.96
N SER D 262 14.22 -35.86 -8.08
CA SER D 262 13.78 -37.09 -7.42
C SER D 262 14.12 -38.33 -8.22
N TRP D 263 14.39 -38.19 -9.51
CA TRP D 263 14.72 -39.34 -10.34
C TRP D 263 16.11 -39.85 -10.10
N VAL D 264 17.01 -39.03 -9.54
CA VAL D 264 18.37 -39.50 -9.26
C VAL D 264 18.45 -40.30 -7.97
N SER D 265 17.32 -40.51 -7.29
CA SER D 265 17.30 -41.44 -6.17
C SER D 265 17.49 -42.86 -6.62
N PHE D 266 17.00 -43.20 -7.82
CA PHE D 266 17.02 -44.58 -8.30
C PHE D 266 18.42 -45.04 -8.70
N TRP D 267 19.35 -44.11 -8.88
CA TRP D 267 20.73 -44.43 -9.22
C TRP D 267 21.63 -44.44 -8.00
N ILE D 268 21.04 -44.34 -6.80
CA ILE D 268 21.76 -44.38 -5.54
C ILE D 268 21.52 -45.74 -4.91
N ASN D 269 22.55 -46.28 -4.24
CA ASN D 269 22.50 -47.59 -3.63
C ASN D 269 21.38 -47.68 -2.59
N MET D 270 20.81 -48.89 -2.46
CA MET D 270 19.70 -49.09 -1.55
C MET D 270 20.15 -49.10 -0.10
N ASP D 271 21.39 -49.52 0.15
CA ASP D 271 21.91 -49.57 1.50
C ASP D 271 22.19 -48.18 2.07
N ALA D 272 22.35 -47.17 1.20
CA ALA D 272 22.51 -45.80 1.63
C ALA D 272 21.13 -45.24 1.97
N ALA D 273 20.65 -45.60 3.15
CA ALA D 273 19.31 -45.26 3.60
C ALA D 273 19.07 -43.76 3.85
N PRO D 274 19.97 -42.98 4.49
CA PRO D 274 19.70 -41.54 4.55
C PRO D 274 19.95 -40.81 3.24
N ALA D 275 20.53 -41.46 2.24
CA ALA D 275 20.72 -40.81 0.95
C ALA D 275 19.44 -40.82 0.14
N ARG D 276 18.79 -41.98 0.02
CA ARG D 276 17.57 -42.06 -0.77
C ARG D 276 16.37 -41.48 -0.04
N VAL D 277 16.32 -41.59 1.28
CA VAL D 277 15.23 -40.97 2.03
C VAL D 277 15.42 -39.47 2.09
N GLY D 278 16.64 -39.02 2.42
CA GLY D 278 16.95 -37.61 2.53
C GLY D 278 16.80 -36.83 1.25
N LEU D 279 16.87 -37.51 0.10
CA LEU D 279 16.50 -36.87 -1.15
C LEU D 279 14.99 -36.78 -1.30
N GLY D 280 14.29 -37.86 -0.95
CA GLY D 280 12.84 -37.88 -1.08
C GLY D 280 12.11 -37.00 -0.10
N ILE D 281 12.71 -36.71 1.05
CA ILE D 281 12.09 -35.80 2.01
C ILE D 281 12.07 -34.39 1.46
N THR D 282 13.21 -33.94 0.92
CA THR D 282 13.40 -32.53 0.63
C THR D 282 12.66 -32.12 -0.63
N THR D 283 12.65 -32.98 -1.66
CA THR D 283 12.01 -32.61 -2.92
C THR D 283 10.49 -32.58 -2.79
N VAL D 284 9.91 -33.41 -1.92
CA VAL D 284 8.46 -33.42 -1.78
C VAL D 284 7.97 -32.25 -0.96
N LEU D 285 8.85 -31.57 -0.24
CA LEU D 285 8.46 -30.42 0.55
C LEU D 285 8.93 -29.09 -0.03
N THR D 286 9.82 -29.11 -1.02
CA THR D 286 10.05 -27.91 -1.80
C THR D 286 8.98 -27.72 -2.87
N MET D 287 8.39 -28.81 -3.34
CA MET D 287 7.27 -28.69 -4.27
C MET D 287 6.03 -28.11 -3.59
N THR D 288 5.91 -28.31 -2.28
CA THR D 288 4.85 -27.63 -1.54
C THR D 288 5.16 -26.14 -1.41
N THR D 289 6.45 -25.79 -1.31
CA THR D 289 6.84 -24.39 -1.31
C THR D 289 6.66 -23.75 -2.68
N GLN D 290 7.00 -24.48 -3.74
CA GLN D 290 6.84 -23.95 -5.09
C GLN D 290 5.37 -23.84 -5.48
N SER D 291 4.50 -24.63 -4.87
CA SER D 291 3.07 -24.50 -5.14
C SER D 291 2.42 -23.43 -4.29
N SER D 292 2.93 -23.19 -3.08
CA SER D 292 2.39 -22.12 -2.26
C SER D 292 2.75 -20.75 -2.81
N GLY D 293 3.92 -20.63 -3.43
CA GLY D 293 4.29 -19.41 -4.11
C GLY D 293 3.73 -19.29 -5.50
N SER D 294 3.09 -20.33 -6.00
CA SER D 294 2.49 -20.28 -7.33
C SER D 294 1.23 -19.44 -7.38
N ARG D 295 0.59 -19.23 -6.23
CA ARG D 295 -0.67 -18.51 -6.15
C ARG D 295 -0.56 -17.35 -5.18
N ALA D 296 0.58 -16.67 -5.19
CA ALA D 296 0.79 -15.56 -4.26
C ALA D 296 0.13 -14.27 -4.74
N SER D 297 0.00 -14.09 -6.05
CA SER D 297 -0.51 -12.84 -6.57
C SER D 297 -1.77 -13.06 -7.40
N LEU D 298 -2.69 -13.84 -6.87
CA LEU D 298 -3.89 -14.25 -7.58
C LEU D 298 -5.12 -14.03 -6.73
N PRO D 299 -6.29 -13.89 -7.36
CA PRO D 299 -7.53 -13.97 -6.60
C PRO D 299 -7.76 -15.39 -6.11
N LYS D 300 -8.56 -15.49 -5.05
CA LYS D 300 -8.76 -16.76 -4.37
C LYS D 300 -9.96 -17.47 -4.99
N VAL D 301 -9.80 -17.85 -6.24
CA VAL D 301 -10.86 -18.51 -7.00
C VAL D 301 -11.01 -19.95 -6.53
N SER D 302 -12.22 -20.48 -6.68
CA SER D 302 -12.50 -21.82 -6.18
C SER D 302 -12.06 -22.90 -7.15
N TYR D 303 -12.34 -22.70 -8.44
CA TYR D 303 -12.07 -23.71 -9.45
C TYR D 303 -10.57 -23.91 -9.65
N VAL D 304 -10.23 -25.05 -10.18
CA VAL D 304 -8.84 -25.41 -10.40
C VAL D 304 -8.39 -24.89 -11.75
N LYS D 305 -7.19 -24.34 -11.81
CA LYS D 305 -6.66 -23.71 -13.00
C LYS D 305 -5.46 -24.51 -13.50
N ALA D 306 -4.99 -24.15 -14.71
CA ALA D 306 -4.02 -24.98 -15.43
C ALA D 306 -2.66 -25.00 -14.77
N ILE D 307 -2.33 -23.99 -13.97
CA ILE D 307 -1.10 -24.06 -13.20
C ILE D 307 -1.29 -24.91 -11.95
N ASP D 308 -2.53 -25.06 -11.49
CA ASP D 308 -2.76 -25.90 -10.32
C ASP D 308 -2.79 -27.37 -10.67
N ILE D 309 -3.16 -27.72 -11.91
CA ILE D 309 -3.08 -29.12 -12.31
C ILE D 309 -1.68 -29.49 -12.77
N TRP D 310 -0.78 -28.52 -12.91
CA TRP D 310 0.62 -28.83 -13.11
C TRP D 310 1.32 -29.09 -11.79
N MET D 311 1.09 -28.20 -10.81
CA MET D 311 1.76 -28.32 -9.53
C MET D 311 1.19 -29.42 -8.66
N ALA D 312 0.10 -30.06 -9.05
CA ALA D 312 -0.41 -31.20 -8.33
C ALA D 312 0.04 -32.53 -8.94
N VAL D 313 0.18 -32.60 -10.27
CA VAL D 313 0.72 -33.80 -10.88
C VAL D 313 2.22 -33.88 -10.66
N CYS D 314 2.92 -32.75 -10.74
CA CYS D 314 4.34 -32.73 -10.42
C CYS D 314 4.59 -32.99 -8.94
N LEU D 315 3.63 -32.66 -8.08
CA LEU D 315 3.73 -33.08 -6.69
C LEU D 315 3.48 -34.56 -6.54
N LEU D 316 2.70 -35.16 -7.45
CA LEU D 316 2.41 -36.58 -7.37
C LEU D 316 3.62 -37.43 -7.73
N PHE D 317 4.48 -36.95 -8.64
CA PHE D 317 5.67 -37.71 -9.00
C PHE D 317 6.68 -37.72 -7.87
N VAL D 318 6.91 -36.58 -7.22
CA VAL D 318 7.88 -36.55 -6.14
C VAL D 318 7.33 -37.17 -4.87
N PHE D 319 6.01 -37.31 -4.76
CA PHE D 319 5.44 -38.02 -3.61
C PHE D 319 5.46 -39.52 -3.84
N SER D 320 5.47 -39.95 -5.09
CA SER D 320 5.61 -41.37 -5.41
C SER D 320 7.05 -41.82 -5.48
N ALA D 321 8.00 -40.89 -5.62
CA ALA D 321 9.41 -41.26 -5.61
C ALA D 321 9.90 -41.67 -4.24
N LEU D 322 9.23 -41.23 -3.17
CA LEU D 322 9.54 -41.69 -1.83
C LEU D 322 8.71 -42.90 -1.45
N LEU D 323 7.52 -43.05 -2.04
CA LEU D 323 6.75 -44.27 -1.87
C LEU D 323 7.37 -45.46 -2.58
N GLU D 324 8.24 -45.21 -3.57
CA GLU D 324 8.93 -46.33 -4.21
C GLU D 324 9.97 -46.93 -3.27
N TYR D 325 10.69 -46.10 -2.53
CA TYR D 325 11.67 -46.63 -1.60
C TYR D 325 11.01 -47.26 -0.37
N ALA D 326 9.78 -46.84 -0.03
CA ALA D 326 9.05 -47.53 1.02
C ALA D 326 8.67 -48.95 0.61
N ALA D 327 8.55 -49.19 -0.70
CA ALA D 327 8.41 -50.56 -1.19
C ALA D 327 9.75 -51.26 -1.27
N VAL D 328 10.83 -50.52 -1.49
CA VAL D 328 12.16 -51.13 -1.52
C VAL D 328 12.58 -51.53 -0.11
N ASN D 329 12.43 -50.61 0.84
CA ASN D 329 12.94 -50.83 2.20
C ASN D 329 12.09 -51.82 2.98
N PHE D 330 10.89 -52.13 2.53
CA PHE D 330 10.08 -53.15 3.17
C PHE D 330 10.34 -54.53 2.61
N ILE D 331 10.62 -54.64 1.31
CA ILE D 331 10.85 -55.95 0.70
C ILE D 331 12.29 -56.39 0.91
N ALA D 332 13.24 -55.45 0.85
CA ALA D 332 14.64 -55.80 1.05
C ALA D 332 14.99 -56.11 2.50
N ARG D 333 14.08 -55.86 3.44
CA ARG D 333 14.28 -56.19 4.84
C ARG D 333 13.56 -57.46 5.24
N GLN D 334 13.05 -58.23 4.29
CA GLN D 334 12.36 -59.47 4.61
C GLN D 334 13.36 -60.58 4.91
N HIS D 335 13.09 -61.33 5.96
CA HIS D 335 13.99 -62.41 6.38
C HIS D 335 13.21 -63.51 7.10
N GLU D 398 17.17 -69.25 -1.39
CA GLU D 398 17.33 -68.57 -0.11
C GLU D 398 16.40 -67.37 -0.02
N MET D 399 15.81 -67.18 1.17
CA MET D 399 14.91 -66.06 1.42
C MET D 399 15.64 -64.71 1.39
N ARG D 400 16.96 -64.72 1.60
CA ARG D 400 17.72 -63.47 1.56
C ARG D 400 17.98 -63.03 0.13
N LYS D 401 18.56 -63.91 -0.69
CA LYS D 401 18.93 -63.55 -2.06
C LYS D 401 17.74 -63.47 -3.00
N LEU D 402 16.54 -63.87 -2.55
CA LEU D 402 15.36 -63.75 -3.39
C LEU D 402 14.82 -62.32 -3.39
N PHE D 403 14.47 -61.81 -2.21
CA PHE D 403 13.81 -60.50 -2.11
C PHE D 403 14.74 -59.34 -2.45
N ILE D 404 16.05 -59.51 -2.31
CA ILE D 404 16.98 -58.50 -2.78
C ILE D 404 16.97 -58.44 -4.30
N SER D 405 16.85 -59.61 -4.95
CA SER D 405 16.71 -59.63 -6.39
C SER D 405 15.33 -59.12 -6.84
N ARG D 406 14.32 -59.23 -5.98
CA ARG D 406 13.02 -58.68 -6.30
C ARG D 406 13.00 -57.17 -6.10
N ALA D 407 13.66 -56.68 -5.05
CA ALA D 407 13.78 -55.24 -4.85
C ALA D 407 14.72 -54.60 -5.86
N LYS D 408 15.63 -55.38 -6.45
CA LYS D 408 16.39 -54.89 -7.59
C LYS D 408 15.51 -54.77 -8.82
N ARG D 409 14.49 -55.62 -8.93
CA ARG D 409 13.63 -55.60 -10.10
C ARG D 409 12.72 -54.36 -10.11
N ILE D 410 12.30 -53.91 -8.93
CA ILE D 410 11.43 -52.73 -8.87
C ILE D 410 12.23 -51.45 -9.14
N ASP D 411 13.55 -51.49 -9.00
CA ASP D 411 14.37 -50.32 -9.33
C ASP D 411 14.73 -50.27 -10.80
N THR D 412 14.87 -51.42 -11.46
CA THR D 412 15.16 -51.41 -12.89
C THR D 412 13.95 -50.98 -13.70
N VAL D 413 12.74 -51.25 -13.20
CA VAL D 413 11.55 -50.82 -13.90
C VAL D 413 11.34 -49.33 -13.70
N SER D 414 11.54 -48.83 -12.48
CA SER D 414 11.24 -47.45 -12.17
C SER D 414 12.27 -46.47 -12.75
N ARG D 415 13.43 -46.93 -13.17
CA ARG D 415 14.33 -46.04 -13.89
C ARG D 415 13.87 -45.78 -15.31
N VAL D 416 12.97 -46.61 -15.83
CA VAL D 416 12.49 -46.47 -17.19
C VAL D 416 11.06 -45.92 -17.12
N ALA D 417 10.33 -46.29 -16.07
CA ALA D 417 8.91 -46.00 -16.01
C ALA D 417 8.63 -44.54 -15.71
N PHE D 418 9.26 -43.99 -14.68
CA PHE D 418 8.88 -42.66 -14.21
C PHE D 418 9.24 -41.51 -15.16
N PRO D 419 10.38 -41.50 -15.87
CA PRO D 419 10.51 -40.52 -16.94
C PRO D 419 9.63 -40.80 -18.15
N LEU D 420 9.14 -42.03 -18.31
CA LEU D 420 8.23 -42.30 -19.42
C LEU D 420 6.82 -41.82 -19.12
N VAL D 421 6.39 -41.89 -17.87
CA VAL D 421 5.07 -41.39 -17.50
C VAL D 421 5.05 -39.88 -17.47
N PHE D 422 6.13 -39.25 -17.02
CA PHE D 422 6.20 -37.79 -17.01
C PHE D 422 6.34 -37.23 -18.42
N LEU D 423 6.89 -38.02 -19.35
CA LEU D 423 6.98 -37.54 -20.72
C LEU D 423 5.63 -37.58 -21.41
N ILE D 424 4.84 -38.64 -21.17
CA ILE D 424 3.53 -38.71 -21.80
C ILE D 424 2.51 -37.85 -21.09
N PHE D 425 2.82 -37.34 -19.91
CA PHE D 425 1.96 -36.33 -19.30
C PHE D 425 2.16 -34.97 -19.95
N ASN D 426 3.42 -34.63 -20.27
CA ASN D 426 3.69 -33.36 -20.94
C ASN D 426 3.11 -33.32 -22.34
N ILE D 427 2.96 -34.47 -22.97
CA ILE D 427 2.28 -34.51 -24.26
C ILE D 427 0.80 -34.22 -24.08
N PHE D 428 0.18 -34.81 -23.07
CA PHE D 428 -1.25 -34.60 -22.85
C PHE D 428 -1.54 -33.25 -22.20
N TYR D 429 -0.55 -32.59 -21.61
CA TYR D 429 -0.77 -31.32 -20.94
C TYR D 429 -0.65 -30.14 -21.91
N TRP D 430 0.44 -30.09 -22.66
CA TRP D 430 0.68 -28.92 -23.50
C TRP D 430 -0.18 -28.93 -24.76
N ILE D 431 -0.61 -30.10 -25.21
CA ILE D 431 -1.51 -30.14 -26.35
C ILE D 431 -2.91 -29.69 -25.93
N THR D 432 -3.31 -30.02 -24.71
CA THR D 432 -4.64 -29.64 -24.21
C THR D 432 -4.75 -28.14 -24.04
N TYR D 433 -3.69 -27.48 -23.59
CA TYR D 433 -3.68 -26.04 -23.44
C TYR D 433 -3.02 -25.32 -24.61
N LYS D 434 -2.97 -25.96 -25.76
CA LYS D 434 -2.72 -25.32 -27.04
C LYS D 434 -3.90 -25.45 -27.99
N ILE D 435 -4.67 -26.54 -27.88
CA ILE D 435 -5.89 -26.67 -28.66
C ILE D 435 -6.99 -25.76 -28.13
N ILE D 436 -6.88 -25.30 -26.89
CA ILE D 436 -7.87 -24.39 -26.32
C ILE D 436 -7.35 -22.96 -26.36
N PRO E 31 2.82 58.09 -8.72
CA PRO E 31 2.02 57.33 -9.68
C PRO E 31 1.18 56.25 -9.01
N MET E 32 0.20 55.73 -9.73
CA MET E 32 -0.66 54.69 -9.20
C MET E 32 0.12 53.38 -9.05
N PRO E 33 -0.21 52.55 -8.07
CA PRO E 33 0.58 51.34 -7.80
C PRO E 33 0.38 50.30 -8.89
N PRO E 34 1.29 49.33 -9.01
CA PRO E 34 1.24 48.42 -10.17
C PRO E 34 0.05 47.49 -10.20
N SER E 35 -0.57 47.19 -9.05
CA SER E 35 -1.76 46.35 -9.09
C SER E 35 -2.94 47.11 -9.66
N GLU E 36 -2.96 48.43 -9.53
CA GLU E 36 -4.00 49.24 -10.13
C GLU E 36 -3.67 49.65 -11.56
N PHE E 37 -2.39 49.80 -11.89
CA PHE E 37 -2.01 50.05 -13.28
C PHE E 37 -2.30 48.83 -14.15
N LEU E 38 -2.11 47.65 -13.60
CA LEU E 38 -2.31 46.43 -14.35
C LEU E 38 -3.77 46.05 -14.43
N ASP E 39 -4.63 46.66 -13.62
CA ASP E 39 -6.07 46.50 -13.81
C ASP E 39 -6.53 47.24 -15.06
N LYS E 40 -5.95 48.40 -15.34
CA LYS E 40 -6.30 49.14 -16.54
C LYS E 40 -5.73 48.50 -17.80
N LEU E 41 -4.74 47.62 -17.66
CA LEU E 41 -4.19 46.90 -18.79
C LEU E 41 -4.92 45.59 -19.05
N MET E 42 -5.80 45.16 -18.13
CA MET E 42 -6.58 43.94 -18.31
C MET E 42 -8.08 44.19 -18.33
N GLY E 43 -8.54 45.42 -18.15
CA GLY E 43 -9.94 45.69 -17.95
C GLY E 43 -10.74 45.66 -19.24
N LYS E 44 -12.00 46.09 -19.12
CA LYS E 44 -12.86 46.22 -20.29
C LYS E 44 -12.38 47.31 -21.21
N VAL E 45 -11.84 48.39 -20.64
CA VAL E 45 -11.12 49.38 -21.43
C VAL E 45 -9.84 48.74 -21.95
N SER E 46 -9.43 49.15 -23.16
CA SER E 46 -8.32 48.69 -24.00
C SER E 46 -8.59 47.33 -24.63
N GLY E 47 -9.70 46.68 -24.32
CA GLY E 47 -10.14 45.51 -25.06
C GLY E 47 -9.30 44.27 -24.90
N TYR E 48 -8.71 44.06 -23.73
CA TYR E 48 -7.95 42.85 -23.51
C TYR E 48 -8.90 41.71 -23.23
N ASP E 49 -8.59 40.54 -23.78
CA ASP E 49 -9.44 39.38 -23.60
C ASP E 49 -8.53 38.18 -23.35
N ALA E 50 -8.77 37.47 -22.26
CA ALA E 50 -7.94 36.34 -21.87
C ALA E 50 -8.27 35.08 -22.62
N ARG E 51 -9.19 35.11 -23.57
CA ARG E 51 -9.57 33.93 -24.33
C ARG E 51 -9.01 33.95 -25.74
N ILE E 52 -8.16 34.93 -26.06
CA ILE E 52 -7.63 35.14 -27.40
C ILE E 52 -6.12 35.15 -27.29
N ARG E 53 -5.47 34.35 -28.14
CA ARG E 53 -4.02 34.27 -28.11
C ARG E 53 -3.40 35.56 -28.64
N PRO E 54 -2.15 35.85 -28.28
CA PRO E 54 -1.45 36.97 -28.90
C PRO E 54 -1.20 36.72 -30.39
N ASN E 55 -1.04 37.83 -31.10
CA ASN E 55 -0.83 37.85 -32.56
C ASN E 55 -1.93 37.10 -33.29
N PHE E 56 -3.16 37.35 -32.87
CA PHE E 56 -4.31 36.62 -33.39
C PHE E 56 -4.57 37.00 -34.84
N LYS E 57 -4.98 35.98 -35.63
CA LYS E 57 -5.04 36.04 -37.09
C LYS E 57 -3.70 36.47 -37.69
N GLY E 58 -2.62 35.93 -37.16
CA GLY E 58 -1.30 36.26 -37.62
C GLY E 58 -0.36 35.08 -37.51
N PRO E 59 0.92 35.36 -37.22
CA PRO E 59 1.88 34.29 -37.03
C PRO E 59 1.62 33.55 -35.73
N PRO E 60 2.10 32.33 -35.57
CA PRO E 60 1.83 31.57 -34.34
C PRO E 60 2.60 32.13 -33.16
N VAL E 61 2.24 31.64 -31.97
CA VAL E 61 2.83 32.09 -30.73
C VAL E 61 4.03 31.20 -30.41
N ASN E 62 5.18 31.83 -30.21
CA ASN E 62 6.43 31.11 -29.95
C ASN E 62 6.69 31.11 -28.45
N VAL E 63 6.26 30.04 -27.79
CA VAL E 63 6.51 29.84 -26.37
C VAL E 63 7.83 29.12 -26.23
N THR E 64 8.71 29.62 -25.37
CA THR E 64 9.99 29.00 -25.12
C THR E 64 10.05 28.54 -23.66
N CYS E 65 10.49 27.31 -23.45
CA CYS E 65 10.30 26.61 -22.19
C CYS E 65 11.61 26.07 -21.66
N ASN E 66 11.71 25.98 -20.34
CA ASN E 66 12.77 25.24 -19.67
C ASN E 66 12.30 24.80 -18.30
N ILE E 67 12.82 23.68 -17.83
CA ILE E 67 12.41 23.08 -16.57
C ILE E 67 13.59 23.09 -15.61
N PHE E 68 13.29 22.83 -14.33
CA PHE E 68 14.30 22.83 -13.27
C PHE E 68 13.93 21.70 -12.31
N ILE E 69 14.68 20.62 -12.35
CA ILE E 69 14.32 19.41 -11.61
C ILE E 69 14.76 19.59 -10.15
N ASN E 70 13.79 19.76 -9.25
CA ASN E 70 14.09 19.83 -7.83
C ASN E 70 14.37 18.44 -7.27
N SER E 71 13.37 17.57 -7.33
CA SER E 71 13.49 16.21 -6.86
C SER E 71 13.29 15.25 -8.03
N PHE E 72 13.81 14.05 -7.85
CA PHE E 72 13.77 13.03 -8.87
C PHE E 72 13.86 11.70 -8.15
N GLY E 73 13.17 10.70 -8.64
CA GLY E 73 13.34 9.40 -8.05
C GLY E 73 12.01 8.72 -7.81
N SER E 74 12.05 7.75 -6.89
CA SER E 74 11.00 6.75 -6.68
C SER E 74 10.63 6.11 -8.01
N ILE E 75 11.65 5.61 -8.70
CA ILE E 75 11.49 4.99 -10.01
C ILE E 75 11.00 3.57 -9.81
N ALA E 76 9.69 3.39 -9.78
CA ALA E 76 9.12 2.07 -9.63
C ALA E 76 9.19 1.33 -10.96
N GLU E 77 9.64 0.09 -10.92
CA GLU E 77 9.84 -0.68 -12.14
C GLU E 77 8.71 -1.67 -12.41
N THR E 78 7.98 -2.07 -11.39
CA THR E 78 6.74 -2.81 -11.63
C THR E 78 5.70 -1.92 -12.28
N THR E 79 5.53 -0.71 -11.74
CA THR E 79 4.57 0.24 -12.27
C THR E 79 5.08 0.91 -13.54
N MET E 80 6.40 0.93 -13.74
CA MET E 80 7.09 1.59 -14.85
C MET E 80 6.73 3.08 -14.90
N ASP E 81 7.05 3.77 -13.82
CA ASP E 81 6.86 5.20 -13.75
C ASP E 81 7.91 5.80 -12.81
N TYR E 82 7.95 7.12 -12.76
CA TYR E 82 8.91 7.81 -11.91
C TYR E 82 8.34 9.17 -11.56
N ARG E 83 8.55 9.58 -10.31
CA ARG E 83 8.02 10.82 -9.79
C ARG E 83 9.09 11.91 -9.84
N VAL E 84 8.70 13.09 -10.32
CA VAL E 84 9.62 14.20 -10.48
C VAL E 84 8.92 15.44 -9.94
N ASN E 85 9.71 16.48 -9.65
CA ASN E 85 9.20 17.72 -9.09
C ASN E 85 9.96 18.85 -9.76
N ILE E 86 9.28 19.63 -10.60
CA ILE E 86 9.95 20.57 -11.48
C ILE E 86 9.43 21.99 -11.25
N PHE E 87 10.16 22.95 -11.81
CA PHE E 87 9.71 24.33 -12.03
C PHE E 87 9.56 24.50 -13.53
N LEU E 88 8.34 24.66 -14.01
CA LEU E 88 8.09 24.82 -15.44
C LEU E 88 8.04 26.30 -15.76
N ARG E 89 9.05 26.80 -16.46
CA ARG E 89 9.10 28.19 -16.88
C ARG E 89 8.67 28.29 -18.33
N GLN E 90 7.83 29.27 -18.63
CA GLN E 90 7.35 29.51 -19.98
C GLN E 90 7.51 30.98 -20.29
N GLN E 91 7.94 31.30 -21.50
CA GLN E 91 8.11 32.68 -21.92
C GLN E 91 7.48 32.87 -23.29
N TRP E 92 6.60 33.86 -23.41
CA TRP E 92 6.05 34.25 -24.69
C TRP E 92 5.96 35.76 -24.72
N ASN E 93 5.45 36.30 -25.82
CA ASN E 93 5.38 37.74 -26.03
C ASN E 93 3.95 38.11 -26.34
N ASP E 94 3.33 38.89 -25.46
CA ASP E 94 1.98 39.38 -25.70
C ASP E 94 2.08 40.86 -26.01
N PRO E 95 1.86 41.27 -27.26
CA PRO E 95 2.01 42.70 -27.60
C PRO E 95 0.93 43.58 -27.04
N ARG E 96 -0.16 43.02 -26.54
CA ARG E 96 -1.20 43.78 -25.88
C ARG E 96 -0.83 44.16 -24.47
N LEU E 97 0.27 43.64 -23.94
CA LEU E 97 0.71 43.96 -22.60
C LEU E 97 1.89 44.90 -22.59
N ALA E 98 2.23 45.49 -23.73
CA ALA E 98 3.31 46.46 -23.76
C ALA E 98 2.86 47.77 -23.14
N TYR E 99 3.64 48.28 -22.20
CA TYR E 99 3.33 49.52 -21.53
C TYR E 99 4.52 50.46 -21.62
N SER E 100 4.24 51.76 -21.52
CA SER E 100 5.30 52.76 -21.48
C SER E 100 5.07 53.86 -20.46
N GLU E 101 3.86 53.98 -19.89
CA GLU E 101 3.61 55.06 -18.94
C GLU E 101 4.26 54.78 -17.60
N TYR E 102 4.10 53.56 -17.10
CA TYR E 102 4.66 53.19 -15.81
C TYR E 102 6.17 53.10 -15.92
N PRO E 103 6.92 53.70 -14.99
CA PRO E 103 8.36 53.90 -15.22
C PRO E 103 9.23 52.66 -15.07
N ASP E 104 8.84 51.72 -14.21
CA ASP E 104 9.71 50.60 -13.92
C ASP E 104 9.58 49.52 -14.98
N ASP E 105 10.35 48.45 -14.83
CA ASP E 105 10.64 47.55 -15.94
C ASP E 105 9.98 46.18 -15.83
N SER E 106 9.33 45.86 -14.71
CA SER E 106 8.65 44.58 -14.58
C SER E 106 7.48 44.73 -13.63
N LEU E 107 6.40 44.02 -13.93
CA LEU E 107 5.18 44.05 -13.13
C LEU E 107 4.82 42.63 -12.74
N ASP E 108 5.03 42.30 -11.48
CA ASP E 108 4.62 40.99 -10.98
C ASP E 108 3.11 40.94 -10.80
N LEU E 109 2.47 40.02 -11.51
CA LEU E 109 1.04 39.79 -11.35
C LEU E 109 0.81 38.86 -10.18
N ASP E 110 -0.18 39.18 -9.35
CA ASP E 110 -0.45 38.36 -8.18
C ASP E 110 -1.11 37.05 -8.61
N PRO E 111 -0.80 35.93 -7.95
CA PRO E 111 -1.38 34.64 -8.36
C PRO E 111 -2.88 34.51 -8.19
N SER E 112 -3.53 35.41 -7.47
CA SER E 112 -4.99 35.43 -7.46
C SER E 112 -5.55 35.96 -8.77
N MET E 113 -4.78 36.78 -9.49
CA MET E 113 -5.25 37.43 -10.70
C MET E 113 -4.70 36.76 -11.95
N LEU E 114 -4.28 35.50 -11.86
CA LEU E 114 -3.76 34.81 -13.04
C LEU E 114 -4.84 34.26 -13.94
N ASP E 115 -6.10 34.33 -13.53
CA ASP E 115 -7.19 33.84 -14.35
C ASP E 115 -7.69 34.88 -15.33
N SER E 116 -6.89 35.92 -15.60
CA SER E 116 -7.34 37.04 -16.39
C SER E 116 -6.42 37.39 -17.55
N ILE E 117 -5.33 36.65 -17.75
CA ILE E 117 -4.51 36.83 -18.94
C ILE E 117 -4.38 35.48 -19.65
N TRP E 118 -3.88 35.55 -20.87
CA TRP E 118 -3.75 34.37 -21.70
C TRP E 118 -2.53 33.56 -21.28
N LYS E 119 -2.71 32.26 -21.12
CA LYS E 119 -1.61 31.37 -20.79
C LYS E 119 -1.69 30.14 -21.70
N PRO E 120 -0.56 29.58 -22.08
CA PRO E 120 -0.58 28.40 -22.96
C PRO E 120 -1.13 27.17 -22.25
N ASP E 121 -1.77 26.31 -23.04
CA ASP E 121 -2.38 25.09 -22.50
C ASP E 121 -1.43 23.91 -22.63
N LEU E 122 -0.29 24.04 -21.98
CA LEU E 122 0.69 22.97 -21.99
C LEU E 122 0.21 21.83 -21.11
N PHE E 123 0.53 20.61 -21.52
CA PHE E 123 0.29 19.45 -20.67
C PHE E 123 1.36 18.43 -20.99
N PHE E 124 1.32 17.32 -20.27
CA PHE E 124 2.32 16.27 -20.40
C PHE E 124 1.65 15.05 -21.00
N ALA E 125 2.21 14.53 -22.09
CA ALA E 125 1.58 13.44 -22.80
C ALA E 125 1.66 12.11 -22.08
N ASN E 126 2.40 12.04 -20.98
CA ASN E 126 2.55 10.85 -20.17
C ASN E 126 2.38 11.19 -18.70
N GLU E 127 1.28 11.88 -18.38
CA GLU E 127 1.05 12.41 -17.04
C GLU E 127 0.99 11.32 -15.99
N LYS E 128 0.03 10.40 -16.12
CA LYS E 128 -0.33 9.40 -15.11
C LYS E 128 -0.51 10.06 -13.74
N GLY E 129 -1.31 11.11 -13.72
CA GLY E 129 -1.52 11.85 -12.49
C GLY E 129 -0.46 12.91 -12.23
N ALA E 130 -0.93 14.10 -11.85
CA ALA E 130 -0.08 15.24 -11.53
C ALA E 130 -0.90 16.22 -10.72
N ASN E 131 -0.23 17.12 -10.02
CA ASN E 131 -0.94 18.09 -9.19
C ASN E 131 -0.11 19.35 -9.00
N PHE E 132 -0.76 20.39 -8.51
CA PHE E 132 -0.11 21.63 -8.17
C PHE E 132 0.29 21.65 -6.69
N HIS E 133 1.13 22.61 -6.36
CA HIS E 133 1.54 22.87 -4.99
C HIS E 133 0.92 24.19 -4.55
N GLU E 134 0.07 24.12 -3.52
CA GLU E 134 -0.76 25.25 -3.16
C GLU E 134 -0.63 25.63 -1.69
N VAL E 135 0.48 25.31 -1.05
CA VAL E 135 0.62 25.48 0.38
C VAL E 135 1.24 26.83 0.69
N THR E 136 0.50 27.63 1.47
CA THR E 136 0.68 28.97 2.01
C THR E 136 0.45 30.03 0.93
N THR E 137 0.42 29.67 -0.35
CA THR E 137 0.17 30.46 -1.54
C THR E 137 0.17 29.46 -2.68
N ASP E 138 -0.63 29.72 -3.71
CA ASP E 138 -0.45 29.02 -4.97
C ASP E 138 0.95 29.28 -5.50
N ASN E 139 1.74 28.22 -5.64
CA ASN E 139 3.15 28.35 -6.05
C ASN E 139 3.20 28.67 -7.54
N LYS E 140 2.90 29.92 -7.86
CA LYS E 140 2.85 30.42 -9.22
C LYS E 140 3.56 31.75 -9.25
N LEU E 141 3.92 32.18 -10.45
CA LEU E 141 4.77 33.36 -10.60
C LEU E 141 4.60 33.90 -12.00
N LEU E 142 4.36 35.20 -12.11
CA LEU E 142 4.24 35.79 -13.44
C LEU E 142 4.73 37.23 -13.40
N ARG E 143 5.52 37.61 -14.39
CA ARG E 143 6.03 38.97 -14.49
C ARG E 143 6.07 39.37 -15.95
N ILE E 144 5.84 40.66 -16.19
CA ILE E 144 5.62 41.20 -17.52
C ILE E 144 6.62 42.33 -17.75
N SER E 145 7.40 42.22 -18.81
CA SER E 145 8.36 43.25 -19.15
C SER E 145 7.67 44.39 -19.91
N LYS E 146 8.44 45.40 -20.28
CA LYS E 146 7.86 46.57 -20.95
C LYS E 146 7.49 46.26 -22.39
N ASN E 147 8.22 45.37 -23.04
CA ASN E 147 7.91 44.99 -24.41
C ASN E 147 6.95 43.83 -24.50
N GLY E 148 6.30 43.47 -23.40
CA GLY E 148 5.29 42.45 -23.41
C GLY E 148 5.77 41.04 -23.17
N ASN E 149 7.03 40.86 -22.81
CA ASN E 149 7.54 39.52 -22.53
C ASN E 149 6.97 39.03 -21.21
N VAL E 150 6.37 37.86 -21.22
CA VAL E 150 5.68 37.31 -20.05
C VAL E 150 6.41 36.06 -19.62
N LEU E 151 6.98 36.09 -18.42
CA LEU E 151 7.54 34.90 -17.78
C LEU E 151 6.48 34.27 -16.90
N TYR E 152 6.41 32.95 -16.88
CA TYR E 152 5.39 32.27 -16.10
C TYR E 152 5.97 30.95 -15.58
N SER E 153 6.29 30.92 -14.29
CA SER E 153 6.91 29.78 -13.64
C SER E 153 5.96 29.19 -12.61
N ILE E 154 5.79 27.88 -12.65
CA ILE E 154 4.93 27.15 -11.72
C ILE E 154 5.64 25.89 -11.25
N ARG E 155 5.22 25.39 -10.10
CA ARG E 155 5.78 24.18 -9.50
C ARG E 155 4.80 23.04 -9.65
N ILE E 156 5.25 21.95 -10.26
CA ILE E 156 4.40 20.82 -10.62
C ILE E 156 5.05 19.54 -10.10
N THR E 157 4.24 18.63 -9.58
CA THR E 157 4.68 17.28 -9.27
C THR E 157 4.06 16.32 -10.27
N LEU E 158 4.89 15.50 -10.91
CA LEU E 158 4.48 14.62 -12.00
C LEU E 158 4.80 13.19 -11.63
N VAL E 159 3.98 12.24 -12.11
CA VAL E 159 4.36 10.84 -11.97
C VAL E 159 4.42 10.25 -13.39
N LEU E 160 5.56 10.40 -14.04
CA LEU E 160 5.64 10.23 -15.48
C LEU E 160 5.87 8.77 -15.84
N ALA E 161 5.22 8.32 -16.90
CA ALA E 161 5.32 6.94 -17.35
C ALA E 161 6.51 6.77 -18.30
N CYS E 162 7.24 5.67 -18.14
CA CYS E 162 8.29 5.35 -19.09
C CYS E 162 8.44 3.85 -19.24
N PRO E 163 8.62 3.35 -20.45
CA PRO E 163 8.81 1.91 -20.64
C PRO E 163 10.22 1.48 -20.25
N MET E 164 10.32 0.29 -19.67
CA MET E 164 11.56 -0.22 -19.14
C MET E 164 12.06 -1.34 -20.04
N ASP E 165 13.20 -1.11 -20.69
CA ASP E 165 13.88 -2.14 -21.46
C ASP E 165 14.83 -2.85 -20.50
N LEU E 166 14.54 -4.11 -20.21
CA LEU E 166 15.29 -4.86 -19.21
C LEU E 166 15.94 -6.10 -19.80
N LYS E 167 16.56 -5.97 -20.97
CA LYS E 167 17.20 -7.14 -21.57
C LYS E 167 18.50 -7.50 -20.86
N ASN E 168 19.14 -6.52 -20.24
CA ASN E 168 20.35 -6.73 -19.44
C ASN E 168 20.20 -5.94 -18.16
N PHE E 169 19.54 -6.56 -17.16
CA PHE E 169 18.85 -5.79 -16.13
C PHE E 169 19.77 -5.05 -15.16
N PRO E 170 20.83 -5.63 -14.57
CA PRO E 170 21.69 -4.79 -13.74
C PRO E 170 22.67 -3.96 -14.55
N MET E 171 22.76 -4.18 -15.86
CA MET E 171 23.77 -3.55 -16.70
C MET E 171 23.16 -2.64 -17.74
N ASP E 172 21.99 -2.08 -17.48
CA ASP E 172 21.29 -1.32 -18.50
C ASP E 172 21.39 0.18 -18.26
N VAL E 173 21.08 0.93 -19.31
CA VAL E 173 20.93 2.38 -19.25
C VAL E 173 19.47 2.67 -19.59
N GLN E 174 18.69 3.03 -18.57
CA GLN E 174 17.28 3.30 -18.77
C GLN E 174 17.06 4.73 -19.21
N THR E 175 16.34 4.89 -20.32
CA THR E 175 16.00 6.21 -20.85
C THR E 175 14.52 6.45 -20.59
N CYS E 176 14.24 7.34 -19.64
CA CYS E 176 12.88 7.74 -19.34
C CYS E 176 12.71 9.21 -19.66
N ILE E 177 11.65 9.54 -20.39
CA ILE E 177 11.50 10.85 -21.01
C ILE E 177 10.37 11.63 -20.37
N MET E 178 10.19 12.86 -20.83
CA MET E 178 9.00 13.65 -20.51
C MET E 178 8.75 14.60 -21.66
N GLN E 179 7.49 14.72 -22.06
CA GLN E 179 7.14 15.45 -23.26
C GLN E 179 5.98 16.39 -23.00
N LEU E 180 6.03 17.56 -23.64
CA LEU E 180 5.23 18.71 -23.29
C LEU E 180 4.43 19.13 -24.51
N GLU E 181 3.14 18.85 -24.53
CA GLU E 181 2.34 19.08 -25.72
C GLU E 181 1.43 20.28 -25.53
N SER E 182 0.73 20.63 -26.61
CA SER E 182 -0.35 21.60 -26.57
C SER E 182 -1.66 20.84 -26.76
N PHE E 183 -2.67 21.18 -25.97
CA PHE E 183 -3.90 20.40 -26.02
C PHE E 183 -4.93 20.99 -26.97
N GLY E 184 -4.98 22.31 -27.11
CA GLY E 184 -6.06 22.91 -27.86
C GLY E 184 -5.65 23.74 -29.05
N TYR E 185 -4.42 24.20 -29.07
CA TYR E 185 -3.91 25.01 -30.16
C TYR E 185 -3.02 24.14 -31.05
N THR E 186 -3.18 24.29 -32.36
CA THR E 186 -2.45 23.45 -33.30
C THR E 186 -1.11 24.11 -33.62
N MET E 187 -0.43 23.58 -34.64
CA MET E 187 0.91 24.06 -34.97
C MET E 187 0.86 25.44 -35.64
N ASN E 188 -0.23 25.75 -36.32
CA ASN E 188 -0.36 27.07 -36.93
C ASN E 188 -0.84 28.13 -35.95
N ASP E 189 -0.92 27.82 -34.65
CA ASP E 189 -1.33 28.79 -33.66
C ASP E 189 -0.31 28.91 -32.54
N LEU E 190 0.35 27.82 -32.17
CA LEU E 190 1.19 27.81 -31.00
C LEU E 190 2.30 26.79 -31.16
N ILE E 191 3.55 27.22 -30.97
CA ILE E 191 4.72 26.39 -31.18
C ILE E 191 5.57 26.41 -29.91
N PHE E 192 5.90 25.23 -29.39
CA PHE E 192 6.80 25.12 -28.25
C PHE E 192 8.23 24.96 -28.73
N GLU E 193 9.16 25.57 -27.98
CA GLU E 193 10.59 25.44 -28.23
C GLU E 193 11.30 25.33 -26.90
N TRP E 194 12.45 24.66 -26.90
CA TRP E 194 13.34 24.79 -25.77
C TRP E 194 14.19 26.04 -25.96
N ASP E 195 14.51 26.70 -24.87
CA ASP E 195 15.42 27.83 -24.97
C ASP E 195 16.85 27.34 -25.12
N GLU E 196 17.67 28.14 -25.79
CA GLU E 196 19.03 27.75 -26.09
C GLU E 196 19.98 27.94 -24.92
N LYS E 197 19.51 28.52 -23.82
CA LYS E 197 20.34 28.80 -22.65
C LYS E 197 19.90 27.90 -21.50
N GLY E 198 20.41 26.66 -21.50
CA GLY E 198 20.14 25.75 -20.40
C GLY E 198 18.70 25.29 -20.32
N ALA E 199 18.28 24.44 -21.25
CA ALA E 199 16.87 24.07 -21.31
C ALA E 199 16.45 23.13 -20.20
N VAL E 200 17.36 22.39 -19.60
CA VAL E 200 17.05 21.57 -18.42
C VAL E 200 18.16 21.81 -17.41
N GLN E 201 17.84 22.44 -16.30
CA GLN E 201 18.75 22.48 -15.17
C GLN E 201 18.33 21.45 -14.14
N VAL E 202 19.30 20.99 -13.38
CA VAL E 202 19.11 20.03 -12.31
C VAL E 202 19.67 20.66 -11.04
N ALA E 203 18.99 20.46 -9.92
CA ALA E 203 19.45 20.96 -8.63
C ALA E 203 20.82 20.35 -8.28
N ASP E 204 21.53 21.04 -7.38
CA ASP E 204 22.93 20.73 -7.14
C ASP E 204 23.09 19.40 -6.41
N GLY E 205 22.39 19.21 -5.31
CA GLY E 205 22.57 18.00 -4.53
C GLY E 205 21.60 16.89 -4.90
N LEU E 206 21.24 16.79 -6.17
CA LEU E 206 20.25 15.82 -6.59
C LEU E 206 20.97 14.53 -6.97
N THR E 207 20.98 13.58 -6.03
CA THR E 207 21.50 12.24 -6.27
C THR E 207 20.38 11.23 -6.13
N LEU E 208 20.63 10.04 -6.66
CA LEU E 208 19.66 8.96 -6.68
C LEU E 208 20.22 7.75 -5.97
N PRO E 209 19.38 6.96 -5.29
CA PRO E 209 19.91 5.80 -4.57
C PRO E 209 20.31 4.66 -5.49
N GLN E 210 19.57 4.43 -6.58
CA GLN E 210 19.82 3.28 -7.43
C GLN E 210 20.42 3.65 -8.77
N PHE E 211 20.43 4.93 -9.14
CA PHE E 211 20.77 5.36 -10.48
C PHE E 211 21.77 6.50 -10.41
N ILE E 212 22.31 6.85 -11.57
CA ILE E 212 22.99 8.13 -11.76
C ILE E 212 22.39 8.77 -13.00
N LEU E 213 22.35 10.09 -13.01
CA LEU E 213 21.74 10.85 -14.09
C LEU E 213 22.86 11.46 -14.91
N LYS E 214 22.93 11.08 -16.19
CA LYS E 214 23.99 11.56 -17.04
C LYS E 214 23.74 13.01 -17.44
N GLU E 215 24.83 13.75 -17.67
CA GLU E 215 24.74 15.19 -17.82
C GLU E 215 24.22 15.60 -19.19
N GLU E 216 24.41 14.77 -20.22
CA GLU E 216 23.88 15.08 -21.53
C GLU E 216 22.41 14.68 -21.59
N LYS E 217 21.57 15.61 -22.02
CA LYS E 217 20.13 15.40 -22.09
C LYS E 217 19.66 15.67 -23.51
N ASP E 218 19.04 14.66 -24.12
CA ASP E 218 18.65 14.76 -25.51
C ASP E 218 17.37 15.58 -25.63
N LEU E 219 17.43 16.67 -26.37
CA LEU E 219 16.32 17.59 -26.53
C LEU E 219 15.88 17.51 -27.98
N ARG E 220 14.70 16.94 -28.23
CA ARG E 220 14.24 16.79 -29.59
C ARG E 220 12.74 17.03 -29.66
N TYR E 221 12.21 17.00 -30.87
CA TYR E 221 10.81 17.27 -31.16
C TYR E 221 10.01 15.97 -31.25
N CYS E 222 8.73 16.06 -30.92
CA CYS E 222 7.86 14.89 -30.84
C CYS E 222 6.48 15.20 -31.40
N THR E 223 6.43 15.96 -32.50
CA THR E 223 5.18 16.54 -33.02
C THR E 223 4.15 15.48 -33.38
N LYS E 224 2.97 15.61 -32.80
CA LYS E 224 1.92 14.61 -32.88
C LYS E 224 0.94 14.93 -34.00
N HIS E 225 0.37 13.88 -34.57
CA HIS E 225 -0.65 14.00 -35.61
C HIS E 225 -1.86 13.21 -35.16
N TYR E 226 -3.00 13.87 -35.07
CA TYR E 226 -4.25 13.22 -34.74
C TYR E 226 -5.24 13.45 -35.87
N ASN E 227 -6.46 12.98 -35.68
CA ASN E 227 -7.53 13.32 -36.61
C ASN E 227 -8.05 14.72 -36.40
N THR E 228 -7.73 15.34 -35.26
CA THR E 228 -8.11 16.72 -35.00
C THR E 228 -7.23 17.69 -35.78
N GLY E 229 -5.95 17.67 -35.52
CA GLY E 229 -5.00 18.49 -36.25
C GLY E 229 -3.63 17.94 -35.99
N LYS E 230 -2.63 18.81 -36.05
CA LYS E 230 -1.29 18.47 -35.60
C LYS E 230 -0.90 19.44 -34.50
N PHE E 231 -0.29 18.92 -33.45
CA PHE E 231 -0.05 19.67 -32.24
C PHE E 231 1.44 19.69 -31.94
N THR E 232 1.88 20.78 -31.31
CA THR E 232 3.29 20.88 -31.02
C THR E 232 3.66 20.03 -29.82
N CYS E 233 4.94 19.71 -29.73
CA CYS E 233 5.47 18.81 -28.71
C CYS E 233 6.97 18.98 -28.65
N ILE E 234 7.52 19.05 -27.46
CA ILE E 234 8.96 19.02 -27.25
C ILE E 234 9.20 18.04 -26.12
N GLU E 235 10.36 17.39 -26.14
CA GLU E 235 10.64 16.43 -25.10
C GLU E 235 12.12 16.43 -24.74
N ALA E 236 12.41 15.75 -23.65
CA ALA E 236 13.74 15.70 -23.07
C ALA E 236 14.00 14.30 -22.56
N ARG E 237 15.08 13.69 -23.02
CA ARG E 237 15.45 12.35 -22.60
C ARG E 237 16.39 12.43 -21.41
N PHE E 238 16.22 11.50 -20.48
CA PHE E 238 17.09 11.40 -19.31
C PHE E 238 17.67 10.00 -19.27
N HIS E 239 18.98 9.90 -19.15
CA HIS E 239 19.66 8.62 -19.15
C HIS E 239 20.01 8.25 -17.72
N LEU E 240 19.59 7.07 -17.29
CA LEU E 240 19.71 6.61 -15.91
C LEU E 240 20.52 5.32 -15.89
N GLU E 241 21.84 5.45 -15.81
CA GLU E 241 22.67 4.27 -15.61
C GLU E 241 22.53 3.80 -14.16
N ARG E 242 22.44 2.48 -13.98
CA ARG E 242 22.24 1.94 -12.64
C ARG E 242 23.53 1.95 -11.83
N GLN E 243 23.45 1.31 -10.66
CA GLN E 243 24.58 1.10 -9.79
C GLN E 243 24.79 -0.39 -9.65
N MET E 244 26.00 -0.86 -9.95
CA MET E 244 26.28 -2.28 -9.92
C MET E 244 26.34 -2.81 -8.49
N GLY E 245 26.74 -1.96 -7.54
CA GLY E 245 27.18 -2.39 -6.22
C GLY E 245 26.11 -3.05 -5.37
N TYR E 246 24.84 -2.74 -5.61
CA TYR E 246 23.79 -3.38 -4.83
C TYR E 246 23.59 -4.83 -5.25
N TYR E 247 23.49 -5.06 -6.55
CA TYR E 247 23.13 -6.38 -7.04
C TYR E 247 24.28 -7.37 -6.92
N LEU E 248 25.51 -6.89 -6.76
CA LEU E 248 26.62 -7.78 -6.45
C LEU E 248 26.47 -8.36 -5.05
N ILE E 249 26.05 -7.54 -4.10
CA ILE E 249 26.00 -7.97 -2.71
C ILE E 249 24.85 -8.95 -2.49
N GLN E 250 23.69 -8.67 -3.07
CA GLN E 250 22.55 -9.53 -2.76
C GLN E 250 22.51 -10.78 -3.62
N MET E 251 22.86 -10.68 -4.90
CA MET E 251 22.59 -11.79 -5.80
C MET E 251 23.83 -12.42 -6.41
N TYR E 252 24.79 -11.65 -6.89
CA TYR E 252 25.90 -12.25 -7.61
C TYR E 252 26.85 -12.99 -6.69
N ILE E 253 27.24 -12.37 -5.58
CA ILE E 253 28.17 -13.01 -4.64
C ILE E 253 27.55 -14.18 -3.89
N PRO E 254 26.33 -14.14 -3.31
CA PRO E 254 25.84 -15.34 -2.62
C PRO E 254 25.52 -16.50 -3.54
N SER E 255 25.16 -16.23 -4.80
CA SER E 255 25.00 -17.33 -5.74
C SER E 255 26.33 -17.91 -6.16
N LEU E 256 27.39 -17.11 -6.10
CA LEU E 256 28.73 -17.60 -6.41
C LEU E 256 29.32 -18.41 -5.27
N LEU E 257 28.85 -18.22 -4.04
CA LEU E 257 29.34 -19.01 -2.93
C LEU E 257 28.68 -20.37 -2.86
N ILE E 258 27.42 -20.48 -3.28
CA ILE E 258 26.74 -21.78 -3.26
C ILE E 258 27.31 -22.70 -4.32
N VAL E 259 27.81 -22.13 -5.42
CA VAL E 259 28.49 -22.93 -6.43
C VAL E 259 29.81 -23.46 -5.88
N ILE E 260 30.54 -22.64 -5.13
CA ILE E 260 31.74 -23.11 -4.46
C ILE E 260 31.39 -24.09 -3.36
N LEU E 261 30.22 -23.92 -2.74
CA LEU E 261 29.77 -24.82 -1.69
C LEU E 261 29.44 -26.21 -2.24
N SER E 262 29.13 -26.32 -3.53
CA SER E 262 28.97 -27.63 -4.14
C SER E 262 30.30 -28.23 -4.56
N TRP E 263 31.34 -27.42 -4.71
CA TRP E 263 32.64 -27.91 -5.12
C TRP E 263 33.35 -28.66 -4.01
N VAL E 264 32.98 -28.43 -2.75
CA VAL E 264 33.63 -29.13 -1.65
C VAL E 264 33.07 -30.53 -1.44
N SER E 265 32.12 -30.94 -2.28
CA SER E 265 31.68 -32.32 -2.27
C SER E 265 32.76 -33.25 -2.79
N PHE E 266 33.57 -32.78 -3.73
CA PHE E 266 34.57 -33.63 -4.37
C PHE E 266 35.75 -33.95 -3.46
N TRP E 267 35.91 -33.21 -2.37
CA TRP E 267 36.97 -33.46 -1.41
C TRP E 267 36.48 -34.27 -0.22
N ILE E 268 35.26 -34.80 -0.30
CA ILE E 268 34.67 -35.64 0.74
C ILE E 268 34.69 -37.08 0.22
N ASN E 269 34.93 -38.02 1.14
CA ASN E 269 35.04 -39.45 0.81
C ASN E 269 33.76 -39.97 0.16
N MET E 270 33.94 -40.93 -0.74
CA MET E 270 32.82 -41.49 -1.49
C MET E 270 31.95 -42.38 -0.63
N ASP E 271 32.54 -43.02 0.38
CA ASP E 271 31.79 -43.89 1.26
C ASP E 271 30.87 -43.12 2.20
N ALA E 272 31.15 -41.83 2.42
CA ALA E 272 30.27 -40.97 3.22
C ALA E 272 29.10 -40.54 2.34
N ALA E 273 28.15 -41.45 2.18
CA ALA E 273 27.01 -41.25 1.29
C ALA E 273 26.04 -40.16 1.72
N PRO E 274 25.63 -40.00 3.00
CA PRO E 274 24.80 -38.82 3.31
C PRO E 274 25.58 -37.52 3.36
N ALA E 275 26.91 -37.55 3.30
CA ALA E 275 27.67 -36.31 3.28
C ALA E 275 27.67 -35.70 1.88
N ARG E 276 27.98 -36.49 0.86
CA ARG E 276 28.03 -35.94 -0.49
C ARG E 276 26.64 -35.74 -1.08
N VAL E 277 25.66 -36.57 -0.72
CA VAL E 277 24.30 -36.35 -1.20
C VAL E 277 23.67 -35.20 -0.46
N GLY E 278 23.80 -35.19 0.87
CA GLY E 278 23.22 -34.14 1.70
C GLY E 278 23.77 -32.76 1.44
N LEU E 279 24.97 -32.66 0.87
CA LEU E 279 25.45 -31.37 0.37
C LEU E 279 24.81 -31.03 -0.95
N GLY E 280 24.68 -32.01 -1.85
CA GLY E 280 24.11 -31.77 -3.16
C GLY E 280 22.62 -31.53 -3.15
N ILE E 281 21.91 -32.03 -2.13
CA ILE E 281 20.48 -31.75 -2.03
C ILE E 281 20.25 -30.29 -1.70
N THR E 282 21.00 -29.77 -0.73
CA THR E 282 20.66 -28.48 -0.14
C THR E 282 21.07 -27.32 -1.05
N THR E 283 22.23 -27.44 -1.71
CA THR E 283 22.71 -26.35 -2.54
C THR E 283 21.87 -26.19 -3.81
N VAL E 284 21.31 -27.29 -4.32
CA VAL E 284 20.53 -27.18 -5.55
C VAL E 284 19.13 -26.64 -5.27
N LEU E 285 18.71 -26.62 -4.01
CA LEU E 285 17.40 -26.08 -3.68
C LEU E 285 17.47 -24.74 -2.97
N THR E 286 18.65 -24.30 -2.54
CA THR E 286 18.79 -22.91 -2.15
C THR E 286 19.01 -22.01 -3.35
N MET E 287 19.57 -22.55 -4.44
CA MET E 287 19.68 -21.77 -5.66
C MET E 287 18.32 -21.54 -6.30
N THR E 288 17.36 -22.43 -6.06
CA THR E 288 15.99 -22.17 -6.47
C THR E 288 15.38 -21.06 -5.62
N THR E 289 15.75 -21.01 -4.34
CA THR E 289 15.30 -19.93 -3.47
C THR E 289 15.96 -18.60 -3.85
N GLN E 290 17.26 -18.63 -4.17
CA GLN E 290 17.95 -17.41 -4.56
C GLN E 290 17.48 -16.90 -5.93
N SER E 291 16.97 -17.78 -6.78
CA SER E 291 16.44 -17.35 -8.06
C SER E 291 14.99 -16.88 -7.96
N SER E 292 14.23 -17.43 -7.01
CA SER E 292 12.85 -16.97 -6.82
C SER E 292 12.83 -15.59 -6.19
N GLY E 293 13.80 -15.29 -5.33
CA GLY E 293 13.93 -13.96 -4.79
C GLY E 293 14.66 -12.99 -5.68
N SER E 294 15.20 -13.46 -6.80
CA SER E 294 15.89 -12.59 -7.72
C SER E 294 14.95 -11.73 -8.53
N ARG E 295 13.68 -12.13 -8.63
CA ARG E 295 12.68 -11.44 -9.43
C ARG E 295 11.49 -11.06 -8.59
N ALA E 296 11.73 -10.63 -7.35
CA ALA E 296 10.63 -10.29 -6.45
C ALA E 296 10.09 -8.90 -6.71
N SER E 297 10.93 -7.99 -7.18
CA SER E 297 10.52 -6.60 -7.34
C SER E 297 10.63 -6.15 -8.79
N LEU E 298 10.15 -6.98 -9.71
CA LEU E 298 10.30 -6.74 -11.14
C LEU E 298 8.97 -6.89 -11.84
N PRO E 299 8.82 -6.26 -13.01
CA PRO E 299 7.70 -6.61 -13.87
C PRO E 299 7.86 -8.02 -14.43
N LYS E 300 6.73 -8.60 -14.81
CA LYS E 300 6.70 -9.99 -15.24
C LYS E 300 6.92 -10.06 -16.75
N VAL E 301 8.11 -9.68 -17.16
CA VAL E 301 8.47 -9.65 -18.57
C VAL E 301 8.70 -11.06 -19.07
N SER E 302 8.48 -11.25 -20.38
CA SER E 302 8.57 -12.59 -20.95
C SER E 302 9.99 -12.97 -21.28
N TYR E 303 10.74 -12.04 -21.87
CA TYR E 303 12.09 -12.30 -22.34
C TYR E 303 13.04 -12.55 -21.18
N VAL E 304 14.12 -13.22 -21.48
CA VAL E 304 15.11 -13.57 -20.47
C VAL E 304 16.12 -12.42 -20.35
N LYS E 305 16.48 -12.11 -19.11
CA LYS E 305 17.35 -10.98 -18.81
C LYS E 305 18.66 -11.49 -18.24
N ALA E 306 19.63 -10.58 -18.09
CA ALA E 306 21.00 -10.97 -17.80
C ALA E 306 21.17 -11.53 -16.39
N ILE E 307 20.27 -11.21 -15.47
CA ILE E 307 20.32 -11.86 -14.17
C ILE E 307 19.66 -13.23 -14.25
N ASP E 308 18.79 -13.47 -15.23
CA ASP E 308 18.18 -14.78 -15.34
C ASP E 308 19.09 -15.78 -16.03
N ILE E 309 20.01 -15.30 -16.89
CA ILE E 309 20.99 -16.22 -17.46
C ILE E 309 22.16 -16.44 -16.55
N TRP E 310 22.26 -15.69 -15.46
CA TRP E 310 23.23 -16.01 -14.42
C TRP E 310 22.68 -17.05 -13.47
N MET E 311 21.44 -16.87 -13.01
CA MET E 311 20.84 -17.77 -12.05
C MET E 311 20.41 -19.09 -12.66
N ALA E 312 20.48 -19.24 -13.99
CA ALA E 312 20.21 -20.53 -14.61
C ALA E 312 21.49 -21.30 -14.91
N VAL E 313 22.57 -20.62 -15.25
CA VAL E 313 23.84 -21.32 -15.43
C VAL E 313 24.42 -21.71 -14.07
N CYS E 314 24.30 -20.83 -13.07
CA CYS E 314 24.74 -21.18 -11.73
C CYS E 314 23.87 -22.27 -11.12
N LEU E 315 22.62 -22.37 -11.55
CA LEU E 315 21.80 -23.51 -11.16
C LEU E 315 22.24 -24.77 -11.88
N LEU E 316 22.83 -24.63 -13.07
CA LEU E 316 23.27 -25.80 -13.82
C LEU E 316 24.51 -26.43 -13.20
N PHE E 317 25.38 -25.63 -12.58
CA PHE E 317 26.56 -26.20 -11.94
C PHE E 317 26.20 -26.99 -10.69
N VAL E 318 25.31 -26.46 -9.86
CA VAL E 318 24.95 -27.18 -8.64
C VAL E 318 24.00 -28.33 -8.93
N PHE E 319 23.35 -28.34 -10.09
CA PHE E 319 22.54 -29.49 -10.48
C PHE E 319 23.41 -30.59 -11.09
N SER E 320 24.55 -30.23 -11.64
CA SER E 320 25.48 -31.21 -12.16
C SER E 320 26.44 -31.72 -11.10
N ALA E 321 26.57 -31.02 -9.97
CA ALA E 321 27.41 -31.50 -8.88
C ALA E 321 26.79 -32.67 -8.15
N LEU E 322 25.48 -32.83 -8.22
CA LEU E 322 24.82 -34.01 -7.68
C LEU E 322 24.69 -35.11 -8.73
N LEU E 323 24.63 -34.74 -10.01
CA LEU E 323 24.68 -35.73 -11.07
C LEU E 323 26.06 -36.37 -11.20
N GLU E 324 27.10 -35.72 -10.68
CA GLU E 324 28.42 -36.35 -10.70
C GLU E 324 28.49 -37.50 -9.72
N TYR E 325 27.89 -37.34 -8.54
CA TYR E 325 27.89 -38.43 -7.57
C TYR E 325 26.95 -39.55 -7.98
N ALA E 326 25.93 -39.25 -8.77
CA ALA E 326 25.09 -40.32 -9.32
C ALA E 326 25.85 -41.18 -10.31
N ALA E 327 26.90 -40.62 -10.93
CA ALA E 327 27.82 -41.44 -11.72
C ALA E 327 28.84 -42.13 -10.84
N VAL E 328 29.19 -41.54 -9.70
CA VAL E 328 30.11 -42.19 -8.78
C VAL E 328 29.43 -43.37 -8.10
N ASN E 329 28.23 -43.16 -7.57
CA ASN E 329 27.56 -44.16 -6.77
C ASN E 329 27.01 -45.31 -7.61
N PHE E 330 26.91 -45.14 -8.92
CA PHE E 330 26.50 -46.23 -9.79
C PHE E 330 27.68 -47.07 -10.26
N ILE E 331 28.85 -46.45 -10.48
CA ILE E 331 30.01 -47.19 -10.96
C ILE E 331 30.73 -47.86 -9.80
N ALA E 332 30.81 -47.19 -8.65
CA ALA E 332 31.49 -47.76 -7.50
C ALA E 332 30.70 -48.88 -6.83
N ARG E 333 29.44 -49.10 -7.22
CA ARG E 333 28.64 -50.19 -6.70
C ARG E 333 28.56 -51.37 -7.66
N GLN E 334 29.38 -51.37 -8.72
CA GLN E 334 29.38 -52.48 -9.66
C GLN E 334 30.14 -53.68 -9.10
N HIS E 335 29.55 -54.86 -9.26
CA HIS E 335 30.15 -56.08 -8.75
C HIS E 335 29.74 -57.28 -9.58
N GLU E 398 40.63 -57.61 -11.06
CA GLU E 398 39.43 -57.82 -10.25
C GLU E 398 38.37 -56.77 -10.59
N MET E 399 37.11 -57.22 -10.64
CA MET E 399 35.99 -56.33 -10.92
C MET E 399 35.74 -55.32 -9.80
N ARG E 400 36.21 -55.61 -8.58
CA ARG E 400 36.05 -54.68 -7.48
C ARG E 400 37.05 -53.54 -7.56
N LYS E 401 38.34 -53.85 -7.65
CA LYS E 401 39.38 -52.83 -7.65
C LYS E 401 39.48 -52.08 -8.97
N LEU E 402 38.76 -52.50 -10.01
CA LEU E 402 38.77 -51.78 -11.27
C LEU E 402 37.87 -50.55 -11.21
N PHE E 403 36.58 -50.75 -10.94
CA PHE E 403 35.61 -49.67 -10.99
C PHE E 403 35.77 -48.66 -9.87
N ILE E 404 36.37 -49.05 -8.75
CA ILE E 404 36.70 -48.06 -7.72
C ILE E 404 37.82 -47.16 -8.21
N SER E 405 38.77 -47.71 -8.96
CA SER E 405 39.81 -46.89 -9.57
C SER E 405 39.26 -46.05 -10.72
N ARG E 406 38.18 -46.51 -11.36
CA ARG E 406 37.54 -45.70 -12.39
C ARG E 406 36.70 -44.59 -11.79
N ALA E 407 36.01 -44.88 -10.69
CA ALA E 407 35.26 -43.83 -9.99
C ALA E 407 36.18 -42.87 -9.27
N LYS E 408 37.41 -43.28 -8.95
CA LYS E 408 38.41 -42.32 -8.49
C LYS E 408 38.86 -41.41 -9.61
N ARG E 409 38.84 -41.91 -10.85
CA ARG E 409 39.29 -41.11 -11.99
C ARG E 409 38.32 -39.99 -12.31
N ILE E 410 37.01 -40.24 -12.13
CA ILE E 410 36.02 -39.21 -12.42
C ILE E 410 36.03 -38.12 -11.35
N ASP E 411 36.57 -38.39 -10.17
CA ASP E 411 36.68 -37.36 -9.14
C ASP E 411 37.94 -36.52 -9.29
N THR E 412 39.03 -37.11 -9.81
CA THR E 412 40.24 -36.32 -10.02
C THR E 412 40.08 -35.36 -11.19
N VAL E 413 39.25 -35.71 -12.17
CA VAL E 413 38.99 -34.80 -13.28
C VAL E 413 38.08 -33.67 -12.84
N SER E 414 37.03 -33.99 -12.09
CA SER E 414 36.02 -33.01 -11.73
C SER E 414 36.50 -32.02 -10.67
N ARG E 415 37.60 -32.31 -9.97
CA ARG E 415 38.16 -31.29 -9.09
C ARG E 415 38.89 -30.21 -9.87
N VAL E 416 39.23 -30.47 -11.13
CA VAL E 416 39.95 -29.51 -11.96
C VAL E 416 38.97 -28.93 -12.96
N ALA E 417 38.00 -29.74 -13.39
CA ALA E 417 37.15 -29.36 -14.50
C ALA E 417 36.13 -28.29 -14.09
N PHE E 418 35.39 -28.53 -13.01
CA PHE E 418 34.26 -27.66 -12.70
C PHE E 418 34.63 -26.23 -12.27
N PRO E 419 35.71 -25.97 -11.50
CA PRO E 419 36.13 -24.56 -11.38
C PRO E 419 36.74 -24.01 -12.65
N LEU E 420 37.19 -24.84 -13.59
CA LEU E 420 37.72 -24.31 -14.84
C LEU E 420 36.60 -23.92 -15.79
N VAL E 421 35.48 -24.63 -15.78
CA VAL E 421 34.35 -24.27 -16.63
C VAL E 421 33.63 -23.04 -16.07
N PHE E 422 33.52 -22.95 -14.75
CA PHE E 422 32.88 -21.78 -14.15
C PHE E 422 33.76 -20.53 -14.29
N LEU E 423 35.07 -20.71 -14.40
CA LEU E 423 35.94 -19.56 -14.60
C LEU E 423 35.84 -19.02 -16.02
N ILE E 424 35.75 -19.92 -17.02
CA ILE E 424 35.63 -19.44 -18.39
C ILE E 424 34.22 -19.03 -18.74
N PHE E 425 33.24 -19.32 -17.88
CA PHE E 425 31.93 -18.74 -18.05
C PHE E 425 31.89 -17.29 -17.59
N ASN E 426 32.58 -16.99 -16.48
CA ASN E 426 32.64 -15.61 -15.99
C ASN E 426 33.39 -14.71 -16.95
N ILE E 427 34.33 -15.26 -17.70
CA ILE E 427 34.99 -14.48 -18.74
C ILE E 427 34.00 -14.16 -19.86
N PHE E 428 33.22 -15.13 -20.28
CA PHE E 428 32.28 -14.90 -21.37
C PHE E 428 31.04 -14.13 -20.92
N TYR E 429 30.77 -14.07 -19.61
CA TYR E 429 29.58 -13.38 -19.13
C TYR E 429 29.84 -11.90 -18.90
N TRP E 430 30.90 -11.56 -18.17
CA TRP E 430 31.12 -10.16 -17.81
C TRP E 430 31.65 -9.35 -18.98
N ILE E 431 32.32 -9.99 -19.94
CA ILE E 431 32.77 -9.25 -21.12
C ILE E 431 31.58 -8.95 -22.02
N THR E 432 30.61 -9.86 -22.09
CA THR E 432 29.44 -9.66 -22.94
C THR E 432 28.56 -8.52 -22.42
N TYR E 433 28.45 -8.39 -21.11
CA TYR E 433 27.68 -7.30 -20.53
C TYR E 433 28.55 -6.14 -20.07
N LYS E 434 29.74 -6.01 -20.65
CA LYS E 434 30.53 -4.79 -20.62
C LYS E 434 30.72 -4.21 -22.00
N ILE E 435 30.77 -5.04 -23.03
CA ILE E 435 30.84 -4.56 -24.41
C ILE E 435 29.51 -3.98 -24.85
N ILE E 436 28.41 -4.32 -24.17
CA ILE E 436 27.10 -3.79 -24.50
C ILE E 436 26.73 -2.67 -23.54
C1 NAG F . 14.97 44.76 7.18
C2 NAG F . 14.94 46.27 7.34
C3 NAG F . 16.15 46.88 6.72
C4 NAG F . 17.45 46.34 7.22
C5 NAG F . 17.48 44.81 7.42
C6 NAG F . 18.44 44.49 8.53
C7 NAG F . 12.56 47.07 7.34
C8 NAG F . 11.33 47.60 6.63
N2 NAG F . 13.76 46.79 6.60
O3 NAG F . 16.11 48.30 7.02
O4 NAG F . 18.42 46.68 6.24
O5 NAG F . 16.21 44.20 7.82
O6 NAG F . 17.95 45.01 9.73
O7 NAG F . 12.54 46.89 8.51
C1 NAG F . 19.42 47.58 6.79
C2 NAG F . 20.16 48.26 5.64
C3 NAG F . 21.22 49.17 6.16
C4 NAG F . 20.69 50.18 7.14
C5 NAG F . 19.85 49.54 8.25
C6 NAG F . 19.11 50.62 8.97
C7 NAG F . 21.70 46.21 4.94
C8 NAG F . 22.12 45.29 3.79
N2 NAG F . 20.71 47.26 4.67
O3 NAG F . 21.83 49.89 5.05
O4 NAG F . 21.79 50.87 7.73
O5 NAG F . 18.84 48.58 7.74
O6 NAG F . 17.78 50.65 8.53
O7 NAG F . 22.18 46.04 6.00
C1 NAG G . -18.55 30.31 31.86
C2 NAG G . -19.35 31.45 32.45
C3 NAG G . -18.61 32.14 33.53
C4 NAG G . -18.11 31.25 34.62
C5 NAG G . -17.55 29.89 34.16
C6 NAG G . -17.78 28.87 35.22
C7 NAG G . -20.87 32.40 30.68
C8 NAG G . -21.16 33.40 29.58
N2 NAG G . -19.60 32.44 31.38
O3 NAG G . -19.48 33.13 34.11
O4 NAG G . -17.06 31.96 35.27
O5 NAG G . -18.18 29.33 32.94
O6 NAG G . -19.16 28.67 35.40
O7 NAG G . -21.68 31.58 30.98
C1 NAG G . -17.40 32.25 36.65
C2 NAG G . -16.50 33.36 37.17
C3 NAG G . -16.79 33.67 38.60
C4 NAG G . -18.24 34.00 38.82
C5 NAG G . -19.18 32.95 38.23
C6 NAG G . -20.57 33.51 38.22
C7 NAG G . -14.31 31.90 37.50
C8 NAG G . -12.82 31.76 37.16
N2 NAG G . -15.05 33.03 36.95
O3 NAG G . -16.00 34.81 39.02
O4 NAG G . -18.47 34.08 40.23
O5 NAG G . -18.84 32.60 36.83
O6 NAG G . -20.88 33.96 36.94
O7 NAG G . -14.80 31.09 38.22
C1 NAG H . -46.59 8.81 5.55
C2 NAG H . -47.93 9.51 5.46
C3 NAG H . -48.69 9.36 6.72
C4 NAG H . -48.88 7.94 7.18
C5 NAG H . -47.64 7.04 7.02
C6 NAG H . -48.10 5.63 6.79
C7 NAG H . -47.75 11.48 3.91
C8 NAG H . -47.51 12.96 3.66
N2 NAG H . -47.70 10.96 5.26
O3 NAG H . -50.01 9.94 6.52
O4 NAG H . -49.19 8.02 8.57
O5 NAG H . -46.78 7.36 5.86
O6 NAG H . -48.79 5.55 5.58
O7 NAG H . -47.99 10.75 3.01
C1 NAG H . -50.52 7.51 8.83
C2 NAG H . -50.98 8.00 10.20
C3 NAG H . -52.33 7.48 10.52
C4 NAG H . -53.35 7.80 9.47
C5 NAG H . -52.87 7.41 8.06
C6 NAG H . -53.78 8.05 7.06
C7 NAG H . -49.53 6.34 11.69
C8 NAG H . -48.50 6.24 12.80
N2 NAG H . -49.98 7.67 11.28
O3 NAG H . -52.78 8.06 11.78
O4 NAG H . -54.55 7.10 9.77
O5 NAG H . -51.51 7.88 7.77
O6 NAG H . -53.17 9.19 6.53
O7 NAG H . -49.93 5.35 11.19
C1 NAG I . -30.41 9.97 -35.42
C2 NAG I . -31.30 10.75 -36.36
C3 NAG I . -32.54 10.01 -36.66
C4 NAG I . -32.33 8.63 -37.19
C5 NAG I . -31.21 7.83 -36.51
C6 NAG I . -30.62 6.87 -37.50
C7 NAG I . -30.94 13.21 -35.99
C8 NAG I . -31.30 14.53 -35.31
N2 NAG I . -31.68 12.01 -35.68
O3 NAG I . -33.28 10.77 -37.65
O4 NAG I . -33.56 7.93 -36.98
O5 NAG I . -30.08 8.63 -36.02
O6 NAG I . -30.01 7.58 -38.53
O7 NAG I . -30.05 13.17 -36.76
C1 NAG I . -34.16 7.54 -38.23
C2 NAG I . -35.64 7.22 -38.01
C3 NAG I . -36.29 6.78 -39.27
C4 NAG I . -36.12 7.78 -40.38
C5 NAG I . -34.67 8.21 -40.57
C6 NAG I . -34.64 9.40 -41.46
C7 NAG I . -35.31 4.85 -36.86
C8 NAG I . -35.61 3.98 -35.64
N2 NAG I . -35.82 6.21 -36.90
O3 NAG I . -37.71 6.60 -39.03
O4 NAG I . -36.61 7.20 -41.58
O5 NAG I . -34.01 8.57 -39.31
O6 NAG I . -34.46 10.54 -40.68
O7 NAG I . -34.68 4.36 -37.75
C1 NAG J . 7.63 32.18 -34.43
C2 NAG J . 7.54 33.46 -35.23
C3 NAG J . 7.51 33.18 -36.68
C4 NAG J . 8.63 32.34 -37.18
C5 NAG J . 9.02 31.16 -36.27
C6 NAG J . 10.48 30.87 -36.45
C7 NAG J . 6.31 35.20 -33.89
C8 NAG J . 5.04 35.92 -33.49
N2 NAG J . 6.28 34.15 -34.87
O3 NAG J . 7.57 34.46 -37.37
O4 NAG J . 8.20 31.81 -38.43
O5 NAG J . 8.83 31.39 -34.83
O6 NAG J . 11.23 31.96 -35.99
O7 NAG J . 7.35 35.49 -33.38
C1 NAG J . 9.04 32.28 -39.51
C2 NAG J . 8.31 32.08 -40.84
C3 NAG J . 9.14 32.53 -41.99
C4 NAG J . 9.61 33.95 -41.84
C5 NAG J . 10.26 34.22 -40.48
C6 NAG J . 10.39 35.70 -40.31
C7 NAG J . 8.68 29.46 -41.06
C8 NAG J . 8.00 28.10 -41.22
N2 NAG J . 7.85 30.66 -41.01
O3 NAG J . 8.37 32.43 -43.21
O4 NAG J . 10.56 34.23 -42.87
O5 NAG J . 9.46 33.72 -39.35
O6 NAG J . 9.37 36.16 -39.47
O7 NAG J . 9.86 29.50 -40.98
N ABU K . -3.54 25.17 19.73
CD ABU K . -3.64 26.40 18.98
CB ABU K . -2.24 26.86 18.61
CG ABU K . -2.30 28.29 18.09
C ABU K . -0.90 28.74 17.72
O ABU K . -0.49 28.67 16.53
OXT ABU K . -0.14 29.19 18.62
C1 UNL L . 29.97 -2.14 22.78
C2 UNL L . 28.59 -1.69 22.30
C3 UNL L . 27.92 -2.83 21.55
C4 UNL L . 27.49 -3.91 22.51
C5 UNL L . 28.01 -5.26 22.02
C6 UNL L . 26.95 -6.34 22.25
C7 UNL L . 26.61 -6.44 23.73
C8 UNL L . 26.19 -7.88 24.06
C9 UNL L . 25.90 -7.99 25.55
C10 UNL L . 24.63 -7.21 25.88
C11 UNL L . 24.17 -7.53 27.30
C01 UNL M . 32.60 -13.54 21.56
C02 UNL M . 31.64 -12.50 22.13
C03 UNL M . 32.19 -11.10 21.89
C04 UNL M . 31.08 -10.08 22.12
C05 UNL M . 31.18 -9.52 23.54
C06 UNL M . 32.33 -8.53 23.63
C07 UNL M . 32.03 -7.31 22.76
C08 UNL M . 33.35 -6.65 22.38
C09 UNL M . 33.86 -5.84 23.55
C10 UNL M . 33.25 -4.45 23.50
C11 UNL M . 33.73 -3.64 24.70
C12 UNL M . 33.44 -2.16 24.46
C13 UNL M . 34.31 -1.66 23.31
C14 UNL M . 34.13 -0.15 23.16
C1 UNL N . 30.24 -23.54 22.15
C2 UNL N . 31.71 -23.93 22.04
C3 UNL N . 32.17 -24.55 23.35
C4 UNL N . 31.50 -25.91 23.51
C5 UNL N . 31.16 -26.13 24.98
C6 UNL N . 31.12 -27.62 25.26
C7 UNL N . 32.53 -28.19 25.16
C8 UNL N . 32.52 -29.63 25.65
C9 UNL N . 32.24 -29.65 27.15
C10 UNL N . 33.43 -29.04 27.88
C11 UNL N . 34.63 -29.97 27.70
C12 UNL N . 34.38 -31.26 28.49
C13 UNL N . 34.57 -30.98 29.97
C14 UNL N . 35.40 -32.10 30.60
C15 UNL N . 36.80 -32.11 29.99
C1 UNL O . 39.09 -25.20 25.72
C2 UNL O . 38.66 -24.57 24.39
C3 UNL O . 38.79 -23.04 24.49
C4 UNL O . 37.84 -22.53 25.57
C5 UNL O . 36.46 -22.28 24.94
C6 UNL O . 35.68 -21.30 25.81
C7 UNL O . 36.42 -19.96 25.89
C8 UNL O . 36.25 -19.18 24.59
C9 UNL O . 37.14 -17.95 24.60
C10 UNL O . 38.61 -18.38 24.46
C1 UNL P . 32.10 -24.42 33.97
C2 UNL P . 31.94 -24.58 32.45
C3 UNL P . 31.47 -23.25 31.85
C4 UNL P . 31.23 -23.44 30.36
C5 UNL P . 31.92 -22.33 29.57
C6 UNL P . 33.43 -22.49 29.71
C7 UNL P . 33.89 -23.78 29.05
C8 UNL P . 35.39 -23.97 29.27
N ABU Q . 12.24 29.31 -5.19
CD ABU Q . 11.38 30.07 -6.08
CB ABU Q . 11.67 29.68 -7.52
CG ABU Q . 10.99 30.67 -8.45
C ABU Q . 11.29 30.27 -9.89
O ABU Q . 10.46 29.59 -10.54
OXT ABU Q . 12.37 30.61 -10.42
C1 UNL R . 41.35 -8.93 10.51
C2 UNL R . 41.00 -7.52 10.95
C3 UNL R . 39.74 -7.06 10.24
C4 UNL R . 39.34 -5.69 10.76
C5 UNL R . 38.08 -5.21 10.05
C6 UNL R . 37.70 -3.82 10.56
C7 UNL R . 37.81 -2.80 9.43
C8 UNL R . 36.56 -2.89 8.56
C9 UNL R . 36.57 -1.75 7.55
C10 UNL R . 36.16 -0.44 8.22
C11 UNL R . 36.08 0.67 7.18
C1 UNL S . 34.17 -4.99 2.42
C2 UNL S . 35.40 -4.37 1.78
C3 UNL S . 35.73 -3.05 2.48
C4 UNL S . 36.96 -2.43 1.85
C5 UNL S . 36.67 -2.05 0.39
C6 UNL S . 35.86 -0.75 0.36
C7 UNL S . 36.10 -0.06 -0.99
C8 UNL S . 35.53 1.35 -0.95
C1 UNL T . 32.91 -12.00 0.10
C2 UNL T . 33.63 -10.68 0.39
C3 UNL T . 32.69 -9.51 0.09
C4 UNL T . 33.26 -8.24 0.70
C5 UNL T . 34.38 -7.70 -0.18
C6 UNL T . 33.77 -7.10 -1.44
C7 UNL T . 32.87 -5.92 -1.07
C8 UNL T . 31.74 -5.83 -2.08
C9 UNL T . 32.25 -5.26 -3.39
C10 UNL T . 32.45 -3.76 -3.23
C11 UNL T . 32.49 -3.10 -4.61
C12 UNL T . 32.36 -1.59 -4.45
C13 UNL T . 30.97 -1.25 -3.92
C20 UNL U . 47.96 -23.48 19.68
C21 UNL U . 47.94 -22.05 19.15
C22 UNL U . 46.50 -21.66 18.80
C23 UNL U . 46.43 -20.18 18.43
C24 UNL U . 47.02 -19.96 17.05
C25 UNL U . 46.62 -18.58 16.55
C26 UNL U . 47.26 -18.33 15.19
C1 UNL V . 39.65 -17.59 9.53
C2 UNL V . 40.91 -18.10 10.24
C3 UNL V . 41.60 -19.13 9.37
C4 UNL V . 42.66 -19.86 10.18
C5 UNL V . 43.79 -20.27 9.23
C6 UNL V . 44.37 -21.60 9.68
C7 UNL V . 45.17 -21.40 10.95
C8 UNL V . 46.40 -22.29 10.93
C9 UNL V . 45.98 -23.76 10.84
C10 UNL V . 47.18 -24.65 11.14
C11 UNL V . 46.88 -26.09 10.74
C12 UNL V . 46.74 -26.16 9.23
C1 UNL W . 40.44 -20.90 3.96
C2 UNL W . 39.77 -22.03 4.74
C3 UNL W . 40.69 -22.47 5.88
C4 UNL W . 41.92 -23.17 5.29
C5 UNL W . 42.89 -23.49 6.41
C6 UNL W . 43.44 -24.89 6.22
C7 UNL W . 44.20 -24.99 4.90
C8 UNL W . 44.55 -26.45 4.62
C9 UNL W . 45.56 -26.94 5.66
C10 UNL W . 46.96 -26.63 5.16
C20 UNL X . 45.66 -17.70 3.28
C21 UNL X . 46.05 -18.81 4.26
C22 UNL X . 47.23 -18.35 5.11
C23 UNL X . 47.79 -19.54 5.89
C24 UNL X . 48.36 -20.56 4.91
C25 UNL X . 48.99 -21.71 5.68
C26 UNL X . 49.67 -22.67 4.71
C1 UNL Y . 38.67 -5.00 6.24
C2 UNL Y . 37.58 -5.42 5.26
C3 UNL Y . 37.68 -6.93 5.03
C4 UNL Y . 36.58 -7.36 4.07
C5 UNL Y . 36.70 -8.86 3.79
C1 UNL Z . 15.88 -18.56 36.11
C2 UNL Z . 14.73 -17.61 36.47
C3 UNL Z . 14.46 -16.68 35.30
C4 UNL Z . 13.25 -15.81 35.64
C5 UNL Z . 12.97 -14.84 34.48
C6 UNL Z . 11.76 -13.97 34.84
C7 UNL Z . 12.21 -12.52 34.95
C8 UNL Z . 12.30 -11.92 33.54
C9 UNL Z . 12.56 -10.42 33.62
C10 UNL Z . 11.25 -9.70 33.98
C11 UNL Z . 11.51 -8.19 33.98
C1 UNL AA . 16.74 -9.83 28.67
C2 UNL AA . 17.53 -9.11 29.77
C3 UNL AA . 16.56 -8.48 30.76
C4 UNL AA . 17.35 -7.77 31.86
C5 UNL AA . 18.12 -6.60 31.25
C6 UNL AA . 17.18 -5.42 31.02
C7 UNL AA . 17.99 -4.13 31.05
C8 UNL AA . 17.05 -2.93 31.07
C1 UNL BA . 21.07 -14.01 24.24
C2 UNL BA . 20.61 -13.21 25.44
C3 UNL BA . 19.85 -11.97 24.95
C4 UNL BA . 19.08 -11.36 26.12
C5 UNL BA . 20.04 -10.56 27.00
C6 UNL BA . 20.42 -9.28 26.28
C7 UNL BA . 19.19 -8.42 26.05
C8 UNL BA . 19.36 -7.63 24.77
C9 UNL BA . 20.33 -6.48 24.99
C10 UNL BA . 19.62 -5.37 25.78
C11 UNL BA . 20.38 -4.06 25.60
C12 UNL BA . 19.51 -2.91 26.09
C13 UNL BA . 18.30 -2.75 25.18
C20 UNL CA . 18.71 -36.43 39.50
C21 UNL CA . 18.45 -34.96 39.84
C22 UNL CA . 17.86 -34.27 38.62
C23 UNL CA . 17.43 -32.86 38.98
C24 UNL CA . 18.66 -31.96 39.13
C25 UNL CA . 18.21 -30.50 39.12
C26 UNL CA . 19.42 -29.60 39.33
C1 UNL DA . 19.73 -24.81 31.12
C2 UNL DA . 20.01 -25.78 32.27
C3 UNL DA . 21.48 -26.21 32.20
C4 UNL DA . 21.70 -27.40 33.11
C5 UNL DA . 23.13 -27.33 33.63
C6 UNL DA . 23.69 -28.74 33.79
C7 UNL DA . 23.01 -29.42 34.99
C8 UNL DA . 24.03 -30.29 35.72
C9 UNL DA . 24.56 -31.37 34.78
C10 UNL DA . 25.30 -32.43 35.60
C11 UNL DA . 26.12 -33.31 34.66
C12 UNL DA . 27.23 -32.49 34.03
C1 UNL EA . 25.81 -24.41 28.77
C2 UNL EA . 25.40 -25.69 28.03
C3 UNL EA . 25.20 -26.81 29.03
C4 UNL EA . 26.53 -27.20 29.65
C5 UNL EA . 26.30 -28.23 30.74
C6 UNL EA . 27.34 -29.33 30.65
C7 UNL EA . 28.73 -28.74 30.84
C8 UNL EA . 29.78 -29.81 30.50
C9 UNL EA . 29.70 -30.92 31.55
C10 UNL EA . 30.61 -30.58 32.72
C20 UNL FA . 27.35 -22.10 34.26
C21 UNL FA . 27.29 -23.60 34.50
C22 UNL FA . 27.01 -23.87 35.98
C23 UNL FA . 27.23 -25.34 36.29
C24 UNL FA . 28.71 -25.69 36.09
C25 UNL FA . 28.94 -27.15 36.47
C26 UNL FA . 30.44 -27.45 36.38
C1 UNL GA . 16.02 -12.58 33.83
C2 UNL GA . 16.42 -12.23 32.40
C3 UNL GA . 17.33 -13.33 31.86
C4 UNL GA . 17.72 -12.99 30.42
C5 UNL GA . 18.67 -14.06 29.89
N ABU HA . -27.96 9.62 12.70
CD ABU HA . -28.00 11.07 12.82
CB ABU HA . -27.27 11.48 14.09
CG ABU HA . -27.55 12.94 14.38
C ABU HA . -26.81 13.33 15.65
O ABU HA . -25.69 13.90 15.58
OXT ABU HA . -27.31 13.09 16.77
C1 UNL IA . -1.87 -18.57 32.76
C2 UNL IA . -2.37 -17.75 31.56
C3 UNL IA . -1.60 -18.16 30.30
C4 UNL IA . -2.05 -19.54 29.85
C5 UNL IA . -0.82 -20.42 29.64
C6 UNL IA . -1.00 -21.28 28.40
C7 UNL IA . -2.24 -22.17 28.56
C8 UNL IA . -2.03 -23.47 27.77
C9 UNL IA . -3.25 -24.38 27.96
C10 UNL IA . -4.46 -23.76 27.25
C11 UNL IA . -5.60 -24.78 27.21
C01 UNL JA . 5.48 -27.46 30.41
C02 UNL JA . 4.12 -26.83 30.16
C03 UNL JA . 3.93 -25.61 31.08
C04 UNL JA . 2.76 -24.77 30.57
C05 UNL JA . 1.49 -25.15 31.32
C06 UNL JA . 1.52 -24.54 32.73
C07 UNL JA . 1.47 -23.02 32.62
C08 UNL JA . 2.09 -22.43 33.88
C09 UNL JA . 1.09 -22.51 35.03
C10 UNL JA . 0.21 -21.27 34.99
C11 UNL JA . -0.83 -21.36 36.10
C12 UNL JA . -1.46 -19.99 36.31
C13 UNL JA . -0.40 -19.03 36.87
C14 UNL JA . -1.06 -17.70 37.22
C1 UNL KA . 8.43 -35.61 24.89
C2 UNL KA . 9.40 -36.05 25.98
C3 UNL KA . 8.91 -37.36 26.57
C4 UNL KA . 9.10 -38.47 25.55
C5 UNL KA . 7.92 -39.44 25.66
C6 UNL KA . 8.36 -40.81 25.16
C7 UNL KA . 9.38 -41.39 26.14
C8 UNL KA . 9.65 -42.84 25.77
C9 UNL KA . 8.40 -43.67 26.01
C10 UNL KA . 8.14 -43.75 27.51
C11 UNL KA . 9.27 -44.56 28.15
C12 UNL KA . 9.15 -46.01 27.72
C13 UNL KA . 7.99 -46.66 28.48
C14 UNL KA . 8.42 -48.03 28.99
C15 UNL KA . 9.56 -47.88 30.00
C1 UNL LA . 10.74 -40.13 33.14
C2 UNL LA . 11.24 -38.80 32.57
C3 UNL LA . 10.53 -37.64 33.27
C4 UNL LA . 9.04 -37.70 32.98
C5 UNL LA . 8.73 -36.98 31.67
C6 UNL LA . 7.26 -36.57 31.65
C7 UNL LA . 6.96 -35.63 32.81
C8 UNL LA . 7.50 -34.23 32.52
C9 UNL LA . 7.36 -33.35 33.75
C10 UNL LA . 8.36 -33.82 34.81
C1 UNL MA . 0.83 -43.30 30.08
C2 UNL MA . 1.97 -42.54 29.38
C3 UNL MA . 1.59 -41.06 29.26
C4 UNL MA . 2.69 -40.33 28.48
C5 UNL MA . 3.11 -39.08 29.23
C6 UNL MA . 3.79 -39.47 30.54
C7 UNL MA . 5.11 -40.20 30.24
C8 UNL MA . 5.73 -40.68 31.54
C1 UNL NA . -11.20 -37.69 18.83
C2 UNL NA . -12.44 -36.98 18.31
C3 UNL NA . -12.12 -35.52 18.03
C4 UNL NA . -13.34 -34.85 17.42
C5 UNL NA . -13.04 -33.37 17.15
C6 UNL NA . -14.29 -32.71 16.55
C7 UNL NA . -14.80 -31.65 17.50
C8 UNL NA . -13.97 -30.38 17.33
C9 UNL NA . -14.59 -29.24 18.13
C10 UNL NA . -15.81 -28.69 17.39
C11 UNL NA . -16.37 -27.49 18.16
C1 UNL OA . -9.13 -26.47 20.36
C2 UNL OA . -9.91 -26.62 21.67
C3 UNL OA . -11.40 -26.54 21.39
C4 UNL OA . -12.17 -26.69 22.70
C5 UNL OA . -11.88 -25.51 23.60
C6 UNL OA . -12.68 -24.29 23.14
C7 UNL OA . -12.91 -23.37 24.33
C8 UNL OA . -13.93 -22.28 23.97
C1 UNL PA . -1.83 -27.89 21.11
C2 UNL PA . -3.33 -27.86 21.41
C3 UNL PA . -3.88 -26.49 21.04
C4 UNL PA . -5.40 -26.56 20.98
C5 UNL PA . -5.97 -26.54 22.40
C6 UNL PA . -5.82 -25.13 22.97
C7 UNL PA . -6.63 -24.15 22.14
C8 UNL PA . -5.94 -22.79 22.16
C9 UNL PA . -6.17 -22.11 23.50
C10 UNL PA . -7.59 -21.57 23.55
C11 UNL PA . -7.70 -20.50 24.63
C12 UNL PA . -9.01 -19.74 24.47
C13 UNL PA . -8.97 -18.94 23.17
C20 UNL QA . -4.29 -54.48 15.83
C21 UNL QA . -5.34 -53.46 16.26
C22 UNL QA . -5.01 -52.12 15.59
C23 UNL QA . -6.13 -51.12 15.86
C24 UNL QA . -6.06 -50.64 17.31
C25 UNL QA . -6.93 -49.39 17.46
C26 UNL QA . -6.91 -48.93 18.91
C1 UNL RA . -2.77 -40.41 18.24
C2 UNL RA . -3.05 -41.88 18.51
C3 UNL RA . -2.11 -42.37 19.60
C4 UNL RA . -2.15 -43.90 19.65
C5 UNL RA . -1.89 -44.32 21.09
C6 UNL RA . -1.11 -45.63 21.11
C7 UNL RA . -2.01 -46.77 20.67
C8 UNL RA . -1.69 -48.03 21.47
C9 UNL RA . -0.24 -48.43 21.23
C10 UNL RA . -0.02 -49.85 21.75
C11 UNL RA . 1.47 -50.15 21.82
C12 UNL RA . 2.11 -49.26 22.88
C1 UNL SA . 1.73 -39.52 22.88
C2 UNL SA . 2.67 -40.08 21.82
C3 UNL SA . 2.33 -41.54 21.56
C4 UNL SA . 2.68 -42.37 22.78
C5 UNL SA . 2.20 -43.81 22.56
C6 UNL SA . 3.28 -44.78 23.03
C7 UNL SA . 3.54 -44.59 24.52
C8 UNL SA . 4.77 -45.40 24.92
C9 UNL SA . 4.46 -46.89 24.79
C10 UNL SA . 3.85 -47.39 26.09
C20 UNL TA . -2.71 -40.98 26.90
C21 UNL TA . -2.25 -42.33 26.37
C22 UNL TA . -3.37 -43.35 26.52
C23 UNL TA . -2.83 -44.75 26.26
C24 UNL TA . -1.81 -45.10 27.35
C25 UNL TA . -1.33 -46.54 27.15
C26 UNL TA . -0.41 -46.93 28.30
C1 UNL UA . -12.12 -31.55 20.42
C2 UNL UA . -11.01 -30.50 20.43
C3 UNL UA . -9.67 -31.20 20.63
C4 UNL UA . -8.55 -30.16 20.63
C5 UNL UA . -7.21 -30.84 20.87
N ABU VA . -27.28 4.16 -16.58
CD ABU VA . -28.03 5.27 -16.03
CB ABU VA . -28.83 4.78 -14.84
CG ABU VA . -29.84 5.84 -14.44
C ABU VA . -30.63 5.33 -13.24
O ABU VA . -30.30 5.69 -12.07
OXT ABU VA . -31.61 4.56 -13.40
C1 UNL WA . -17.13 -33.50 2.32
C2 UNL WA . -16.85 -32.10 1.79
C3 UNL WA . -15.36 -31.80 1.90
C4 UNL WA . -14.60 -32.61 0.86
C5 UNL WA . -13.45 -33.36 1.54
C6 UNL WA . -12.21 -33.34 0.65
C7 UNL WA . -12.52 -33.99 -0.70
C8 UNL WA . -11.25 -34.62 -1.27
C9 UNL WA . -11.56 -35.31 -2.60
C10 UNL WA . -11.88 -34.25 -3.66
C11 UNL WA . -11.93 -34.91 -5.03
C01 UNL XA . -7.84 -40.33 4.66
C02 UNL XA . -8.58 -39.49 3.63
C03 UNL XA . -9.91 -39.01 4.22
C04 UNL XA . -10.47 -37.88 3.33
C05 UNL XA . -11.48 -38.46 2.34
C06 UNL XA . -12.79 -38.77 3.05
C07 UNL XA . -13.42 -37.47 3.54
C08 UNL XA . -14.34 -37.79 4.71
C09 UNL XA . -15.65 -38.38 4.19
C10 UNL XA . -16.60 -37.23 3.86
C11 UNL XA . -17.89 -37.80 3.29
C12 UNL XA . -18.98 -36.73 3.33
C13 UNL XA . -19.33 -36.41 4.78
C14 UNL XA . -20.51 -35.45 4.82
C1 UNL YA . 1.43 -44.17 2.40
C2 UNL YA . 1.26 -45.27 3.45
C3 UNL YA . 1.18 -46.62 2.73
C4 UNL YA . 2.54 -46.96 2.15
C5 UNL YA . 2.34 -47.66 0.81
C6 UNL YA . 3.55 -48.54 0.51
C7 UNL YA . 3.55 -49.70 1.50
C8 UNL YA . 4.62 -50.70 1.09
C9 UNL YA . 4.21 -51.35 -0.22
C10 UNL YA . 3.00 -52.24 0.02
C11 UNL YA . 3.42 -53.40 0.91
C12 UNL YA . 4.35 -54.32 0.13
C13 UNL YA . 3.52 -55.13 -0.87
C14 UNL YA . 3.96 -56.59 -0.84
C15 UNL YA . 3.67 -57.19 0.54
C1 UNL ZA . -1.64 -52.84 5.46
C2 UNL ZA . -1.57 -51.50 6.19
C3 UNL ZA . -2.96 -50.86 6.25
C4 UNL ZA . -3.43 -50.56 4.83
C5 UNL ZA . -2.92 -49.19 4.40
C6 UNL ZA . -3.79 -48.66 3.26
C7 UNL ZA . -5.23 -48.51 3.72
C8 UNL ZA . -5.39 -47.28 4.61
C9 UNL ZA . -6.79 -47.25 5.23
C10 UNL ZA . -6.90 -48.37 6.27
C1 UNL AB . -2.63 -52.39 -5.32
C2 UNL AB . -1.90 -51.53 -4.29
C3 UNL AB . -2.66 -50.21 -4.11
C4 UNL AB . -1.88 -49.32 -3.16
C5 UNL AB . -2.82 -48.78 -2.07
C6 UNL AB . -3.29 -49.93 -1.19
C7 UNL AB . -2.10 -50.52 -0.42
C8 UNL AB . -2.57 -51.73 0.38
C1 UNL BB . -2.45 -39.89 -17.41
C2 UNL BB . -2.98 -38.86 -18.41
C3 UNL BB . -3.27 -37.56 -17.69
C4 UNL BB . -3.69 -36.50 -18.70
C5 UNL BB . -4.01 -35.19 -17.99
C6 UNL BB . -4.45 -34.16 -19.02
C7 UNL BB . -5.90 -33.76 -18.77
C8 UNL BB . -5.96 -32.75 -17.62
C9 UNL BB . -7.37 -32.20 -17.49
C10 UNL BB . -7.65 -31.17 -18.59
C11 UNL BB . -9.03 -30.57 -18.38
C1 UNL CB . -7.69 -31.92 -10.99
C2 UNL CB . -8.98 -32.68 -11.28
C3 UNL CB . -9.52 -32.27 -12.65
C4 UNL CB . -10.81 -33.04 -12.95
C5 UNL CB . -11.88 -32.63 -11.96
C6 UNL CB . -12.47 -31.28 -12.36
C7 UNL CB . -13.90 -31.18 -11.81
C8 UNL CB . -14.59 -29.96 -12.42
C1 UNL DB . -4.13 -34.44 -4.91
C2 UNL DB . -5.09 -34.39 -6.11
C3 UNL DB . -5.69 -33.00 -6.21
C4 UNL DB . -6.34 -32.83 -7.57
C5 UNL DB . -7.69 -33.54 -7.60
C6 UNL DB . -8.69 -32.75 -6.76
C7 UNL DB . -8.89 -31.37 -7.37
C8 UNL DB . -9.20 -30.36 -6.27
C9 UNL DB . -10.62 -30.56 -5.77
C10 UNL DB . -11.58 -29.96 -6.80
C11 UNL DB . -12.93 -29.69 -6.13
C12 UNL DB . -13.77 -28.81 -7.04
C13 UNL DB . -13.14 -27.43 -7.15
C20 UNL EB . 10.72 -52.70 -18.59
C21 UNL EB . 9.44 -51.97 -18.98
C22 UNL EB . 9.49 -50.55 -18.43
C23 UNL EB . 8.30 -49.75 -18.95
C24 UNL EB . 7.02 -50.19 -18.23
C25 UNL EB . 5.94 -49.15 -18.47
C26 UNL EB . 4.64 -49.61 -17.82
C1 UNL FB . 3.26 -42.84 -11.29
C2 UNL FB . 3.58 -44.15 -11.99
C3 UNL FB . 3.44 -45.30 -10.99
C4 UNL FB . 4.06 -46.56 -11.58
C5 UNL FB . 3.31 -47.75 -11.03
C6 UNL FB . 4.26 -48.92 -10.83
C7 UNL FB . 4.67 -49.48 -12.18
C8 UNL FB . 4.79 -51.00 -12.09
C9 UNL FB . 5.85 -51.38 -11.07
C10 UNL FB . 6.21 -52.86 -11.23
C11 UNL FB . 7.00 -53.33 -10.01
C12 UNL FB . 6.10 -53.30 -8.78
C1 UNL GB . 1.50 -45.34 -5.53
C2 UNL GB . 3.01 -45.32 -5.25
C3 UNL GB . 3.71 -46.30 -6.19
C4 UNL GB . 3.33 -47.72 -5.78
C5 UNL GB . 3.92 -48.70 -6.79
C6 UNL GB . 4.52 -49.89 -6.07
C7 UNL GB . 3.44 -50.62 -5.28
C8 UNL GB . 4.09 -51.67 -4.39
C9 UNL GB . 4.71 -52.76 -5.25
C10 UNL GB . 3.66 -53.83 -5.53
C20 UNL HB . -2.98 -48.24 -8.59
C21 UNL HB . -1.75 -49.10 -8.87
C22 UNL HB . -1.92 -49.86 -10.17
C23 UNL HB . -0.84 -50.93 -10.30
C24 UNL HB . -1.02 -51.96 -9.19
C25 UNL HB . 0.02 -53.08 -9.37
C26 UNL HB . -0.24 -54.17 -8.33
C1 UNL IB . -6.86 -35.69 -15.44
C2 UNL IB . -6.82 -34.99 -14.08
C3 UNL IB . -6.02 -35.85 -13.11
C4 UNL IB . -5.95 -35.14 -11.75
C5 UNL IB . -5.18 -36.01 -10.76
N ABU JB . -2.42 16.32 -27.63
CD ABU JB . -3.70 17.01 -27.71
CB ABU JB . -4.75 16.03 -28.18
CG ABU JB . -6.02 16.79 -28.54
C ABU JB . -7.07 15.81 -29.02
O ABU JB . -7.95 15.39 -28.21
OXT ABU JB . -7.07 15.39 -30.21
C1 UNL KB . 5.27 -26.31 -26.48
C2 UNL KB . 5.16 -24.90 -25.89
C3 UNL KB . 5.67 -24.92 -24.45
C4 UNL KB . 7.18 -25.07 -24.43
C5 UNL KB . 7.56 -26.21 -23.49
C6 UNL KB . 8.81 -25.85 -22.70
C7 UNL KB . 9.98 -25.57 -23.65
C8 UNL KB . 11.29 -25.93 -22.96
C9 UNL KB . 12.45 -25.68 -23.92
C10 UNL KB . 12.62 -24.19 -24.15
C11 UNL KB . 13.92 -23.93 -24.89
C01 UNL LB . 11.04 -34.38 -20.15
C02 UNL LB . 11.08 -33.01 -20.82
C03 UNL LB . 9.80 -32.79 -21.60
C04 UNL LB . 9.69 -31.30 -21.97
C05 UNL LB . 10.21 -31.07 -23.38
C06 UNL LB . 9.18 -31.56 -24.40
C07 UNL LB . 7.92 -30.70 -24.31
C08 UNL LB . 6.74 -31.51 -24.84
C09 UNL LB . 6.79 -31.52 -26.37
C10 UNL LB . 6.05 -30.29 -26.88
C11 UNL LB . 6.13 -30.25 -28.41
C12 UNL LB . 5.10 -29.27 -28.94
C13 UNL LB . 3.69 -29.79 -28.65
C14 UNL LB . 2.66 -28.88 -29.31
C1 UNL MB . 18.91 -37.39 -14.25
C2 UNL MB . 18.54 -38.86 -14.46
C3 UNL MB . 19.65 -39.53 -15.26
C4 UNL MB . 20.90 -39.64 -14.39
C5 UNL MB . 22.13 -39.42 -15.27
C6 UNL MB . 23.31 -40.14 -14.64
C7 UNL MB . 23.10 -41.64 -14.74
C8 UNL MB . 24.38 -42.35 -14.32
C9 UNL MB . 25.47 -42.08 -15.34
C10 UNL MB . 25.11 -42.78 -16.65
C11 UNL MB . 25.17 -44.28 -16.41
C12 UNL MB . 26.62 -44.70 -16.20
C13 UNL MB . 27.34 -44.69 -17.55
C14 UNL MB . 28.19 -45.95 -17.69
C15 UNL MB . 27.28 -47.18 -17.71
C1 UNL NB . 19.07 -45.77 -19.11
C2 UNL NB . 17.95 -45.12 -18.31
C3 UNL NB . 16.95 -44.45 -19.27
C4 UNL NB . 17.66 -43.34 -20.04
C5 UNL NB . 17.60 -42.05 -19.22
C6 UNL NB . 17.81 -40.85 -20.15
C7 UNL NB . 16.70 -40.81 -21.21
C8 UNL NB . 15.40 -40.30 -20.60
C9 UNL NB . 14.26 -40.45 -21.60
C10 UNL NB . 13.92 -41.93 -21.76
C1 UNL OB . 26.51 -39.14 -23.35
C2 UNL OB . 25.69 -39.12 -22.06
C3 UNL OB . 24.61 -38.06 -22.17
C4 UNL OB . 23.85 -37.98 -20.85
C5 UNL OB . 22.34 -38.04 -21.12
C6 UNL OB . 21.97 -39.42 -21.66
C7 UNL OB . 22.23 -40.48 -20.60
C8 UNL OB . 21.95 -41.86 -21.18
C1 UNL PB . 30.03 -22.12 -22.57
C2 UNL PB . 30.06 -20.65 -22.97
C3 UNL PB . 28.79 -19.97 -22.51
C4 UNL PB . 28.88 -18.48 -22.82
C5 UNL PB . 27.58 -17.78 -22.38
C6 UNL PB . 27.68 -16.29 -22.72
C7 UNL PB . 26.63 -15.94 -23.75
C8 UNL PB . 25.27 -15.76 -23.05
C9 UNL PB . 24.25 -15.21 -24.04
C10 UNL PB . 24.47 -13.72 -24.26
C11 UNL PB . 23.40 -13.16 -25.17
C1 UNL QB . 19.08 -18.64 -22.08
C2 UNL QB . 19.03 -18.93 -23.57
C3 UNL QB . 19.62 -17.75 -24.33
C4 UNL QB . 19.58 -18.04 -25.84
C5 UNL QB . 18.13 -18.14 -26.30
C6 UNL QB . 17.54 -16.74 -26.45
C7 UNL QB . 16.40 -16.78 -27.46
C8 UNL QB . 15.97 -15.35 -27.82
C1 UNL RB . 17.35 -24.61 -17.90
C2 UNL RB . 17.76 -23.77 -19.10
C3 UNL RB . 16.92 -22.51 -19.16
C4 UNL RB . 17.57 -21.50 -20.10
C5 UNL RB . 17.26 -21.90 -21.55
C6 UNL RB . 15.79 -21.60 -21.85
C7 UNL RB . 15.54 -20.10 -21.72
C8 UNL RB . 14.11 -19.89 -21.24
C9 UNL RB . 13.13 -20.14 -22.40
C10 UNL RB . 13.18 -18.95 -23.35
C11 UNL RB . 11.92 -18.94 -24.20
C12 UNL RB . 11.79 -17.60 -24.91
C13 UNL RB . 11.55 -16.49 -23.90
C20 UNL SB . 43.02 -33.53 -16.23
C21 UNL SB . 42.37 -32.55 -17.21
C22 UNL SB . 41.33 -31.73 -16.46
C23 UNL SB . 40.79 -30.63 -17.37
C24 UNL SB . 39.84 -31.23 -18.40
C25 UNL SB . 39.03 -30.11 -19.04
C26 UNL SB . 38.12 -30.70 -20.12
C1 UNL TB . 29.49 -28.74 -16.67
C2 UNL TB . 30.77 -29.45 -17.11
C3 UNL TB . 30.47 -30.93 -17.33
C4 UNL TB . 31.77 -31.70 -17.44
C5 UNL TB . 31.54 -32.89 -18.36
C6 UNL TB . 32.36 -34.07 -17.90
C7 UNL TB . 33.84 -33.81 -18.20
C8 UNL TB . 34.52 -35.10 -18.62
C9 UNL TB . 34.43 -36.13 -17.49
C10 UNL TB . 35.39 -37.28 -17.78
C11 UNL TB . 35.07 -38.46 -16.86
C12 UNL TB . 33.70 -39.02 -17.22
C1 UNL UB . 25.45 -33.84 -17.22
C2 UNL UB . 25.94 -34.16 -15.82
C3 UNL UB . 27.43 -34.52 -15.88
C4 UNL UB . 27.59 -35.85 -16.60
C5 UNL UB . 29.07 -36.14 -16.78
C6 UNL UB . 29.36 -37.60 -16.46
C7 UNL UB . 28.57 -38.50 -17.41
C8 UNL UB . 28.69 -39.95 -16.93
C9 UNL UB . 30.13 -40.42 -17.08
C10 UNL UB . 30.33 -40.99 -18.48
C20 UNL VB . 26.93 -33.86 -23.21
C21 UNL VB . 28.11 -34.56 -22.54
C22 UNL VB . 29.35 -34.41 -23.40
C23 UNL VB . 30.45 -35.35 -22.89
C24 UNL VB . 30.00 -36.80 -23.07
C25 UNL VB . 31.13 -37.73 -22.63
C26 UNL VB . 30.72 -39.17 -22.91
C1 UNL WB . 24.54 -19.27 -24.20
C2 UNL WB . 23.22 -19.49 -23.47
C3 UNL WB . 23.26 -20.84 -22.76
C4 UNL WB . 21.94 -21.05 -21.99
C5 UNL WB . 21.96 -22.42 -21.32
C1 UNL XB . 34.37 -6.94 -13.85
C2 UNL XB . 33.23 -6.12 -13.22
C3 UNL XB . 32.39 -7.01 -12.32
C4 UNL XB . 33.18 -7.35 -11.05
C5 UNL XB . 33.16 -8.86 -10.84
C6 UNL XB . 33.00 -9.17 -9.35
C7 UNL XB . 34.14 -8.55 -8.55
C8 UNL XB . 34.42 -9.40 -7.31
C9 UNL XB . 35.58 -8.81 -6.54
C10 UNL XB . 35.16 -7.48 -5.92
C11 UNL XB . 36.23 -7.02 -4.92
C01 UNL YB . 36.01 -17.83 -9.72
C02 UNL YB . 35.93 -16.34 -9.41
C03 UNL YB . 35.79 -15.54 -10.69
C04 UNL YB . 35.33 -14.12 -10.37
C05 UNL YB . 36.55 -13.19 -10.29
C06 UNL YB . 37.05 -12.88 -11.70
C07 UNL YB . 35.99 -12.07 -12.45
C08 UNL YB . 36.20 -12.28 -13.95
C09 UNL YB . 37.37 -11.42 -14.41
C10 UNL YB . 36.85 -10.04 -14.76
C11 UNL YB . 38.01 -9.15 -15.19
C12 UNL YB . 37.47 -7.91 -15.91
C13 UNL YB . 36.82 -8.33 -17.22
C14 UNL YB . 36.42 -7.08 -18.00
C1 UNL ZB . 36.70 -24.65 -2.05
C2 UNL ZB . 37.34 -25.67 -2.97
C3 UNL ZB . 38.78 -25.90 -2.52
C4 UNL ZB . 38.78 -26.65 -1.20
C5 UNL ZB . 39.93 -26.13 -0.33
C6 UNL ZB . 40.34 -27.22 0.64
C7 UNL ZB . 40.99 -28.36 -0.13
C8 UNL ZB . 41.61 -29.34 0.86
C9 UNL ZB . 42.78 -28.66 1.57
C10 UNL ZB . 43.90 -28.44 0.57
C11 UNL ZB . 44.44 -29.81 0.14
C12 UNL ZB . 45.16 -30.45 1.31
C13 UNL ZB . 46.52 -29.77 1.50
C14 UNL ZB . 47.60 -30.81 1.72
C15 UNL ZB . 47.74 -31.69 0.48
C1 UNL AC . 44.22 -28.70 -6.60
C2 UNL AC . 42.80 -28.48 -7.07
C3 UNL AC . 42.74 -27.27 -8.00
C4 UNL AC . 43.14 -26.02 -7.23
C5 UNL AC . 41.93 -25.43 -6.53
C6 UNL AC . 42.18 -23.95 -6.22
C7 UNL AC . 42.43 -23.18 -7.51
C8 UNL AC . 41.12 -22.95 -8.26
C9 UNL AC . 41.39 -22.35 -9.64
C10 UNL AC . 42.03 -23.42 -10.53
C1 UNL BC . 47.96 -21.85 0.93
C2 UNL BC . 46.60 -22.46 0.63
C3 UNL BC . 45.68 -21.40 0.05
C4 UNL BC . 44.28 -21.99 -0.15
C5 UNL BC . 43.79 -21.70 -1.56
C6 UNL BC . 44.66 -22.46 -2.57
C7 UNL BC . 44.46 -23.97 -2.40
C8 UNL BC . 45.39 -24.72 -3.33
#